data_1CJS
# 
_entry.id   1CJS 
# 
_audit_conform.dict_name       mmcif_pdbx.dic 
_audit_conform.dict_version    5.383 
_audit_conform.dict_location   http://mmcif.pdb.org/dictionaries/ascii/mmcif_pdbx.dic 
# 
loop_
_database_2.database_id 
_database_2.database_code 
_database_2.pdbx_database_accession 
_database_2.pdbx_DOI 
PDB   1CJS         pdb_00001cjs 10.2210/pdb1cjs/pdb 
RCSB  RCSB000876   ?            ?                   
WWPDB D_1000000876 ?            ?                   
# 
loop_
_pdbx_audit_revision_history.ordinal 
_pdbx_audit_revision_history.data_content_type 
_pdbx_audit_revision_history.major_revision 
_pdbx_audit_revision_history.minor_revision 
_pdbx_audit_revision_history.revision_date 
1 'Structure model' 1 0 2000-05-31 
2 'Structure model' 1 1 2008-04-26 
3 'Structure model' 1 2 2011-07-13 
4 'Structure model' 1 3 2018-03-07 
5 'Structure model' 1 4 2023-12-27 
# 
_pdbx_audit_revision_details.ordinal             1 
_pdbx_audit_revision_details.revision_ordinal    1 
_pdbx_audit_revision_details.data_content_type   'Structure model' 
_pdbx_audit_revision_details.provider            repository 
_pdbx_audit_revision_details.type                'Initial release' 
_pdbx_audit_revision_details.description         ? 
_pdbx_audit_revision_details.details             ? 
# 
loop_
_pdbx_audit_revision_group.ordinal 
_pdbx_audit_revision_group.revision_ordinal 
_pdbx_audit_revision_group.data_content_type 
_pdbx_audit_revision_group.group 
1 2 'Structure model' 'Version format compliance' 
2 3 'Structure model' 'Version format compliance' 
3 4 'Structure model' 'Data collection'           
4 5 'Structure model' 'Data collection'           
5 5 'Structure model' 'Database references'       
# 
loop_
_pdbx_audit_revision_category.ordinal 
_pdbx_audit_revision_category.revision_ordinal 
_pdbx_audit_revision_category.data_content_type 
_pdbx_audit_revision_category.category 
1 4 'Structure model' diffrn_source  
2 5 'Structure model' chem_comp_atom 
3 5 'Structure model' chem_comp_bond 
4 5 'Structure model' database_2     
# 
loop_
_pdbx_audit_revision_item.ordinal 
_pdbx_audit_revision_item.revision_ordinal 
_pdbx_audit_revision_item.data_content_type 
_pdbx_audit_revision_item.item 
1 4 'Structure model' '_diffrn_source.pdbx_synchrotron_site' 
2 5 'Structure model' '_database_2.pdbx_DOI'                 
3 5 'Structure model' '_database_2.pdbx_database_accession'  
# 
_pdbx_database_status.status_code                     REL 
_pdbx_database_status.entry_id                        1CJS 
_pdbx_database_status.recvd_initial_deposition_date   1999-04-19 
_pdbx_database_status.deposit_site                    BNL 
_pdbx_database_status.process_site                    RCSB 
_pdbx_database_status.status_code_sf                  REL 
_pdbx_database_status.SG_entry                        . 
_pdbx_database_status.pdb_format_compatible           Y 
_pdbx_database_status.status_code_mr                  ? 
_pdbx_database_status.status_code_cs                  ? 
_pdbx_database_status.methods_development_category    ? 
_pdbx_database_status.status_code_nmr_data            ? 
# 
loop_
_audit_author.name 
_audit_author.pdbx_ordinal 
'Nevskaya, N.'     1 
'Tishchenko, S.'   2 
'Fedorov, R.'      3 
'Al-Karadaghi, S.' 4 
'Liljas, A.'       5 
'Kraft, A.'        6 
'Piendl, W.'       7 
'Garber, M.'       8 
'Nikonov, S.'      9 
# 
_citation.id                        primary 
_citation.title                     
'Archaeal ribosomal protein L1: the structure provides new insights into RNA binding of the L1 protein family.' 
_citation.journal_abbrev            'Structure Fold.Des.' 
_citation.journal_volume            8 
_citation.page_first                363 
_citation.page_last                 371 
_citation.year                      2000 
_citation.journal_id_ASTM           FODEFH 
_citation.country                   UK 
_citation.journal_id_ISSN           0969-2126 
_citation.journal_id_CSD            1263 
_citation.book_publisher            ? 
_citation.pdbx_database_id_PubMed   10801481 
_citation.pdbx_database_id_DOI      '10.1016/S0969-2126(00)00116-7' 
# 
loop_
_citation_author.citation_id 
_citation_author.name 
_citation_author.ordinal 
_citation_author.identifier_ORCID 
primary 'Nevskaya, N.'     1 ? 
primary 'Tischenko, S.'    2 ? 
primary 'Fedorov, R.'      3 ? 
primary 'Al-Karadaghi, S.' 4 ? 
primary 'Liljas, A.'       5 ? 
primary 'Kraft, A.'        6 ? 
primary 'Piendl, W.'       7 ? 
primary 'Garber, M.'       8 ? 
primary 'Nikonov, S.'      9 ? 
# 
loop_
_entity.id 
_entity.type 
_entity.src_method 
_entity.pdbx_description 
_entity.formula_weight 
_entity.pdbx_number_of_molecules 
_entity.pdbx_ec 
_entity.pdbx_mutation 
_entity.pdbx_fragment 
_entity.details 
1 polymer man '50S RIBOSOMAL PROTEIN L1P' 24842.496 1  ? ? ? ? 
2 water   nat water                       18.015    70 ? ? ? ? 
# 
_entity_poly.entity_id                      1 
_entity_poly.type                           'polypeptide(L)' 
_entity_poly.nstd_linkage                   no 
_entity_poly.nstd_monomer                   no 
_entity_poly.pdbx_seq_one_letter_code       
;MDREALLQAVKEARELAKPRNFTQSFEFIATLKEIDMRKPENRIKTEVVLPHGRGKEAKIAVIGTGDLAKQAEELGLTVI
RKEEIEELGKNKRKLRKIAKAHDFFIAQADLMPLIGRYMGVILGPRGKMPKPVPANANIKPLVERLKKTVVINTRDKPYF
QVLVGNEKMTDEQIVDNIEAVLNVVAKKYEKGLYHIKDAYVKLTMGPAVKVKKEKAKKK
;
_entity_poly.pdbx_seq_one_letter_code_can   
;MDREALLQAVKEARELAKPRNFTQSFEFIATLKEIDMRKPENRIKTEVVLPHGRGKEAKIAVIGTGDLAKQAEELGLTVI
RKEEIEELGKNKRKLRKIAKAHDFFIAQADLMPLIGRYMGVILGPRGKMPKPVPANANIKPLVERLKKTVVINTRDKPYF
QVLVGNEKMTDEQIVDNIEAVLNVVAKKYEKGLYHIKDAYVKLTMGPAVKVKKEKAKKK
;
_entity_poly.pdbx_strand_id                 A 
_entity_poly.pdbx_target_identifier         ? 
# 
_pdbx_entity_nonpoly.entity_id   2 
_pdbx_entity_nonpoly.name        water 
_pdbx_entity_nonpoly.comp_id     HOH 
# 
loop_
_entity_poly_seq.entity_id 
_entity_poly_seq.num 
_entity_poly_seq.mon_id 
_entity_poly_seq.hetero 
1 1   MET n 
1 2   ASP n 
1 3   ARG n 
1 4   GLU n 
1 5   ALA n 
1 6   LEU n 
1 7   LEU n 
1 8   GLN n 
1 9   ALA n 
1 10  VAL n 
1 11  LYS n 
1 12  GLU n 
1 13  ALA n 
1 14  ARG n 
1 15  GLU n 
1 16  LEU n 
1 17  ALA n 
1 18  LYS n 
1 19  PRO n 
1 20  ARG n 
1 21  ASN n 
1 22  PHE n 
1 23  THR n 
1 24  GLN n 
1 25  SER n 
1 26  PHE n 
1 27  GLU n 
1 28  PHE n 
1 29  ILE n 
1 30  ALA n 
1 31  THR n 
1 32  LEU n 
1 33  LYS n 
1 34  GLU n 
1 35  ILE n 
1 36  ASP n 
1 37  MET n 
1 38  ARG n 
1 39  LYS n 
1 40  PRO n 
1 41  GLU n 
1 42  ASN n 
1 43  ARG n 
1 44  ILE n 
1 45  LYS n 
1 46  THR n 
1 47  GLU n 
1 48  VAL n 
1 49  VAL n 
1 50  LEU n 
1 51  PRO n 
1 52  HIS n 
1 53  GLY n 
1 54  ARG n 
1 55  GLY n 
1 56  LYS n 
1 57  GLU n 
1 58  ALA n 
1 59  LYS n 
1 60  ILE n 
1 61  ALA n 
1 62  VAL n 
1 63  ILE n 
1 64  GLY n 
1 65  THR n 
1 66  GLY n 
1 67  ASP n 
1 68  LEU n 
1 69  ALA n 
1 70  LYS n 
1 71  GLN n 
1 72  ALA n 
1 73  GLU n 
1 74  GLU n 
1 75  LEU n 
1 76  GLY n 
1 77  LEU n 
1 78  THR n 
1 79  VAL n 
1 80  ILE n 
1 81  ARG n 
1 82  LYS n 
1 83  GLU n 
1 84  GLU n 
1 85  ILE n 
1 86  GLU n 
1 87  GLU n 
1 88  LEU n 
1 89  GLY n 
1 90  LYS n 
1 91  ASN n 
1 92  LYS n 
1 93  ARG n 
1 94  LYS n 
1 95  LEU n 
1 96  ARG n 
1 97  LYS n 
1 98  ILE n 
1 99  ALA n 
1 100 LYS n 
1 101 ALA n 
1 102 HIS n 
1 103 ASP n 
1 104 PHE n 
1 105 PHE n 
1 106 ILE n 
1 107 ALA n 
1 108 GLN n 
1 109 ALA n 
1 110 ASP n 
1 111 LEU n 
1 112 MET n 
1 113 PRO n 
1 114 LEU n 
1 115 ILE n 
1 116 GLY n 
1 117 ARG n 
1 118 TYR n 
1 119 MET n 
1 120 GLY n 
1 121 VAL n 
1 122 ILE n 
1 123 LEU n 
1 124 GLY n 
1 125 PRO n 
1 126 ARG n 
1 127 GLY n 
1 128 LYS n 
1 129 MET n 
1 130 PRO n 
1 131 LYS n 
1 132 PRO n 
1 133 VAL n 
1 134 PRO n 
1 135 ALA n 
1 136 ASN n 
1 137 ALA n 
1 138 ASN n 
1 139 ILE n 
1 140 LYS n 
1 141 PRO n 
1 142 LEU n 
1 143 VAL n 
1 144 GLU n 
1 145 ARG n 
1 146 LEU n 
1 147 LYS n 
1 148 LYS n 
1 149 THR n 
1 150 VAL n 
1 151 VAL n 
1 152 ILE n 
1 153 ASN n 
1 154 THR n 
1 155 ARG n 
1 156 ASP n 
1 157 LYS n 
1 158 PRO n 
1 159 TYR n 
1 160 PHE n 
1 161 GLN n 
1 162 VAL n 
1 163 LEU n 
1 164 VAL n 
1 165 GLY n 
1 166 ASN n 
1 167 GLU n 
1 168 LYS n 
1 169 MET n 
1 170 THR n 
1 171 ASP n 
1 172 GLU n 
1 173 GLN n 
1 174 ILE n 
1 175 VAL n 
1 176 ASP n 
1 177 ASN n 
1 178 ILE n 
1 179 GLU n 
1 180 ALA n 
1 181 VAL n 
1 182 LEU n 
1 183 ASN n 
1 184 VAL n 
1 185 VAL n 
1 186 ALA n 
1 187 LYS n 
1 188 LYS n 
1 189 TYR n 
1 190 GLU n 
1 191 LYS n 
1 192 GLY n 
1 193 LEU n 
1 194 TYR n 
1 195 HIS n 
1 196 ILE n 
1 197 LYS n 
1 198 ASP n 
1 199 ALA n 
1 200 TYR n 
1 201 VAL n 
1 202 LYS n 
1 203 LEU n 
1 204 THR n 
1 205 MET n 
1 206 GLY n 
1 207 PRO n 
1 208 ALA n 
1 209 VAL n 
1 210 LYS n 
1 211 VAL n 
1 212 LYS n 
1 213 LYS n 
1 214 GLU n 
1 215 LYS n 
1 216 ALA n 
1 217 LYS n 
1 218 LYS n 
1 219 LYS n 
# 
_entity_src_gen.entity_id                          1 
_entity_src_gen.pdbx_src_id                        1 
_entity_src_gen.pdbx_alt_source_flag               sample 
_entity_src_gen.pdbx_seq_type                      ? 
_entity_src_gen.pdbx_beg_seq_num                   ? 
_entity_src_gen.pdbx_end_seq_num                   ? 
_entity_src_gen.gene_src_common_name               ? 
_entity_src_gen.gene_src_genus                     Methanocaldococcus 
_entity_src_gen.pdbx_gene_src_gene                 RPLA 
_entity_src_gen.gene_src_species                   ? 
_entity_src_gen.gene_src_strain                    ? 
_entity_src_gen.gene_src_tissue                    ? 
_entity_src_gen.gene_src_tissue_fraction           ? 
_entity_src_gen.gene_src_details                   ? 
_entity_src_gen.pdbx_gene_src_fragment             ? 
_entity_src_gen.pdbx_gene_src_scientific_name      'Methanocaldococcus jannaschii' 
_entity_src_gen.pdbx_gene_src_ncbi_taxonomy_id     2190 
_entity_src_gen.pdbx_gene_src_variant              ? 
_entity_src_gen.pdbx_gene_src_cell_line            ? 
_entity_src_gen.pdbx_gene_src_atcc                 ? 
_entity_src_gen.pdbx_gene_src_organ                ? 
_entity_src_gen.pdbx_gene_src_organelle            ? 
_entity_src_gen.pdbx_gene_src_cell                 ? 
_entity_src_gen.pdbx_gene_src_cellular_location    ? 
_entity_src_gen.host_org_common_name               ? 
_entity_src_gen.pdbx_host_org_scientific_name      'Escherichia coli BL21(DE3)' 
_entity_src_gen.pdbx_host_org_ncbi_taxonomy_id     469008 
_entity_src_gen.host_org_genus                     Escherichia 
_entity_src_gen.pdbx_host_org_gene                 MJAL1 
_entity_src_gen.pdbx_host_org_organ                ? 
_entity_src_gen.host_org_species                   'Escherichia coli' 
_entity_src_gen.pdbx_host_org_tissue               ? 
_entity_src_gen.pdbx_host_org_tissue_fraction      ? 
_entity_src_gen.pdbx_host_org_strain               'BL21(DE3)' 
_entity_src_gen.pdbx_host_org_variant              ? 
_entity_src_gen.pdbx_host_org_cell_line            ? 
_entity_src_gen.pdbx_host_org_atcc                 ? 
_entity_src_gen.pdbx_host_org_culture_collection   ? 
_entity_src_gen.pdbx_host_org_cell                 ? 
_entity_src_gen.pdbx_host_org_organelle            ? 
_entity_src_gen.pdbx_host_org_cellular_location    ? 
_entity_src_gen.pdbx_host_org_vector_type          PLASMID 
_entity_src_gen.pdbx_host_org_vector               ? 
_entity_src_gen.host_org_details                   ? 
_entity_src_gen.expression_system_id               ? 
_entity_src_gen.plasmid_name                       PET11A/MJAL1 
_entity_src_gen.plasmid_details                    ? 
_entity_src_gen.pdbx_description                   ? 
# 
loop_
_chem_comp.id 
_chem_comp.type 
_chem_comp.mon_nstd_flag 
_chem_comp.name 
_chem_comp.pdbx_synonyms 
_chem_comp.formula 
_chem_comp.formula_weight 
ALA 'L-peptide linking' y ALANINE         ? 'C3 H7 N O2'     89.093  
ARG 'L-peptide linking' y ARGININE        ? 'C6 H15 N4 O2 1' 175.209 
ASN 'L-peptide linking' y ASPARAGINE      ? 'C4 H8 N2 O3'    132.118 
ASP 'L-peptide linking' y 'ASPARTIC ACID' ? 'C4 H7 N O4'     133.103 
GLN 'L-peptide linking' y GLUTAMINE       ? 'C5 H10 N2 O3'   146.144 
GLU 'L-peptide linking' y 'GLUTAMIC ACID' ? 'C5 H9 N O4'     147.129 
GLY 'peptide linking'   y GLYCINE         ? 'C2 H5 N O2'     75.067  
HIS 'L-peptide linking' y HISTIDINE       ? 'C6 H10 N3 O2 1' 156.162 
HOH non-polymer         . WATER           ? 'H2 O'           18.015  
ILE 'L-peptide linking' y ISOLEUCINE      ? 'C6 H13 N O2'    131.173 
LEU 'L-peptide linking' y LEUCINE         ? 'C6 H13 N O2'    131.173 
LYS 'L-peptide linking' y LYSINE          ? 'C6 H15 N2 O2 1' 147.195 
MET 'L-peptide linking' y METHIONINE      ? 'C5 H11 N O2 S'  149.211 
PHE 'L-peptide linking' y PHENYLALANINE   ? 'C9 H11 N O2'    165.189 
PRO 'L-peptide linking' y PROLINE         ? 'C5 H9 N O2'     115.130 
SER 'L-peptide linking' y SERINE          ? 'C3 H7 N O3'     105.093 
THR 'L-peptide linking' y THREONINE       ? 'C4 H9 N O3'     119.119 
TYR 'L-peptide linking' y TYROSINE        ? 'C9 H11 N O3'    181.189 
VAL 'L-peptide linking' y VALINE          ? 'C5 H11 N O2'    117.146 
# 
loop_
_pdbx_poly_seq_scheme.asym_id 
_pdbx_poly_seq_scheme.entity_id 
_pdbx_poly_seq_scheme.seq_id 
_pdbx_poly_seq_scheme.mon_id 
_pdbx_poly_seq_scheme.ndb_seq_num 
_pdbx_poly_seq_scheme.pdb_seq_num 
_pdbx_poly_seq_scheme.auth_seq_num 
_pdbx_poly_seq_scheme.pdb_mon_id 
_pdbx_poly_seq_scheme.auth_mon_id 
_pdbx_poly_seq_scheme.pdb_strand_id 
_pdbx_poly_seq_scheme.pdb_ins_code 
_pdbx_poly_seq_scheme.hetero 
A 1 1   MET 1   1   1   MET MET A . n 
A 1 2   ASP 2   2   2   ASP ASP A . n 
A 1 3   ARG 3   3   3   ARG ARG A . n 
A 1 4   GLU 4   4   4   GLU GLU A . n 
A 1 5   ALA 5   5   5   ALA ALA A . n 
A 1 6   LEU 6   6   6   LEU LEU A . n 
A 1 7   LEU 7   7   7   LEU LEU A . n 
A 1 8   GLN 8   8   8   GLN GLN A . n 
A 1 9   ALA 9   9   9   ALA ALA A . n 
A 1 10  VAL 10  10  10  VAL VAL A . n 
A 1 11  LYS 11  11  11  LYS LYS A . n 
A 1 12  GLU 12  12  12  GLU GLU A . n 
A 1 13  ALA 13  13  13  ALA ALA A . n 
A 1 14  ARG 14  14  14  ARG ARG A . n 
A 1 15  GLU 15  15  15  GLU GLU A . n 
A 1 16  LEU 16  16  16  LEU LEU A . n 
A 1 17  ALA 17  17  17  ALA ALA A . n 
A 1 18  LYS 18  18  18  LYS LYS A . n 
A 1 19  PRO 19  19  19  PRO PRO A . n 
A 1 20  ARG 20  20  20  ARG ARG A . n 
A 1 21  ASN 21  21  21  ASN ASN A . n 
A 1 22  PHE 22  22  22  PHE PHE A . n 
A 1 23  THR 23  23  23  THR THR A . n 
A 1 24  GLN 24  24  24  GLN GLN A . n 
A 1 25  SER 25  25  25  SER SER A . n 
A 1 26  PHE 26  26  26  PHE PHE A . n 
A 1 27  GLU 27  27  27  GLU GLU A . n 
A 1 28  PHE 28  28  28  PHE PHE A . n 
A 1 29  ILE 29  29  29  ILE ILE A . n 
A 1 30  ALA 30  30  30  ALA ALA A . n 
A 1 31  THR 31  31  31  THR THR A . n 
A 1 32  LEU 32  32  32  LEU LEU A . n 
A 1 33  LYS 33  33  33  LYS LYS A . n 
A 1 34  GLU 34  34  34  GLU GLU A . n 
A 1 35  ILE 35  35  35  ILE ILE A . n 
A 1 36  ASP 36  36  36  ASP ASP A . n 
A 1 37  MET 37  37  37  MET MET A . n 
A 1 38  ARG 38  38  38  ARG ARG A . n 
A 1 39  LYS 39  39  39  LYS LYS A . n 
A 1 40  PRO 40  40  40  PRO PRO A . n 
A 1 41  GLU 41  41  41  GLU GLU A . n 
A 1 42  ASN 42  42  42  ASN ASN A . n 
A 1 43  ARG 43  43  43  ARG ARG A . n 
A 1 44  ILE 44  44  44  ILE ILE A . n 
A 1 45  LYS 45  45  45  LYS LYS A . n 
A 1 46  THR 46  46  46  THR THR A . n 
A 1 47  GLU 47  47  47  GLU GLU A . n 
A 1 48  VAL 48  48  48  VAL VAL A . n 
A 1 49  VAL 49  49  49  VAL VAL A . n 
A 1 50  LEU 50  50  50  LEU LEU A . n 
A 1 51  PRO 51  51  51  PRO PRO A . n 
A 1 52  HIS 52  52  52  HIS HIS A . n 
A 1 53  GLY 53  53  53  GLY GLY A . n 
A 1 54  ARG 54  54  54  ARG ARG A . n 
A 1 55  GLY 55  55  55  GLY GLY A . n 
A 1 56  LYS 56  56  56  LYS LYS A . n 
A 1 57  GLU 57  57  57  GLU GLU A . n 
A 1 58  ALA 58  58  58  ALA ALA A . n 
A 1 59  LYS 59  59  59  LYS LYS A . n 
A 1 60  ILE 60  60  60  ILE ILE A . n 
A 1 61  ALA 61  61  61  ALA ALA A . n 
A 1 62  VAL 62  62  62  VAL VAL A . n 
A 1 63  ILE 63  63  63  ILE ILE A . n 
A 1 64  GLY 64  64  64  GLY GLY A . n 
A 1 65  THR 65  65  65  THR THR A . n 
A 1 66  GLY 66  66  66  GLY GLY A . n 
A 1 67  ASP 67  67  67  ASP ASP A . n 
A 1 68  LEU 68  68  68  LEU LEU A . n 
A 1 69  ALA 69  69  69  ALA ALA A . n 
A 1 70  LYS 70  70  70  LYS LYS A . n 
A 1 71  GLN 71  71  71  GLN GLN A . n 
A 1 72  ALA 72  72  72  ALA ALA A . n 
A 1 73  GLU 73  73  73  GLU GLU A . n 
A 1 74  GLU 74  74  74  GLU GLU A . n 
A 1 75  LEU 75  75  75  LEU LEU A . n 
A 1 76  GLY 76  76  76  GLY GLY A . n 
A 1 77  LEU 77  77  77  LEU LEU A . n 
A 1 78  THR 78  78  78  THR THR A . n 
A 1 79  VAL 79  79  79  VAL VAL A . n 
A 1 80  ILE 80  80  80  ILE ILE A . n 
A 1 81  ARG 81  81  81  ARG ARG A . n 
A 1 82  LYS 82  82  82  LYS LYS A . n 
A 1 83  GLU 83  83  83  GLU GLU A . n 
A 1 84  GLU 84  84  84  GLU GLU A . n 
A 1 85  ILE 85  85  85  ILE ILE A . n 
A 1 86  GLU 86  86  86  GLU GLU A . n 
A 1 87  GLU 87  87  87  GLU GLU A . n 
A 1 88  LEU 88  88  88  LEU LEU A . n 
A 1 89  GLY 89  89  89  GLY GLY A . n 
A 1 90  LYS 90  90  90  LYS LYS A . n 
A 1 91  ASN 91  91  91  ASN ASN A . n 
A 1 92  LYS 92  92  92  LYS LYS A . n 
A 1 93  ARG 93  93  93  ARG ARG A . n 
A 1 94  LYS 94  94  94  LYS LYS A . n 
A 1 95  LEU 95  95  95  LEU LEU A . n 
A 1 96  ARG 96  96  96  ARG ARG A . n 
A 1 97  LYS 97  97  97  LYS LYS A . n 
A 1 98  ILE 98  98  98  ILE ILE A . n 
A 1 99  ALA 99  99  99  ALA ALA A . n 
A 1 100 LYS 100 100 100 LYS LYS A . n 
A 1 101 ALA 101 101 101 ALA ALA A . n 
A 1 102 HIS 102 102 102 HIS HIS A . n 
A 1 103 ASP 103 103 103 ASP ASP A . n 
A 1 104 PHE 104 104 104 PHE PHE A . n 
A 1 105 PHE 105 105 105 PHE PHE A . n 
A 1 106 ILE 106 106 106 ILE ILE A . n 
A 1 107 ALA 107 107 107 ALA ALA A . n 
A 1 108 GLN 108 108 108 GLN GLN A . n 
A 1 109 ALA 109 109 109 ALA ALA A . n 
A 1 110 ASP 110 110 110 ASP ASP A . n 
A 1 111 LEU 111 111 111 LEU LEU A . n 
A 1 112 MET 112 112 112 MET MET A . n 
A 1 113 PRO 113 113 113 PRO PRO A . n 
A 1 114 LEU 114 114 114 LEU LEU A . n 
A 1 115 ILE 115 115 115 ILE ILE A . n 
A 1 116 GLY 116 116 116 GLY GLY A . n 
A 1 117 ARG 117 117 117 ARG ARG A . n 
A 1 118 TYR 118 118 118 TYR TYR A . n 
A 1 119 MET 119 119 119 MET MET A . n 
A 1 120 GLY 120 120 120 GLY GLY A . n 
A 1 121 VAL 121 121 121 VAL VAL A . n 
A 1 122 ILE 122 122 122 ILE ILE A . n 
A 1 123 LEU 123 123 123 LEU LEU A . n 
A 1 124 GLY 124 124 124 GLY GLY A . n 
A 1 125 PRO 125 125 125 PRO PRO A . n 
A 1 126 ARG 126 126 126 ARG ARG A . n 
A 1 127 GLY 127 127 127 GLY GLY A . n 
A 1 128 LYS 128 128 128 LYS LYS A . n 
A 1 129 MET 129 129 129 MET MET A . n 
A 1 130 PRO 130 130 130 PRO PRO A . n 
A 1 131 LYS 131 131 131 LYS LYS A . n 
A 1 132 PRO 132 132 132 PRO PRO A . n 
A 1 133 VAL 133 133 133 VAL VAL A . n 
A 1 134 PRO 134 134 134 PRO PRO A . n 
A 1 135 ALA 135 135 135 ALA ALA A . n 
A 1 136 ASN 136 136 136 ASN ASN A . n 
A 1 137 ALA 137 137 137 ALA ALA A . n 
A 1 138 ASN 138 138 138 ASN ASN A . n 
A 1 139 ILE 139 139 139 ILE ILE A . n 
A 1 140 LYS 140 140 140 LYS LYS A . n 
A 1 141 PRO 141 141 141 PRO PRO A . n 
A 1 142 LEU 142 142 142 LEU LEU A . n 
A 1 143 VAL 143 143 143 VAL VAL A . n 
A 1 144 GLU 144 144 144 GLU GLU A . n 
A 1 145 ARG 145 145 145 ARG ARG A . n 
A 1 146 LEU 146 146 146 LEU LEU A . n 
A 1 147 LYS 147 147 147 LYS LYS A . n 
A 1 148 LYS 148 148 148 LYS LYS A . n 
A 1 149 THR 149 149 149 THR THR A . n 
A 1 150 VAL 150 150 150 VAL VAL A . n 
A 1 151 VAL 151 151 151 VAL VAL A . n 
A 1 152 ILE 152 152 152 ILE ILE A . n 
A 1 153 ASN 153 153 153 ASN ASN A . n 
A 1 154 THR 154 154 154 THR THR A . n 
A 1 155 ARG 155 155 155 ARG ARG A . n 
A 1 156 ASP 156 156 156 ASP ASP A . n 
A 1 157 LYS 157 157 157 LYS LYS A . n 
A 1 158 PRO 158 158 158 PRO PRO A . n 
A 1 159 TYR 159 159 159 TYR TYR A . n 
A 1 160 PHE 160 160 160 PHE PHE A . n 
A 1 161 GLN 161 161 161 GLN GLN A . n 
A 1 162 VAL 162 162 162 VAL VAL A . n 
A 1 163 LEU 163 163 163 LEU LEU A . n 
A 1 164 VAL 164 164 164 VAL VAL A . n 
A 1 165 GLY 165 165 165 GLY GLY A . n 
A 1 166 ASN 166 166 166 ASN ASN A . n 
A 1 167 GLU 167 167 167 GLU GLU A . n 
A 1 168 LYS 168 168 168 LYS LYS A . n 
A 1 169 MET 169 169 169 MET MET A . n 
A 1 170 THR 170 170 170 THR THR A . n 
A 1 171 ASP 171 171 171 ASP ASP A . n 
A 1 172 GLU 172 172 172 GLU GLU A . n 
A 1 173 GLN 173 173 173 GLN GLN A . n 
A 1 174 ILE 174 174 174 ILE ILE A . n 
A 1 175 VAL 175 175 175 VAL VAL A . n 
A 1 176 ASP 176 176 176 ASP ASP A . n 
A 1 177 ASN 177 177 177 ASN ASN A . n 
A 1 178 ILE 178 178 178 ILE ILE A . n 
A 1 179 GLU 179 179 179 GLU GLU A . n 
A 1 180 ALA 180 180 180 ALA ALA A . n 
A 1 181 VAL 181 181 181 VAL VAL A . n 
A 1 182 LEU 182 182 182 LEU LEU A . n 
A 1 183 ASN 183 183 183 ASN ASN A . n 
A 1 184 VAL 184 184 184 VAL VAL A . n 
A 1 185 VAL 185 185 185 VAL VAL A . n 
A 1 186 ALA 186 186 186 ALA ALA A . n 
A 1 187 LYS 187 187 187 LYS LYS A . n 
A 1 188 LYS 188 188 188 LYS LYS A . n 
A 1 189 TYR 189 189 189 TYR TYR A . n 
A 1 190 GLU 190 190 190 GLU GLU A . n 
A 1 191 LYS 191 191 191 LYS LYS A . n 
A 1 192 GLY 192 192 192 GLY GLY A . n 
A 1 193 LEU 193 193 193 LEU LEU A . n 
A 1 194 TYR 194 194 194 TYR TYR A . n 
A 1 195 HIS 195 195 195 HIS HIS A . n 
A 1 196 ILE 196 196 196 ILE ILE A . n 
A 1 197 LYS 197 197 197 LYS LYS A . n 
A 1 198 ASP 198 198 198 ASP ASP A . n 
A 1 199 ALA 199 199 199 ALA ALA A . n 
A 1 200 TYR 200 200 200 TYR TYR A . n 
A 1 201 VAL 201 201 201 VAL VAL A . n 
A 1 202 LYS 202 202 202 LYS LYS A . n 
A 1 203 LEU 203 203 203 LEU LEU A . n 
A 1 204 THR 204 204 204 THR THR A . n 
A 1 205 MET 205 205 205 MET MET A . n 
A 1 206 GLY 206 206 206 GLY GLY A . n 
A 1 207 PRO 207 207 207 PRO PRO A . n 
A 1 208 ALA 208 208 208 ALA ALA A . n 
A 1 209 VAL 209 209 209 VAL VAL A . n 
A 1 210 LYS 210 210 210 LYS LYS A . n 
A 1 211 VAL 211 211 211 VAL VAL A . n 
A 1 212 LYS 212 212 212 LYS LYS A . n 
A 1 213 LYS 213 213 213 LYS LYS A . n 
A 1 214 GLU 214 214 ?   ?   ?   A . n 
A 1 215 LYS 215 215 ?   ?   ?   A . n 
A 1 216 ALA 216 216 ?   ?   ?   A . n 
A 1 217 LYS 217 217 ?   ?   ?   A . n 
A 1 218 LYS 218 218 ?   ?   ?   A . n 
A 1 219 LYS 219 219 ?   ?   ?   A . n 
# 
loop_
_pdbx_nonpoly_scheme.asym_id 
_pdbx_nonpoly_scheme.entity_id 
_pdbx_nonpoly_scheme.mon_id 
_pdbx_nonpoly_scheme.ndb_seq_num 
_pdbx_nonpoly_scheme.pdb_seq_num 
_pdbx_nonpoly_scheme.auth_seq_num 
_pdbx_nonpoly_scheme.pdb_mon_id 
_pdbx_nonpoly_scheme.auth_mon_id 
_pdbx_nonpoly_scheme.pdb_strand_id 
_pdbx_nonpoly_scheme.pdb_ins_code 
B 2 HOH 1  301 301 HOH HOH A . 
B 2 HOH 2  302 302 HOH HOH A . 
B 2 HOH 3  303 303 HOH HOH A . 
B 2 HOH 4  304 304 HOH HOH A . 
B 2 HOH 5  305 305 HOH HOH A . 
B 2 HOH 6  306 306 HOH HOH A . 
B 2 HOH 7  307 307 HOH HOH A . 
B 2 HOH 8  308 308 HOH HOH A . 
B 2 HOH 9  309 309 HOH HOH A . 
B 2 HOH 10 310 310 HOH HOH A . 
B 2 HOH 11 311 311 HOH HOH A . 
B 2 HOH 12 312 312 HOH HOH A . 
B 2 HOH 13 313 313 HOH HOH A . 
B 2 HOH 14 314 314 HOH HOH A . 
B 2 HOH 15 315 315 HOH HOH A . 
B 2 HOH 16 316 316 HOH HOH A . 
B 2 HOH 17 317 317 HOH HOH A . 
B 2 HOH 18 318 318 HOH HOH A . 
B 2 HOH 19 319 319 HOH HOH A . 
B 2 HOH 20 320 320 HOH HOH A . 
B 2 HOH 21 321 321 HOH HOH A . 
B 2 HOH 22 322 322 HOH HOH A . 
B 2 HOH 23 323 323 HOH HOH A . 
B 2 HOH 24 324 324 HOH HOH A . 
B 2 HOH 25 325 325 HOH HOH A . 
B 2 HOH 26 326 326 HOH HOH A . 
B 2 HOH 27 327 327 HOH HOH A . 
B 2 HOH 28 328 328 HOH HOH A . 
B 2 HOH 29 329 329 HOH HOH A . 
B 2 HOH 30 330 330 HOH HOH A . 
B 2 HOH 31 331 331 HOH HOH A . 
B 2 HOH 32 332 332 HOH HOH A . 
B 2 HOH 33 333 333 HOH HOH A . 
B 2 HOH 34 334 334 HOH HOH A . 
B 2 HOH 35 335 335 HOH HOH A . 
B 2 HOH 36 336 336 HOH HOH A . 
B 2 HOH 37 337 337 HOH HOH A . 
B 2 HOH 38 338 338 HOH HOH A . 
B 2 HOH 39 339 339 HOH HOH A . 
B 2 HOH 40 340 340 HOH HOH A . 
B 2 HOH 41 341 341 HOH HOH A . 
B 2 HOH 42 342 342 HOH HOH A . 
B 2 HOH 43 343 343 HOH HOH A . 
B 2 HOH 44 344 344 HOH HOH A . 
B 2 HOH 45 345 345 HOH HOH A . 
B 2 HOH 46 346 346 HOH HOH A . 
B 2 HOH 47 347 347 HOH HOH A . 
B 2 HOH 48 348 348 HOH HOH A . 
B 2 HOH 49 349 349 HOH HOH A . 
B 2 HOH 50 350 350 HOH HOH A . 
B 2 HOH 51 351 351 HOH HOH A . 
B 2 HOH 52 352 352 HOH HOH A . 
B 2 HOH 53 353 353 HOH HOH A . 
B 2 HOH 54 354 354 HOH HOH A . 
B 2 HOH 55 355 355 HOH HOH A . 
B 2 HOH 56 356 356 HOH HOH A . 
B 2 HOH 57 357 357 HOH HOH A . 
B 2 HOH 58 358 358 HOH HOH A . 
B 2 HOH 59 359 359 HOH HOH A . 
B 2 HOH 60 360 360 HOH HOH A . 
B 2 HOH 61 361 361 HOH HOH A . 
B 2 HOH 62 362 362 HOH HOH A . 
B 2 HOH 63 363 363 HOH HOH A . 
B 2 HOH 64 364 364 HOH HOH A . 
B 2 HOH 65 365 365 HOH HOH A . 
B 2 HOH 66 366 366 HOH HOH A . 
B 2 HOH 67 367 367 HOH HOH A . 
B 2 HOH 68 368 368 HOH HOH A . 
B 2 HOH 69 369 369 HOH HOH A . 
B 2 HOH 70 370 370 HOH HOH A . 
# 
loop_
_pdbx_unobs_or_zero_occ_atoms.id 
_pdbx_unobs_or_zero_occ_atoms.PDB_model_num 
_pdbx_unobs_or_zero_occ_atoms.polymer_flag 
_pdbx_unobs_or_zero_occ_atoms.occupancy_flag 
_pdbx_unobs_or_zero_occ_atoms.auth_asym_id 
_pdbx_unobs_or_zero_occ_atoms.auth_comp_id 
_pdbx_unobs_or_zero_occ_atoms.auth_seq_id 
_pdbx_unobs_or_zero_occ_atoms.PDB_ins_code 
_pdbx_unobs_or_zero_occ_atoms.auth_atom_id 
_pdbx_unobs_or_zero_occ_atoms.label_alt_id 
_pdbx_unobs_or_zero_occ_atoms.label_asym_id 
_pdbx_unobs_or_zero_occ_atoms.label_comp_id 
_pdbx_unobs_or_zero_occ_atoms.label_seq_id 
_pdbx_unobs_or_zero_occ_atoms.label_atom_id 
1 1 Y 1 A LYS 213 ? CA ? A LYS 213 CA 
2 1 Y 1 A LYS 213 ? C  ? A LYS 213 C  
3 1 Y 1 A LYS 213 ? O  ? A LYS 213 O  
4 1 Y 1 A LYS 213 ? CB ? A LYS 213 CB 
5 1 Y 1 A LYS 213 ? CG ? A LYS 213 CG 
6 1 Y 1 A LYS 213 ? CD ? A LYS 213 CD 
7 1 Y 1 A LYS 213 ? CE ? A LYS 213 CE 
8 1 Y 1 A LYS 213 ? NZ ? A LYS 213 NZ 
# 
loop_
_software.name 
_software.classification 
_software.version 
_software.citation_id 
_software.pdbx_ordinal 
X-PLOR    'model building' .   ? 1 
CCP4      'model building' .   ? 2 
O         'model building' .   ? 3 
X-PLOR    refinement       3.1 ? 4 
DENZO     'data reduction' .   ? 5 
SCALEPACK 'data scaling'   .   ? 6 
X-PLOR    phasing          .   ? 7 
CCP4      phasing          .   ? 8 
# 
_cell.entry_id           1CJS 
_cell.length_a           34.407 
_cell.length_b           39.910 
_cell.length_c           55.634 
_cell.angle_alpha        83.03 
_cell.angle_beta         80.25 
_cell.angle_gamma        74.68 
_cell.Z_PDB              1 
_cell.pdbx_unique_axis   ? 
# 
_symmetry.entry_id                         1CJS 
_symmetry.space_group_name_H-M             'P 1' 
_symmetry.pdbx_full_space_group_name_H-M   ? 
_symmetry.cell_setting                     ? 
_symmetry.Int_Tables_number                1 
# 
_exptl.entry_id          1CJS 
_exptl.method            'X-RAY DIFFRACTION' 
_exptl.crystals_number   1 
# 
_exptl_crystal.id                    1 
_exptl_crystal.density_meas          ? 
_exptl_crystal.density_Matthews      3.02 
_exptl_crystal.density_percent_sol   60.0 
_exptl_crystal.description           ? 
# 
_exptl_crystal_grow.crystal_id      1 
_exptl_crystal_grow.method          'VAPOR DIFFUSION' 
_exptl_crystal_grow.temp            ? 
_exptl_crystal_grow.temp_details    ? 
_exptl_crystal_grow.pH              7.50 
_exptl_crystal_grow.pdbx_details    'pH 7.50, VAPOR DIFFUSION' 
_exptl_crystal_grow.pdbx_pH_range   . 
# 
_diffrn.id                     1 
_diffrn.ambient_temp           293.0 
_diffrn.ambient_temp_details   ? 
_diffrn.crystal_id             1 
# 
_diffrn_detector.diffrn_id              1 
_diffrn_detector.detector               'IMAGE PLATE' 
_diffrn_detector.type                   MARRESEARCH 
_diffrn_detector.pdbx_collection_date   1998-12-01 
_diffrn_detector.details                ? 
# 
_diffrn_radiation.diffrn_id                        1 
_diffrn_radiation.wavelength_id                    1 
_diffrn_radiation.pdbx_monochromatic_or_laue_m_l   M 
_diffrn_radiation.monochromator                    ? 
_diffrn_radiation.pdbx_diffrn_protocol             'SINGLE WAVELENGTH' 
_diffrn_radiation.pdbx_scattering_type             x-ray 
# 
_diffrn_radiation_wavelength.id           1 
_diffrn_radiation_wavelength.wavelength   1.0009 
_diffrn_radiation_wavelength.wt           1.0 
# 
_diffrn_source.diffrn_id                   1 
_diffrn_source.source                      SYNCHROTRON 
_diffrn_source.type                        'MAX II BEAMLINE I711' 
_diffrn_source.pdbx_synchrotron_site       'MAX II' 
_diffrn_source.pdbx_synchrotron_beamline   I711 
_diffrn_source.pdbx_wavelength             1.0009 
_diffrn_source.pdbx_wavelength_list        ? 
# 
_reflns.entry_id                     1CJS 
_reflns.observed_criterion_sigma_I   ? 
_reflns.observed_criterion_sigma_F   ? 
_reflns.d_resolution_low             10.000 
_reflns.d_resolution_high            2.300 
_reflns.number_obs                   11387 
_reflns.number_all                   ? 
_reflns.percent_possible_obs         89.1 
_reflns.pdbx_Rmerge_I_obs            0.0520000 
_reflns.pdbx_Rsym_value              ? 
_reflns.pdbx_netI_over_sigmaI        ? 
_reflns.B_iso_Wilson_estimate        ? 
_reflns.pdbx_redundancy              2.100 
_reflns.R_free_details               ? 
_reflns.limit_h_max                  ? 
_reflns.limit_h_min                  ? 
_reflns.limit_k_max                  ? 
_reflns.limit_k_min                  ? 
_reflns.limit_l_max                  ? 
_reflns.limit_l_min                  ? 
_reflns.observed_criterion_F_max     ? 
_reflns.observed_criterion_F_min     ? 
_reflns.pdbx_diffrn_id               1 
_reflns.pdbx_ordinal                 1 
# 
_reflns_shell.d_res_high             2.30 
_reflns_shell.d_res_low              2.40 
_reflns_shell.percent_possible_all   77.4 
_reflns_shell.Rmerge_I_obs           ? 
_reflns_shell.pdbx_Rsym_value        ? 
_reflns_shell.meanI_over_sigI_obs    ? 
_reflns_shell.pdbx_redundancy        ? 
_reflns_shell.percent_possible_obs   ? 
_reflns_shell.number_unique_all      ? 
_reflns_shell.pdbx_diffrn_id         ? 
_reflns_shell.pdbx_ordinal           1 
# 
_refine.entry_id                                 1CJS 
_refine.ls_number_reflns_obs                     11079 
_refine.ls_number_reflns_all                     ? 
_refine.pdbx_ls_sigma_I                          ? 
_refine.pdbx_ls_sigma_F                          0.000 
_refine.pdbx_data_cutoff_high_absF               10000.000 
_refine.pdbx_data_cutoff_low_absF                0.2000 
_refine.pdbx_data_cutoff_high_rms_absF           ? 
_refine.ls_d_res_low                             8.00 
_refine.ls_d_res_high                            2.30 
_refine.ls_percent_reflns_obs                    89.1 
_refine.ls_R_factor_obs                          0.2030000 
_refine.ls_R_factor_all                          ? 
_refine.ls_R_factor_R_work                       0.2030000 
_refine.ls_R_factor_R_free                       0.2710000 
_refine.ls_R_factor_R_free_error                 ? 
_refine.ls_R_factor_R_free_error_details         ? 
_refine.ls_percent_reflns_R_free                 5.000 
_refine.ls_number_reflns_R_free                  531 
_refine.ls_number_parameters                     ? 
_refine.ls_number_restraints                     ? 
_refine.occupancy_min                            ? 
_refine.occupancy_max                            ? 
_refine.B_iso_mean                               28.87 
_refine.aniso_B[1][1]                            ? 
_refine.aniso_B[2][2]                            ? 
_refine.aniso_B[3][3]                            ? 
_refine.aniso_B[1][2]                            ? 
_refine.aniso_B[1][3]                            ? 
_refine.aniso_B[2][3]                            ? 
_refine.solvent_model_details                    ? 
_refine.solvent_model_param_ksol                 ? 
_refine.solvent_model_param_bsol                 ? 
_refine.pdbx_ls_cross_valid_method               ? 
_refine.details                                  ? 
_refine.pdbx_starting_model                      ? 
_refine.pdbx_method_to_determine_struct          MIR 
_refine.pdbx_isotropic_thermal_model             ? 
_refine.pdbx_stereochemistry_target_values       ? 
_refine.pdbx_stereochem_target_val_spec_case     ? 
_refine.pdbx_R_Free_selection_details            ? 
_refine.pdbx_overall_ESU_R                       ? 
_refine.pdbx_overall_ESU_R_Free                  ? 
_refine.overall_SU_ML                            ? 
_refine.overall_SU_B                             ? 
_refine.ls_redundancy_reflns_obs                 ? 
_refine.B_iso_min                                ? 
_refine.B_iso_max                                ? 
_refine.correlation_coeff_Fo_to_Fc               ? 
_refine.correlation_coeff_Fo_to_Fc_free          ? 
_refine.overall_SU_R_Cruickshank_DPI             ? 
_refine.overall_SU_R_free                        ? 
_refine.pdbx_refine_id                           'X-RAY DIFFRACTION' 
_refine.pdbx_diffrn_id                           1 
_refine.pdbx_TLS_residual_ADP_flag               ? 
_refine.pdbx_solvent_vdw_probe_radii             ? 
_refine.pdbx_solvent_ion_probe_radii             ? 
_refine.pdbx_solvent_shrinkage_radii             ? 
_refine.pdbx_overall_phase_error                 ? 
_refine.pdbx_overall_SU_R_free_Cruickshank_DPI   ? 
_refine.pdbx_overall_SU_R_Blow_DPI               ? 
_refine.pdbx_overall_SU_R_free_Blow_DPI          ? 
# 
_refine_hist.pdbx_refine_id                   'X-RAY DIFFRACTION' 
_refine_hist.cycle_id                         LAST 
_refine_hist.pdbx_number_atoms_protein        1683 
_refine_hist.pdbx_number_atoms_nucleic_acid   0 
_refine_hist.pdbx_number_atoms_ligand         0 
_refine_hist.number_atoms_solvent             70 
_refine_hist.number_atoms_total               1753 
_refine_hist.d_res_high                       2.30 
_refine_hist.d_res_low                        8.00 
# 
loop_
_refine_ls_restr.type 
_refine_ls_restr.dev_ideal 
_refine_ls_restr.dev_ideal_target 
_refine_ls_restr.weight 
_refine_ls_restr.number 
_refine_ls_restr.pdbx_refine_id 
_refine_ls_restr.pdbx_restraint_function 
x_bond_d                0.018 ? ? ? 'X-RAY DIFFRACTION' ? 
x_bond_d_na             ?     ? ? ? 'X-RAY DIFFRACTION' ? 
x_bond_d_prot           ?     ? ? ? 'X-RAY DIFFRACTION' ? 
x_angle_d               ?     ? ? ? 'X-RAY DIFFRACTION' ? 
x_angle_d_na            ?     ? ? ? 'X-RAY DIFFRACTION' ? 
x_angle_d_prot          ?     ? ? ? 'X-RAY DIFFRACTION' ? 
x_angle_deg             3.09  ? ? ? 'X-RAY DIFFRACTION' ? 
x_angle_deg_na          ?     ? ? ? 'X-RAY DIFFRACTION' ? 
x_angle_deg_prot        ?     ? ? ? 'X-RAY DIFFRACTION' ? 
x_dihedral_angle_d      24.95 ? ? ? 'X-RAY DIFFRACTION' ? 
x_dihedral_angle_d_na   ?     ? ? ? 'X-RAY DIFFRACTION' ? 
x_dihedral_angle_d_prot ?     ? ? ? 'X-RAY DIFFRACTION' ? 
x_improper_angle_d      1.37  ? ? ? 'X-RAY DIFFRACTION' ? 
x_improper_angle_d_na   ?     ? ? ? 'X-RAY DIFFRACTION' ? 
x_improper_angle_d_prot ?     ? ? ? 'X-RAY DIFFRACTION' ? 
x_mcbond_it             ?     ? ? ? 'X-RAY DIFFRACTION' ? 
x_mcangle_it            ?     ? ? ? 'X-RAY DIFFRACTION' ? 
x_scbond_it             ?     ? ? ? 'X-RAY DIFFRACTION' ? 
x_scangle_it            ?     ? ? ? 'X-RAY DIFFRACTION' ? 
# 
_refine_ls_shell.pdbx_total_number_of_bins_used   8 
_refine_ls_shell.d_res_high                       2.30 
_refine_ls_shell.d_res_low                        2.40 
_refine_ls_shell.number_reflns_R_work             1112 
_refine_ls_shell.R_factor_R_work                  ? 
_refine_ls_shell.percent_reflns_obs               77.40 
_refine_ls_shell.R_factor_R_free                  ? 
_refine_ls_shell.R_factor_R_free_error            ? 
_refine_ls_shell.percent_reflns_R_free            ? 
_refine_ls_shell.number_reflns_R_free             ? 
_refine_ls_shell.redundancy_reflns_obs            ? 
_refine_ls_shell.number_reflns_all                ? 
_refine_ls_shell.number_reflns_obs                ? 
_refine_ls_shell.pdbx_refine_id                   'X-RAY DIFFRACTION' 
_refine_ls_shell.R_factor_all                     ? 
# 
_pdbx_xplor_file.serial_no        1 
_pdbx_xplor_file.param_file       ? 
_pdbx_xplor_file.topol_file       TOPH19X.PRO 
_pdbx_xplor_file.pdbx_refine_id   'X-RAY DIFFRACTION' 
# 
_struct.entry_id                  1CJS 
_struct.title                     'CRYSTAL STRUCTURE OF RIBOSOMAL PROTEIN L1 FROM METHANOCOCCUS JANNASCHII' 
_struct.pdbx_model_details        ? 
_struct.pdbx_CASP_flag            ? 
_struct.pdbx_model_type_details   ? 
# 
_struct_keywords.entry_id        1CJS 
_struct_keywords.pdbx_keywords   RIBOSOME 
_struct_keywords.text            'RIBOSOMAL PROTEIN, PRIMARY RRNA-BINDING PROTEIN, TRANSLATIONAL REPRESSOR, RIBOSOME' 
# 
loop_
_struct_asym.id 
_struct_asym.pdbx_blank_PDB_chainid_flag 
_struct_asym.pdbx_modified 
_struct_asym.entity_id 
_struct_asym.details 
A N N 1 ? 
B N N 2 ? 
# 
_struct_ref.id                         1 
_struct_ref.db_name                    UNP 
_struct_ref.db_code                    RL1_METJA 
_struct_ref.entity_id                  1 
_struct_ref.pdbx_seq_one_letter_code   
;MDREALLQAVKEARELAKPRNFTQSFEFIATLKEIDMRKPENRIKTEVVLPHGRGKEAKIAVIGTGDLAKQAEELGLTVI
RKEEIEELGKNKRKLRKIAKAHDFFIAQADLMPLIGRYMGVILGPRGKMPKPVPANANIKPLVERLKKTVVINTRDKPYF
QVLVGNEKMTDEQIVDNIEAVLNVVAKKYEKGLYHIKDAYVKLTMGPAVKVKKEKAKKK
;
_struct_ref.pdbx_align_begin           14 
_struct_ref.pdbx_db_accession          P54050 
_struct_ref.pdbx_db_isoform            ? 
# 
_struct_ref_seq.align_id                      1 
_struct_ref_seq.ref_id                        1 
_struct_ref_seq.pdbx_PDB_id_code              1CJS 
_struct_ref_seq.pdbx_strand_id                A 
_struct_ref_seq.seq_align_beg                 1 
_struct_ref_seq.pdbx_seq_align_beg_ins_code   ? 
_struct_ref_seq.seq_align_end                 219 
_struct_ref_seq.pdbx_seq_align_end_ins_code   ? 
_struct_ref_seq.pdbx_db_accession             P54050 
_struct_ref_seq.db_align_beg                  14 
_struct_ref_seq.pdbx_db_align_beg_ins_code    ? 
_struct_ref_seq.db_align_end                  232 
_struct_ref_seq.pdbx_db_align_end_ins_code    ? 
_struct_ref_seq.pdbx_auth_seq_align_beg       1 
_struct_ref_seq.pdbx_auth_seq_align_end       219 
# 
_pdbx_struct_assembly.id                   1 
_pdbx_struct_assembly.details              author_defined_assembly 
_pdbx_struct_assembly.method_details       ? 
_pdbx_struct_assembly.oligomeric_details   monomeric 
_pdbx_struct_assembly.oligomeric_count     1 
# 
_pdbx_struct_assembly_gen.assembly_id       1 
_pdbx_struct_assembly_gen.oper_expression   1 
_pdbx_struct_assembly_gen.asym_id_list      A,B 
# 
_pdbx_struct_oper_list.id                   1 
_pdbx_struct_oper_list.type                 'identity operation' 
_pdbx_struct_oper_list.name                 1_555 
_pdbx_struct_oper_list.symmetry_operation   x,y,z 
_pdbx_struct_oper_list.matrix[1][1]         1.0000000000 
_pdbx_struct_oper_list.matrix[1][2]         0.0000000000 
_pdbx_struct_oper_list.matrix[1][3]         0.0000000000 
_pdbx_struct_oper_list.vector[1]            0.0000000000 
_pdbx_struct_oper_list.matrix[2][1]         0.0000000000 
_pdbx_struct_oper_list.matrix[2][2]         1.0000000000 
_pdbx_struct_oper_list.matrix[2][3]         0.0000000000 
_pdbx_struct_oper_list.vector[2]            0.0000000000 
_pdbx_struct_oper_list.matrix[3][1]         0.0000000000 
_pdbx_struct_oper_list.matrix[3][2]         0.0000000000 
_pdbx_struct_oper_list.matrix[3][3]         1.0000000000 
_pdbx_struct_oper_list.vector[3]            0.0000000000 
# 
_struct_biol.id                    1 
_struct_biol.pdbx_parent_biol_id   ? 
_struct_biol.details               ? 
# 
loop_
_struct_conf.conf_type_id 
_struct_conf.id 
_struct_conf.pdbx_PDB_helix_id 
_struct_conf.beg_label_comp_id 
_struct_conf.beg_label_asym_id 
_struct_conf.beg_label_seq_id 
_struct_conf.pdbx_beg_PDB_ins_code 
_struct_conf.end_label_comp_id 
_struct_conf.end_label_asym_id 
_struct_conf.end_label_seq_id 
_struct_conf.pdbx_end_PDB_ins_code 
_struct_conf.beg_auth_comp_id 
_struct_conf.beg_auth_asym_id 
_struct_conf.beg_auth_seq_id 
_struct_conf.end_auth_comp_id 
_struct_conf.end_auth_asym_id 
_struct_conf.end_auth_seq_id 
_struct_conf.pdbx_PDB_helix_class 
_struct_conf.details 
_struct_conf.pdbx_PDB_helix_length 
HELX_P HELX_P1  H1  ARG A 3   ? LEU A 16  ? ARG A 3   LEU A 16  1 ? 14 
HELX_P HELX_P2  H2  PRO A 40  ? ASN A 42  ? PRO A 40  ASN A 42  5 ? 3  
HELX_P HELX_P3  H3  ASP A 67  ? GLU A 74  ? ASP A 67  GLU A 74  1 ? 8  
HELX_P HELX_P4  H4  GLU A 84  ? GLY A 89  ? GLU A 84  GLY A 89  1 ? 6  
HELX_P HELX_P5  H5  LYS A 92  ? LYS A 100 ? LYS A 92  LYS A 100 1 ? 9  
HELX_P HELX_P6  H6  ALA A 109 ? LEU A 111 ? ALA A 109 LEU A 111 5 ? 3  
HELX_P HELX_P7  H7  MET A 112 ? LEU A 123 ? MET A 112 LEU A 123 1 ? 12 
HELX_P HELX_P8  H8  GLY A 124 ? ARG A 126 ? GLY A 124 ARG A 126 5 ? 3  
HELX_P HELX_P9  H9  LYS A 140 ? LEU A 146 ? LYS A 140 LEU A 146 1 ? 7  
HELX_P HELX_P10 H10 ASP A 171 ? LYS A 188 ? ASP A 171 LYS A 188 1 ? 18 
# 
_struct_conf_type.id          HELX_P 
_struct_conf_type.criteria    ? 
_struct_conf_type.reference   ? 
# 
loop_
_struct_sheet.id 
_struct_sheet.type 
_struct_sheet.number_strands 
_struct_sheet.details 
A ? 2 ? 
B ? 4 ? 
C ? 3 ? 
# 
loop_
_struct_sheet_order.sheet_id 
_struct_sheet_order.range_id_1 
_struct_sheet_order.range_id_2 
_struct_sheet_order.offset 
_struct_sheet_order.sense 
A 1 2 ? anti-parallel 
B 1 2 ? parallel      
B 2 3 ? parallel      
B 3 4 ? parallel      
C 1 2 ? anti-parallel 
C 2 3 ? anti-parallel 
# 
loop_
_struct_sheet_range.sheet_id 
_struct_sheet_range.id 
_struct_sheet_range.beg_label_comp_id 
_struct_sheet_range.beg_label_asym_id 
_struct_sheet_range.beg_label_seq_id 
_struct_sheet_range.pdbx_beg_PDB_ins_code 
_struct_sheet_range.end_label_comp_id 
_struct_sheet_range.end_label_asym_id 
_struct_sheet_range.end_label_seq_id 
_struct_sheet_range.pdbx_end_PDB_ins_code 
_struct_sheet_range.beg_auth_comp_id 
_struct_sheet_range.beg_auth_asym_id 
_struct_sheet_range.beg_auth_seq_id 
_struct_sheet_range.end_auth_comp_id 
_struct_sheet_range.end_auth_asym_id 
_struct_sheet_range.end_auth_seq_id 
A 1 LYS A 45  ? VAL A 49  ? LYS A 45  VAL A 49  
A 2 THR A 149 ? ASN A 153 ? THR A 149 ASN A 153 
B 1 THR A 78  ? ARG A 81  ? THR A 78  ARG A 81  
B 2 ILE A 60  ? GLY A 64  ? ILE A 60  GLY A 64  
B 3 PHE A 104 ? GLN A 108 ? PHE A 104 GLN A 108 
B 4 LYS A 131 ? VAL A 133 ? LYS A 131 VAL A 133 
C 1 TYR A 159 ? ASN A 166 ? TYR A 159 ASN A 166 
C 2 SER A 25  ? LEU A 32  ? SER A 25  LEU A 32  
C 3 ILE A 196 ? LEU A 203 ? ILE A 196 LEU A 203 
# 
loop_
_pdbx_struct_sheet_hbond.sheet_id 
_pdbx_struct_sheet_hbond.range_id_1 
_pdbx_struct_sheet_hbond.range_id_2 
_pdbx_struct_sheet_hbond.range_1_label_atom_id 
_pdbx_struct_sheet_hbond.range_1_label_comp_id 
_pdbx_struct_sheet_hbond.range_1_label_asym_id 
_pdbx_struct_sheet_hbond.range_1_label_seq_id 
_pdbx_struct_sheet_hbond.range_1_PDB_ins_code 
_pdbx_struct_sheet_hbond.range_1_auth_atom_id 
_pdbx_struct_sheet_hbond.range_1_auth_comp_id 
_pdbx_struct_sheet_hbond.range_1_auth_asym_id 
_pdbx_struct_sheet_hbond.range_1_auth_seq_id 
_pdbx_struct_sheet_hbond.range_2_label_atom_id 
_pdbx_struct_sheet_hbond.range_2_label_comp_id 
_pdbx_struct_sheet_hbond.range_2_label_asym_id 
_pdbx_struct_sheet_hbond.range_2_label_seq_id 
_pdbx_struct_sheet_hbond.range_2_PDB_ins_code 
_pdbx_struct_sheet_hbond.range_2_auth_atom_id 
_pdbx_struct_sheet_hbond.range_2_auth_comp_id 
_pdbx_struct_sheet_hbond.range_2_auth_asym_id 
_pdbx_struct_sheet_hbond.range_2_auth_seq_id 
A 1 2 O THR A 46  ? O THR A 46  N ILE A 152 ? N ILE A 152 
B 1 2 O THR A 78  ? O THR A 78  N VAL A 62  ? N VAL A 62  
B 2 3 O ALA A 61  ? O ALA A 61  N PHE A 104 ? N PHE A 104 
B 3 4 O ALA A 107 ? O ALA A 107 N LYS A 131 ? N LYS A 131 
C 1 2 O PHE A 160 ? O PHE A 160 N ALA A 30  ? N ALA A 30  
C 2 3 O GLU A 27  ? O GLU A 27  N LYS A 202 ? N LYS A 202 
# 
loop_
_pdbx_validate_rmsd_bond.id 
_pdbx_validate_rmsd_bond.PDB_model_num 
_pdbx_validate_rmsd_bond.auth_atom_id_1 
_pdbx_validate_rmsd_bond.auth_asym_id_1 
_pdbx_validate_rmsd_bond.auth_comp_id_1 
_pdbx_validate_rmsd_bond.auth_seq_id_1 
_pdbx_validate_rmsd_bond.PDB_ins_code_1 
_pdbx_validate_rmsd_bond.label_alt_id_1 
_pdbx_validate_rmsd_bond.auth_atom_id_2 
_pdbx_validate_rmsd_bond.auth_asym_id_2 
_pdbx_validate_rmsd_bond.auth_comp_id_2 
_pdbx_validate_rmsd_bond.auth_seq_id_2 
_pdbx_validate_rmsd_bond.PDB_ins_code_2 
_pdbx_validate_rmsd_bond.label_alt_id_2 
_pdbx_validate_rmsd_bond.bond_value 
_pdbx_validate_rmsd_bond.bond_target_value 
_pdbx_validate_rmsd_bond.bond_deviation 
_pdbx_validate_rmsd_bond.bond_standard_deviation 
_pdbx_validate_rmsd_bond.linker_flag 
1 1 NE2 A HIS 52  ? ? CD2 A HIS 52  ? ? 1.299 1.373 -0.074 0.011 N 
2 1 NE2 A HIS 102 ? ? CD2 A HIS 102 ? ? 1.296 1.373 -0.077 0.011 N 
# 
loop_
_pdbx_validate_rmsd_angle.id 
_pdbx_validate_rmsd_angle.PDB_model_num 
_pdbx_validate_rmsd_angle.auth_atom_id_1 
_pdbx_validate_rmsd_angle.auth_asym_id_1 
_pdbx_validate_rmsd_angle.auth_comp_id_1 
_pdbx_validate_rmsd_angle.auth_seq_id_1 
_pdbx_validate_rmsd_angle.PDB_ins_code_1 
_pdbx_validate_rmsd_angle.label_alt_id_1 
_pdbx_validate_rmsd_angle.auth_atom_id_2 
_pdbx_validate_rmsd_angle.auth_asym_id_2 
_pdbx_validate_rmsd_angle.auth_comp_id_2 
_pdbx_validate_rmsd_angle.auth_seq_id_2 
_pdbx_validate_rmsd_angle.PDB_ins_code_2 
_pdbx_validate_rmsd_angle.label_alt_id_2 
_pdbx_validate_rmsd_angle.auth_atom_id_3 
_pdbx_validate_rmsd_angle.auth_asym_id_3 
_pdbx_validate_rmsd_angle.auth_comp_id_3 
_pdbx_validate_rmsd_angle.auth_seq_id_3 
_pdbx_validate_rmsd_angle.PDB_ins_code_3 
_pdbx_validate_rmsd_angle.label_alt_id_3 
_pdbx_validate_rmsd_angle.angle_value 
_pdbx_validate_rmsd_angle.angle_target_value 
_pdbx_validate_rmsd_angle.angle_deviation 
_pdbx_validate_rmsd_angle.angle_standard_deviation 
_pdbx_validate_rmsd_angle.linker_flag 
1  1 NE A ARG 3   ? ? CZ A ARG 3   ? ? NH1 A ARG 3   ? ? 123.84 120.30 3.54  0.50 N 
2  1 NE A ARG 14  ? ? CZ A ARG 14  ? ? NH2 A ARG 14  ? ? 117.15 120.30 -3.15 0.50 N 
3  1 NE A ARG 38  ? ? CZ A ARG 38  ? ? NH1 A ARG 38  ? ? 123.89 120.30 3.59  0.50 N 
4  1 NE A ARG 81  ? ? CZ A ARG 81  ? ? NH2 A ARG 81  ? ? 116.98 120.30 -3.32 0.50 N 
5  1 NE A ARG 93  ? ? CZ A ARG 93  ? ? NH2 A ARG 93  ? ? 123.98 120.30 3.68  0.50 N 
6  1 NE A ARG 96  ? ? CZ A ARG 96  ? ? NH2 A ARG 96  ? ? 123.93 120.30 3.63  0.50 N 
7  1 NE A ARG 117 ? ? CZ A ARG 117 ? ? NH2 A ARG 117 ? ? 123.91 120.30 3.61  0.50 N 
8  1 CG A MET 119 ? ? SD A MET 119 ? ? CE  A MET 119 ? ? 109.95 100.20 9.75  1.60 N 
9  1 NE A ARG 126 ? ? CZ A ARG 126 ? ? NH2 A ARG 126 ? ? 116.50 120.30 -3.80 0.50 N 
10 1 CG A MET 129 ? ? SD A MET 129 ? ? CE  A MET 129 ? ? 109.97 100.20 9.77  1.60 N 
11 1 NE A ARG 155 ? ? CZ A ARG 155 ? ? NH1 A ARG 155 ? ? 123.59 120.30 3.29  0.50 N 
12 1 CG A MET 205 ? ? SD A MET 205 ? ? CE  A MET 205 ? ? 109.96 100.20 9.76  1.60 N 
# 
loop_
_pdbx_validate_torsion.id 
_pdbx_validate_torsion.PDB_model_num 
_pdbx_validate_torsion.auth_comp_id 
_pdbx_validate_torsion.auth_asym_id 
_pdbx_validate_torsion.auth_seq_id 
_pdbx_validate_torsion.PDB_ins_code 
_pdbx_validate_torsion.label_alt_id 
_pdbx_validate_torsion.phi 
_pdbx_validate_torsion.psi 
1 1 ASN A 21  ? ? -84.14  33.17   
2 1 ARG A 155 ? ? 70.10   -124.92 
3 1 PRO A 158 ? ? -91.35  58.60   
4 1 LYS A 202 ? ? -176.96 140.88  
5 1 LYS A 212 ? ? 114.78  -8.71   
# 
loop_
_pdbx_unobs_or_zero_occ_residues.id 
_pdbx_unobs_or_zero_occ_residues.PDB_model_num 
_pdbx_unobs_or_zero_occ_residues.polymer_flag 
_pdbx_unobs_or_zero_occ_residues.occupancy_flag 
_pdbx_unobs_or_zero_occ_residues.auth_asym_id 
_pdbx_unobs_or_zero_occ_residues.auth_comp_id 
_pdbx_unobs_or_zero_occ_residues.auth_seq_id 
_pdbx_unobs_or_zero_occ_residues.PDB_ins_code 
_pdbx_unobs_or_zero_occ_residues.label_asym_id 
_pdbx_unobs_or_zero_occ_residues.label_comp_id 
_pdbx_unobs_or_zero_occ_residues.label_seq_id 
1 1 Y 1 A GLU 214 ? A GLU 214 
2 1 Y 1 A LYS 215 ? A LYS 215 
3 1 Y 1 A ALA 216 ? A ALA 216 
4 1 Y 1 A LYS 217 ? A LYS 217 
5 1 Y 1 A LYS 218 ? A LYS 218 
6 1 Y 1 A LYS 219 ? A LYS 219 
# 
loop_
_chem_comp_atom.comp_id 
_chem_comp_atom.atom_id 
_chem_comp_atom.type_symbol 
_chem_comp_atom.pdbx_aromatic_flag 
_chem_comp_atom.pdbx_stereo_config 
_chem_comp_atom.pdbx_ordinal 
ALA N    N N N 1   
ALA CA   C N S 2   
ALA C    C N N 3   
ALA O    O N N 4   
ALA CB   C N N 5   
ALA OXT  O N N 6   
ALA H    H N N 7   
ALA H2   H N N 8   
ALA HA   H N N 9   
ALA HB1  H N N 10  
ALA HB2  H N N 11  
ALA HB3  H N N 12  
ALA HXT  H N N 13  
ARG N    N N N 14  
ARG CA   C N S 15  
ARG C    C N N 16  
ARG O    O N N 17  
ARG CB   C N N 18  
ARG CG   C N N 19  
ARG CD   C N N 20  
ARG NE   N N N 21  
ARG CZ   C N N 22  
ARG NH1  N N N 23  
ARG NH2  N N N 24  
ARG OXT  O N N 25  
ARG H    H N N 26  
ARG H2   H N N 27  
ARG HA   H N N 28  
ARG HB2  H N N 29  
ARG HB3  H N N 30  
ARG HG2  H N N 31  
ARG HG3  H N N 32  
ARG HD2  H N N 33  
ARG HD3  H N N 34  
ARG HE   H N N 35  
ARG HH11 H N N 36  
ARG HH12 H N N 37  
ARG HH21 H N N 38  
ARG HH22 H N N 39  
ARG HXT  H N N 40  
ASN N    N N N 41  
ASN CA   C N S 42  
ASN C    C N N 43  
ASN O    O N N 44  
ASN CB   C N N 45  
ASN CG   C N N 46  
ASN OD1  O N N 47  
ASN ND2  N N N 48  
ASN OXT  O N N 49  
ASN H    H N N 50  
ASN H2   H N N 51  
ASN HA   H N N 52  
ASN HB2  H N N 53  
ASN HB3  H N N 54  
ASN HD21 H N N 55  
ASN HD22 H N N 56  
ASN HXT  H N N 57  
ASP N    N N N 58  
ASP CA   C N S 59  
ASP C    C N N 60  
ASP O    O N N 61  
ASP CB   C N N 62  
ASP CG   C N N 63  
ASP OD1  O N N 64  
ASP OD2  O N N 65  
ASP OXT  O N N 66  
ASP H    H N N 67  
ASP H2   H N N 68  
ASP HA   H N N 69  
ASP HB2  H N N 70  
ASP HB3  H N N 71  
ASP HD2  H N N 72  
ASP HXT  H N N 73  
GLN N    N N N 74  
GLN CA   C N S 75  
GLN C    C N N 76  
GLN O    O N N 77  
GLN CB   C N N 78  
GLN CG   C N N 79  
GLN CD   C N N 80  
GLN OE1  O N N 81  
GLN NE2  N N N 82  
GLN OXT  O N N 83  
GLN H    H N N 84  
GLN H2   H N N 85  
GLN HA   H N N 86  
GLN HB2  H N N 87  
GLN HB3  H N N 88  
GLN HG2  H N N 89  
GLN HG3  H N N 90  
GLN HE21 H N N 91  
GLN HE22 H N N 92  
GLN HXT  H N N 93  
GLU N    N N N 94  
GLU CA   C N S 95  
GLU C    C N N 96  
GLU O    O N N 97  
GLU CB   C N N 98  
GLU CG   C N N 99  
GLU CD   C N N 100 
GLU OE1  O N N 101 
GLU OE2  O N N 102 
GLU OXT  O N N 103 
GLU H    H N N 104 
GLU H2   H N N 105 
GLU HA   H N N 106 
GLU HB2  H N N 107 
GLU HB3  H N N 108 
GLU HG2  H N N 109 
GLU HG3  H N N 110 
GLU HE2  H N N 111 
GLU HXT  H N N 112 
GLY N    N N N 113 
GLY CA   C N N 114 
GLY C    C N N 115 
GLY O    O N N 116 
GLY OXT  O N N 117 
GLY H    H N N 118 
GLY H2   H N N 119 
GLY HA2  H N N 120 
GLY HA3  H N N 121 
GLY HXT  H N N 122 
HIS N    N N N 123 
HIS CA   C N S 124 
HIS C    C N N 125 
HIS O    O N N 126 
HIS CB   C N N 127 
HIS CG   C Y N 128 
HIS ND1  N Y N 129 
HIS CD2  C Y N 130 
HIS CE1  C Y N 131 
HIS NE2  N Y N 132 
HIS OXT  O N N 133 
HIS H    H N N 134 
HIS H2   H N N 135 
HIS HA   H N N 136 
HIS HB2  H N N 137 
HIS HB3  H N N 138 
HIS HD1  H N N 139 
HIS HD2  H N N 140 
HIS HE1  H N N 141 
HIS HE2  H N N 142 
HIS HXT  H N N 143 
HOH O    O N N 144 
HOH H1   H N N 145 
HOH H2   H N N 146 
ILE N    N N N 147 
ILE CA   C N S 148 
ILE C    C N N 149 
ILE O    O N N 150 
ILE CB   C N S 151 
ILE CG1  C N N 152 
ILE CG2  C N N 153 
ILE CD1  C N N 154 
ILE OXT  O N N 155 
ILE H    H N N 156 
ILE H2   H N N 157 
ILE HA   H N N 158 
ILE HB   H N N 159 
ILE HG12 H N N 160 
ILE HG13 H N N 161 
ILE HG21 H N N 162 
ILE HG22 H N N 163 
ILE HG23 H N N 164 
ILE HD11 H N N 165 
ILE HD12 H N N 166 
ILE HD13 H N N 167 
ILE HXT  H N N 168 
LEU N    N N N 169 
LEU CA   C N S 170 
LEU C    C N N 171 
LEU O    O N N 172 
LEU CB   C N N 173 
LEU CG   C N N 174 
LEU CD1  C N N 175 
LEU CD2  C N N 176 
LEU OXT  O N N 177 
LEU H    H N N 178 
LEU H2   H N N 179 
LEU HA   H N N 180 
LEU HB2  H N N 181 
LEU HB3  H N N 182 
LEU HG   H N N 183 
LEU HD11 H N N 184 
LEU HD12 H N N 185 
LEU HD13 H N N 186 
LEU HD21 H N N 187 
LEU HD22 H N N 188 
LEU HD23 H N N 189 
LEU HXT  H N N 190 
LYS N    N N N 191 
LYS CA   C N S 192 
LYS C    C N N 193 
LYS O    O N N 194 
LYS CB   C N N 195 
LYS CG   C N N 196 
LYS CD   C N N 197 
LYS CE   C N N 198 
LYS NZ   N N N 199 
LYS OXT  O N N 200 
LYS H    H N N 201 
LYS H2   H N N 202 
LYS HA   H N N 203 
LYS HB2  H N N 204 
LYS HB3  H N N 205 
LYS HG2  H N N 206 
LYS HG3  H N N 207 
LYS HD2  H N N 208 
LYS HD3  H N N 209 
LYS HE2  H N N 210 
LYS HE3  H N N 211 
LYS HZ1  H N N 212 
LYS HZ2  H N N 213 
LYS HZ3  H N N 214 
LYS HXT  H N N 215 
MET N    N N N 216 
MET CA   C N S 217 
MET C    C N N 218 
MET O    O N N 219 
MET CB   C N N 220 
MET CG   C N N 221 
MET SD   S N N 222 
MET CE   C N N 223 
MET OXT  O N N 224 
MET H    H N N 225 
MET H2   H N N 226 
MET HA   H N N 227 
MET HB2  H N N 228 
MET HB3  H N N 229 
MET HG2  H N N 230 
MET HG3  H N N 231 
MET HE1  H N N 232 
MET HE2  H N N 233 
MET HE3  H N N 234 
MET HXT  H N N 235 
PHE N    N N N 236 
PHE CA   C N S 237 
PHE C    C N N 238 
PHE O    O N N 239 
PHE CB   C N N 240 
PHE CG   C Y N 241 
PHE CD1  C Y N 242 
PHE CD2  C Y N 243 
PHE CE1  C Y N 244 
PHE CE2  C Y N 245 
PHE CZ   C Y N 246 
PHE OXT  O N N 247 
PHE H    H N N 248 
PHE H2   H N N 249 
PHE HA   H N N 250 
PHE HB2  H N N 251 
PHE HB3  H N N 252 
PHE HD1  H N N 253 
PHE HD2  H N N 254 
PHE HE1  H N N 255 
PHE HE2  H N N 256 
PHE HZ   H N N 257 
PHE HXT  H N N 258 
PRO N    N N N 259 
PRO CA   C N S 260 
PRO C    C N N 261 
PRO O    O N N 262 
PRO CB   C N N 263 
PRO CG   C N N 264 
PRO CD   C N N 265 
PRO OXT  O N N 266 
PRO H    H N N 267 
PRO HA   H N N 268 
PRO HB2  H N N 269 
PRO HB3  H N N 270 
PRO HG2  H N N 271 
PRO HG3  H N N 272 
PRO HD2  H N N 273 
PRO HD3  H N N 274 
PRO HXT  H N N 275 
SER N    N N N 276 
SER CA   C N S 277 
SER C    C N N 278 
SER O    O N N 279 
SER CB   C N N 280 
SER OG   O N N 281 
SER OXT  O N N 282 
SER H    H N N 283 
SER H2   H N N 284 
SER HA   H N N 285 
SER HB2  H N N 286 
SER HB3  H N N 287 
SER HG   H N N 288 
SER HXT  H N N 289 
THR N    N N N 290 
THR CA   C N S 291 
THR C    C N N 292 
THR O    O N N 293 
THR CB   C N R 294 
THR OG1  O N N 295 
THR CG2  C N N 296 
THR OXT  O N N 297 
THR H    H N N 298 
THR H2   H N N 299 
THR HA   H N N 300 
THR HB   H N N 301 
THR HG1  H N N 302 
THR HG21 H N N 303 
THR HG22 H N N 304 
THR HG23 H N N 305 
THR HXT  H N N 306 
TYR N    N N N 307 
TYR CA   C N S 308 
TYR C    C N N 309 
TYR O    O N N 310 
TYR CB   C N N 311 
TYR CG   C Y N 312 
TYR CD1  C Y N 313 
TYR CD2  C Y N 314 
TYR CE1  C Y N 315 
TYR CE2  C Y N 316 
TYR CZ   C Y N 317 
TYR OH   O N N 318 
TYR OXT  O N N 319 
TYR H    H N N 320 
TYR H2   H N N 321 
TYR HA   H N N 322 
TYR HB2  H N N 323 
TYR HB3  H N N 324 
TYR HD1  H N N 325 
TYR HD2  H N N 326 
TYR HE1  H N N 327 
TYR HE2  H N N 328 
TYR HH   H N N 329 
TYR HXT  H N N 330 
VAL N    N N N 331 
VAL CA   C N S 332 
VAL C    C N N 333 
VAL O    O N N 334 
VAL CB   C N N 335 
VAL CG1  C N N 336 
VAL CG2  C N N 337 
VAL OXT  O N N 338 
VAL H    H N N 339 
VAL H2   H N N 340 
VAL HA   H N N 341 
VAL HB   H N N 342 
VAL HG11 H N N 343 
VAL HG12 H N N 344 
VAL HG13 H N N 345 
VAL HG21 H N N 346 
VAL HG22 H N N 347 
VAL HG23 H N N 348 
VAL HXT  H N N 349 
# 
loop_
_chem_comp_bond.comp_id 
_chem_comp_bond.atom_id_1 
_chem_comp_bond.atom_id_2 
_chem_comp_bond.value_order 
_chem_comp_bond.pdbx_aromatic_flag 
_chem_comp_bond.pdbx_stereo_config 
_chem_comp_bond.pdbx_ordinal 
ALA N   CA   sing N N 1   
ALA N   H    sing N N 2   
ALA N   H2   sing N N 3   
ALA CA  C    sing N N 4   
ALA CA  CB   sing N N 5   
ALA CA  HA   sing N N 6   
ALA C   O    doub N N 7   
ALA C   OXT  sing N N 8   
ALA CB  HB1  sing N N 9   
ALA CB  HB2  sing N N 10  
ALA CB  HB3  sing N N 11  
ALA OXT HXT  sing N N 12  
ARG N   CA   sing N N 13  
ARG N   H    sing N N 14  
ARG N   H2   sing N N 15  
ARG CA  C    sing N N 16  
ARG CA  CB   sing N N 17  
ARG CA  HA   sing N N 18  
ARG C   O    doub N N 19  
ARG C   OXT  sing N N 20  
ARG CB  CG   sing N N 21  
ARG CB  HB2  sing N N 22  
ARG CB  HB3  sing N N 23  
ARG CG  CD   sing N N 24  
ARG CG  HG2  sing N N 25  
ARG CG  HG3  sing N N 26  
ARG CD  NE   sing N N 27  
ARG CD  HD2  sing N N 28  
ARG CD  HD3  sing N N 29  
ARG NE  CZ   sing N N 30  
ARG NE  HE   sing N N 31  
ARG CZ  NH1  sing N N 32  
ARG CZ  NH2  doub N N 33  
ARG NH1 HH11 sing N N 34  
ARG NH1 HH12 sing N N 35  
ARG NH2 HH21 sing N N 36  
ARG NH2 HH22 sing N N 37  
ARG OXT HXT  sing N N 38  
ASN N   CA   sing N N 39  
ASN N   H    sing N N 40  
ASN N   H2   sing N N 41  
ASN CA  C    sing N N 42  
ASN CA  CB   sing N N 43  
ASN CA  HA   sing N N 44  
ASN C   O    doub N N 45  
ASN C   OXT  sing N N 46  
ASN CB  CG   sing N N 47  
ASN CB  HB2  sing N N 48  
ASN CB  HB3  sing N N 49  
ASN CG  OD1  doub N N 50  
ASN CG  ND2  sing N N 51  
ASN ND2 HD21 sing N N 52  
ASN ND2 HD22 sing N N 53  
ASN OXT HXT  sing N N 54  
ASP N   CA   sing N N 55  
ASP N   H    sing N N 56  
ASP N   H2   sing N N 57  
ASP CA  C    sing N N 58  
ASP CA  CB   sing N N 59  
ASP CA  HA   sing N N 60  
ASP C   O    doub N N 61  
ASP C   OXT  sing N N 62  
ASP CB  CG   sing N N 63  
ASP CB  HB2  sing N N 64  
ASP CB  HB3  sing N N 65  
ASP CG  OD1  doub N N 66  
ASP CG  OD2  sing N N 67  
ASP OD2 HD2  sing N N 68  
ASP OXT HXT  sing N N 69  
GLN N   CA   sing N N 70  
GLN N   H    sing N N 71  
GLN N   H2   sing N N 72  
GLN CA  C    sing N N 73  
GLN CA  CB   sing N N 74  
GLN CA  HA   sing N N 75  
GLN C   O    doub N N 76  
GLN C   OXT  sing N N 77  
GLN CB  CG   sing N N 78  
GLN CB  HB2  sing N N 79  
GLN CB  HB3  sing N N 80  
GLN CG  CD   sing N N 81  
GLN CG  HG2  sing N N 82  
GLN CG  HG3  sing N N 83  
GLN CD  OE1  doub N N 84  
GLN CD  NE2  sing N N 85  
GLN NE2 HE21 sing N N 86  
GLN NE2 HE22 sing N N 87  
GLN OXT HXT  sing N N 88  
GLU N   CA   sing N N 89  
GLU N   H    sing N N 90  
GLU N   H2   sing N N 91  
GLU CA  C    sing N N 92  
GLU CA  CB   sing N N 93  
GLU CA  HA   sing N N 94  
GLU C   O    doub N N 95  
GLU C   OXT  sing N N 96  
GLU CB  CG   sing N N 97  
GLU CB  HB2  sing N N 98  
GLU CB  HB3  sing N N 99  
GLU CG  CD   sing N N 100 
GLU CG  HG2  sing N N 101 
GLU CG  HG3  sing N N 102 
GLU CD  OE1  doub N N 103 
GLU CD  OE2  sing N N 104 
GLU OE2 HE2  sing N N 105 
GLU OXT HXT  sing N N 106 
GLY N   CA   sing N N 107 
GLY N   H    sing N N 108 
GLY N   H2   sing N N 109 
GLY CA  C    sing N N 110 
GLY CA  HA2  sing N N 111 
GLY CA  HA3  sing N N 112 
GLY C   O    doub N N 113 
GLY C   OXT  sing N N 114 
GLY OXT HXT  sing N N 115 
HIS N   CA   sing N N 116 
HIS N   H    sing N N 117 
HIS N   H2   sing N N 118 
HIS CA  C    sing N N 119 
HIS CA  CB   sing N N 120 
HIS CA  HA   sing N N 121 
HIS C   O    doub N N 122 
HIS C   OXT  sing N N 123 
HIS CB  CG   sing N N 124 
HIS CB  HB2  sing N N 125 
HIS CB  HB3  sing N N 126 
HIS CG  ND1  sing Y N 127 
HIS CG  CD2  doub Y N 128 
HIS ND1 CE1  doub Y N 129 
HIS ND1 HD1  sing N N 130 
HIS CD2 NE2  sing Y N 131 
HIS CD2 HD2  sing N N 132 
HIS CE1 NE2  sing Y N 133 
HIS CE1 HE1  sing N N 134 
HIS NE2 HE2  sing N N 135 
HIS OXT HXT  sing N N 136 
HOH O   H1   sing N N 137 
HOH O   H2   sing N N 138 
ILE N   CA   sing N N 139 
ILE N   H    sing N N 140 
ILE N   H2   sing N N 141 
ILE CA  C    sing N N 142 
ILE CA  CB   sing N N 143 
ILE CA  HA   sing N N 144 
ILE C   O    doub N N 145 
ILE C   OXT  sing N N 146 
ILE CB  CG1  sing N N 147 
ILE CB  CG2  sing N N 148 
ILE CB  HB   sing N N 149 
ILE CG1 CD1  sing N N 150 
ILE CG1 HG12 sing N N 151 
ILE CG1 HG13 sing N N 152 
ILE CG2 HG21 sing N N 153 
ILE CG2 HG22 sing N N 154 
ILE CG2 HG23 sing N N 155 
ILE CD1 HD11 sing N N 156 
ILE CD1 HD12 sing N N 157 
ILE CD1 HD13 sing N N 158 
ILE OXT HXT  sing N N 159 
LEU N   CA   sing N N 160 
LEU N   H    sing N N 161 
LEU N   H2   sing N N 162 
LEU CA  C    sing N N 163 
LEU CA  CB   sing N N 164 
LEU CA  HA   sing N N 165 
LEU C   O    doub N N 166 
LEU C   OXT  sing N N 167 
LEU CB  CG   sing N N 168 
LEU CB  HB2  sing N N 169 
LEU CB  HB3  sing N N 170 
LEU CG  CD1  sing N N 171 
LEU CG  CD2  sing N N 172 
LEU CG  HG   sing N N 173 
LEU CD1 HD11 sing N N 174 
LEU CD1 HD12 sing N N 175 
LEU CD1 HD13 sing N N 176 
LEU CD2 HD21 sing N N 177 
LEU CD2 HD22 sing N N 178 
LEU CD2 HD23 sing N N 179 
LEU OXT HXT  sing N N 180 
LYS N   CA   sing N N 181 
LYS N   H    sing N N 182 
LYS N   H2   sing N N 183 
LYS CA  C    sing N N 184 
LYS CA  CB   sing N N 185 
LYS CA  HA   sing N N 186 
LYS C   O    doub N N 187 
LYS C   OXT  sing N N 188 
LYS CB  CG   sing N N 189 
LYS CB  HB2  sing N N 190 
LYS CB  HB3  sing N N 191 
LYS CG  CD   sing N N 192 
LYS CG  HG2  sing N N 193 
LYS CG  HG3  sing N N 194 
LYS CD  CE   sing N N 195 
LYS CD  HD2  sing N N 196 
LYS CD  HD3  sing N N 197 
LYS CE  NZ   sing N N 198 
LYS CE  HE2  sing N N 199 
LYS CE  HE3  sing N N 200 
LYS NZ  HZ1  sing N N 201 
LYS NZ  HZ2  sing N N 202 
LYS NZ  HZ3  sing N N 203 
LYS OXT HXT  sing N N 204 
MET N   CA   sing N N 205 
MET N   H    sing N N 206 
MET N   H2   sing N N 207 
MET CA  C    sing N N 208 
MET CA  CB   sing N N 209 
MET CA  HA   sing N N 210 
MET C   O    doub N N 211 
MET C   OXT  sing N N 212 
MET CB  CG   sing N N 213 
MET CB  HB2  sing N N 214 
MET CB  HB3  sing N N 215 
MET CG  SD   sing N N 216 
MET CG  HG2  sing N N 217 
MET CG  HG3  sing N N 218 
MET SD  CE   sing N N 219 
MET CE  HE1  sing N N 220 
MET CE  HE2  sing N N 221 
MET CE  HE3  sing N N 222 
MET OXT HXT  sing N N 223 
PHE N   CA   sing N N 224 
PHE N   H    sing N N 225 
PHE N   H2   sing N N 226 
PHE CA  C    sing N N 227 
PHE CA  CB   sing N N 228 
PHE CA  HA   sing N N 229 
PHE C   O    doub N N 230 
PHE C   OXT  sing N N 231 
PHE CB  CG   sing N N 232 
PHE CB  HB2  sing N N 233 
PHE CB  HB3  sing N N 234 
PHE CG  CD1  doub Y N 235 
PHE CG  CD2  sing Y N 236 
PHE CD1 CE1  sing Y N 237 
PHE CD1 HD1  sing N N 238 
PHE CD2 CE2  doub Y N 239 
PHE CD2 HD2  sing N N 240 
PHE CE1 CZ   doub Y N 241 
PHE CE1 HE1  sing N N 242 
PHE CE2 CZ   sing Y N 243 
PHE CE2 HE2  sing N N 244 
PHE CZ  HZ   sing N N 245 
PHE OXT HXT  sing N N 246 
PRO N   CA   sing N N 247 
PRO N   CD   sing N N 248 
PRO N   H    sing N N 249 
PRO CA  C    sing N N 250 
PRO CA  CB   sing N N 251 
PRO CA  HA   sing N N 252 
PRO C   O    doub N N 253 
PRO C   OXT  sing N N 254 
PRO CB  CG   sing N N 255 
PRO CB  HB2  sing N N 256 
PRO CB  HB3  sing N N 257 
PRO CG  CD   sing N N 258 
PRO CG  HG2  sing N N 259 
PRO CG  HG3  sing N N 260 
PRO CD  HD2  sing N N 261 
PRO CD  HD3  sing N N 262 
PRO OXT HXT  sing N N 263 
SER N   CA   sing N N 264 
SER N   H    sing N N 265 
SER N   H2   sing N N 266 
SER CA  C    sing N N 267 
SER CA  CB   sing N N 268 
SER CA  HA   sing N N 269 
SER C   O    doub N N 270 
SER C   OXT  sing N N 271 
SER CB  OG   sing N N 272 
SER CB  HB2  sing N N 273 
SER CB  HB3  sing N N 274 
SER OG  HG   sing N N 275 
SER OXT HXT  sing N N 276 
THR N   CA   sing N N 277 
THR N   H    sing N N 278 
THR N   H2   sing N N 279 
THR CA  C    sing N N 280 
THR CA  CB   sing N N 281 
THR CA  HA   sing N N 282 
THR C   O    doub N N 283 
THR C   OXT  sing N N 284 
THR CB  OG1  sing N N 285 
THR CB  CG2  sing N N 286 
THR CB  HB   sing N N 287 
THR OG1 HG1  sing N N 288 
THR CG2 HG21 sing N N 289 
THR CG2 HG22 sing N N 290 
THR CG2 HG23 sing N N 291 
THR OXT HXT  sing N N 292 
TYR N   CA   sing N N 293 
TYR N   H    sing N N 294 
TYR N   H2   sing N N 295 
TYR CA  C    sing N N 296 
TYR CA  CB   sing N N 297 
TYR CA  HA   sing N N 298 
TYR C   O    doub N N 299 
TYR C   OXT  sing N N 300 
TYR CB  CG   sing N N 301 
TYR CB  HB2  sing N N 302 
TYR CB  HB3  sing N N 303 
TYR CG  CD1  doub Y N 304 
TYR CG  CD2  sing Y N 305 
TYR CD1 CE1  sing Y N 306 
TYR CD1 HD1  sing N N 307 
TYR CD2 CE2  doub Y N 308 
TYR CD2 HD2  sing N N 309 
TYR CE1 CZ   doub Y N 310 
TYR CE1 HE1  sing N N 311 
TYR CE2 CZ   sing Y N 312 
TYR CE2 HE2  sing N N 313 
TYR CZ  OH   sing N N 314 
TYR OH  HH   sing N N 315 
TYR OXT HXT  sing N N 316 
VAL N   CA   sing N N 317 
VAL N   H    sing N N 318 
VAL N   H2   sing N N 319 
VAL CA  C    sing N N 320 
VAL CA  CB   sing N N 321 
VAL CA  HA   sing N N 322 
VAL C   O    doub N N 323 
VAL C   OXT  sing N N 324 
VAL CB  CG1  sing N N 325 
VAL CB  CG2  sing N N 326 
VAL CB  HB   sing N N 327 
VAL CG1 HG11 sing N N 328 
VAL CG1 HG12 sing N N 329 
VAL CG1 HG13 sing N N 330 
VAL CG2 HG21 sing N N 331 
VAL CG2 HG22 sing N N 332 
VAL CG2 HG23 sing N N 333 
VAL OXT HXT  sing N N 334 
# 
_atom_sites.entry_id                    1CJS 
_atom_sites.fract_transf_matrix[1][1]   0.00431996 
_atom_sites.fract_transf_matrix[1][2]   0.00514061 
_atom_sites.fract_transf_matrix[1][3]   -0.02970004 
_atom_sites.fract_transf_matrix[2][1]   -0.02046258 
_atom_sites.fract_transf_matrix[2][2]   -0.01611863 
_atom_sites.fract_transf_matrix[2][3]   0.00088946 
_atom_sites.fract_transf_matrix[3][1]   -0.00975939 
_atom_sites.fract_transf_matrix[3][2]   0.01498660 
_atom_sites.fract_transf_matrix[3][3]   0.00386475 
_atom_sites.fract_transf_vector[1]      0.653297 
_atom_sites.fract_transf_vector[2]      0.620892 
_atom_sites.fract_transf_vector[3]      -0.200638 
# 
loop_
_atom_type.symbol 
C 
N 
O 
S 
# 
loop_
_atom_site.group_PDB 
_atom_site.id 
_atom_site.type_symbol 
_atom_site.label_atom_id 
_atom_site.label_alt_id 
_atom_site.label_comp_id 
_atom_site.label_asym_id 
_atom_site.label_entity_id 
_atom_site.label_seq_id 
_atom_site.pdbx_PDB_ins_code 
_atom_site.Cartn_x 
_atom_site.Cartn_y 
_atom_site.Cartn_z 
_atom_site.occupancy 
_atom_site.B_iso_or_equiv 
_atom_site.pdbx_formal_charge 
_atom_site.auth_seq_id 
_atom_site.auth_comp_id 
_atom_site.auth_asym_id 
_atom_site.auth_atom_id 
_atom_site.pdbx_PDB_model_num 
ATOM   1    N N   . MET A 1 1   ? -19.144 8.702   3.438   1.00 48.96 ? 1   MET A N   1 
ATOM   2    C CA  . MET A 1 1   ? -19.869 7.613   2.798   1.00 48.69 ? 1   MET A CA  1 
ATOM   3    C C   . MET A 1 1   ? -20.526 8.265   1.600   1.00 47.51 ? 1   MET A C   1 
ATOM   4    O O   . MET A 1 1   ? -20.308 7.786   0.493   1.00 47.29 ? 1   MET A O   1 
ATOM   5    C CB  . MET A 1 1   ? -20.898 7.007   3.766   1.00 51.34 ? 1   MET A CB  1 
ATOM   6    C CG  . MET A 1 1   ? -20.254 6.562   5.110   1.00 53.07 ? 1   MET A CG  1 
ATOM   7    S SD  . MET A 1 1   ? -18.427 6.433   5.084   1.00 52.98 ? 1   MET A SD  1 
ATOM   8    C CE  . MET A 1 1   ? -18.460 4.692   4.721   1.00 51.48 ? 1   MET A CE  1 
ATOM   9    N N   . ASP A 1 2   ? -21.306 9.343   1.732   1.00 45.61 ? 2   ASP A N   1 
ATOM   10   C CA  . ASP A 1 2   ? -21.698 10.123  0.552   1.00 41.60 ? 2   ASP A CA  1 
ATOM   11   C C   . ASP A 1 2   ? -20.605 11.175  0.375   1.00 38.17 ? 2   ASP A C   1 
ATOM   12   O O   . ASP A 1 2   ? -20.010 11.613  1.372   1.00 36.59 ? 2   ASP A O   1 
ATOM   13   C CB  . ASP A 1 2   ? -23.038 10.779  0.798   1.00 44.37 ? 2   ASP A CB  1 
ATOM   14   C CG  . ASP A 1 2   ? -23.034 11.806  1.925   1.00 46.93 ? 2   ASP A CG  1 
ATOM   15   O OD1 . ASP A 1 2   ? -23.250 11.417  3.086   1.00 47.25 ? 2   ASP A OD1 1 
ATOM   16   O OD2 . ASP A 1 2   ? -22.804 12.989  1.614   1.00 46.02 ? 2   ASP A OD2 1 
ATOM   17   N N   . ARG A 1 3   ? -20.351 11.642  -0.829  1.00 35.31 ? 3   ARG A N   1 
ATOM   18   C CA  . ARG A 1 3   ? -19.212 12.513  -1.077  1.00 32.55 ? 3   ARG A CA  1 
ATOM   19   C C   . ARG A 1 3   ? -19.110 13.806  -0.269  1.00 32.75 ? 3   ARG A C   1 
ATOM   20   O O   . ARG A 1 3   ? -18.039 14.084  0.272   1.00 32.77 ? 3   ARG A O   1 
ATOM   21   C CB  . ARG A 1 3   ? -19.217 12.775  -2.582  1.00 33.29 ? 3   ARG A CB  1 
ATOM   22   C CG  . ARG A 1 3   ? -17.923 13.336  -3.146  1.00 31.37 ? 3   ARG A CG  1 
ATOM   23   C CD  . ARG A 1 3   ? -17.875 13.690  -4.637  1.00 26.99 ? 3   ARG A CD  1 
ATOM   24   N NE  . ARG A 1 3   ? -16.562 14.288  -4.782  1.00 26.66 ? 3   ARG A NE  1 
ATOM   25   C CZ  . ARG A 1 3   ? -15.449 13.549  -4.889  1.00 25.17 ? 3   ARG A CZ  1 
ATOM   26   N NH1 . ARG A 1 3   ? -15.443 12.217  -4.920  1.00 25.42 ? 3   ARG A NH1 1 
ATOM   27   N NH2 . ARG A 1 3   ? -14.269 14.130  -4.748  1.00 25.94 ? 3   ARG A NH2 1 
ATOM   28   N N   . GLU A 1 4   ? -20.178 14.609  -0.062  1.00 32.63 ? 4   GLU A N   1 
ATOM   29   C CA  . GLU A 1 4   ? -20.047 15.872  0.663   1.00 31.74 ? 4   GLU A CA  1 
ATOM   30   C C   . GLU A 1 4   ? -19.748 15.623  2.120   1.00 29.22 ? 4   GLU A C   1 
ATOM   31   O O   . GLU A 1 4   ? -18.991 16.384  2.732   1.00 27.89 ? 4   GLU A O   1 
ATOM   32   C CB  . GLU A 1 4   ? -21.332 16.753  0.565   1.00 35.18 ? 4   GLU A CB  1 
ATOM   33   C CG  . GLU A 1 4   ? -21.234 18.144  -0.233  1.00 37.19 ? 4   GLU A CG  1 
ATOM   34   C CD  . GLU A 1 4   ? -20.227 19.255  0.191   1.00 39.10 ? 4   GLU A CD  1 
ATOM   35   O OE1 . GLU A 1 4   ? -19.993 19.445  1.409   1.00 40.05 ? 4   GLU A OE1 1 
ATOM   36   O OE2 . GLU A 1 4   ? -19.671 19.920  -0.713  1.00 36.30 ? 4   GLU A OE2 1 
ATOM   37   N N   . ALA A 1 5   ? -20.272 14.515  2.659   1.00 26.77 ? 5   ALA A N   1 
ATOM   38   C CA  . ALA A 1 5   ? -19.973 14.115  4.026   1.00 25.21 ? 5   ALA A CA  1 
ATOM   39   C C   . ALA A 1 5   ? -18.477 13.872  4.213   1.00 25.05 ? 5   ALA A C   1 
ATOM   40   O O   . ALA A 1 5   ? -17.910 14.163  5.281   1.00 26.04 ? 5   ALA A O   1 
ATOM   41   C CB  . ALA A 1 5   ? -20.674 12.816  4.404   1.00 24.89 ? 5   ALA A CB  1 
ATOM   42   N N   . LEU A 1 6   ? -17.819 13.367  3.156   1.00 23.29 ? 6   LEU A N   1 
ATOM   43   C CA  . LEU A 1 6   ? -16.407 13.080  3.248   1.00 23.15 ? 6   LEU A CA  1 
ATOM   44   C C   . LEU A 1 6   ? -15.613 14.319  2.959   1.00 23.09 ? 6   LEU A C   1 
ATOM   45   O O   . LEU A 1 6   ? -14.603 14.551  3.643   1.00 22.79 ? 6   LEU A O   1 
ATOM   46   C CB  . LEU A 1 6   ? -16.031 11.968  2.268   1.00 25.06 ? 6   LEU A CB  1 
ATOM   47   C CG  . LEU A 1 6   ? -16.388 10.527  2.619   1.00 24.13 ? 6   LEU A CG  1 
ATOM   48   C CD1 . LEU A 1 6   ? -16.338 9.667   1.340   1.00 26.29 ? 6   LEU A CD1 1 
ATOM   49   C CD2 . LEU A 1 6   ? -15.475 10.063  3.730   1.00 25.65 ? 6   LEU A CD2 1 
ATOM   50   N N   . LEU A 1 7   ? -16.040 15.143  1.984   1.00 23.94 ? 7   LEU A N   1 
ATOM   51   C CA  . LEU A 1 7   ? -15.389 16.432  1.768   1.00 23.91 ? 7   LEU A CA  1 
ATOM   52   C C   . LEU A 1 7   ? -15.332 17.250  3.080   1.00 24.30 ? 7   LEU A C   1 
ATOM   53   O O   . LEU A 1 7   ? -14.306 17.824  3.456   1.00 25.97 ? 7   LEU A O   1 
ATOM   54   C CB  . LEU A 1 7   ? -16.184 17.084  0.628   1.00 22.22 ? 7   LEU A CB  1 
ATOM   55   C CG  . LEU A 1 7   ? -15.841 16.601  -0.782  1.00 21.80 ? 7   LEU A CG  1 
ATOM   56   C CD1 . LEU A 1 7   ? -16.945 16.873  -1.777  1.00 21.29 ? 7   LEU A CD1 1 
ATOM   57   C CD2 . LEU A 1 7   ? -14.608 17.332  -1.223  1.00 20.55 ? 7   LEU A CD2 1 
ATOM   58   N N   . GLN A 1 8   ? -16.395 17.185  3.882   1.00 25.72 ? 8   GLN A N   1 
ATOM   59   C CA  . GLN A 1 8   ? -16.518 17.814  5.191   1.00 27.46 ? 8   GLN A CA  1 
ATOM   60   C C   . GLN A 1 8   ? -15.564 17.267  6.235   1.00 27.02 ? 8   GLN A C   1 
ATOM   61   O O   . GLN A 1 8   ? -14.946 18.042  6.978   1.00 29.14 ? 8   GLN A O   1 
ATOM   62   C CB  . GLN A 1 8   ? -17.944 17.630  5.687   1.00 30.64 ? 8   GLN A CB  1 
ATOM   63   C CG  . GLN A 1 8   ? -18.383 18.738  6.634   1.00 35.86 ? 8   GLN A CG  1 
ATOM   64   C CD  . GLN A 1 8   ? -18.154 20.120  5.992   1.00 39.98 ? 8   GLN A CD  1 
ATOM   65   O OE1 . GLN A 1 8   ? -18.664 20.424  4.907   1.00 41.47 ? 8   GLN A OE1 1 
ATOM   66   N NE2 . GLN A 1 8   ? -17.338 21.007  6.574   1.00 40.85 ? 8   GLN A NE2 1 
ATOM   67   N N   . ALA A 1 9   ? -15.427 15.937  6.359   1.00 27.16 ? 9   ALA A N   1 
ATOM   68   C CA  . ALA A 1 9   ? -14.439 15.326  7.261   1.00 24.53 ? 9   ALA A CA  1 
ATOM   69   C C   . ALA A 1 9   ? -13.005 15.705  6.876   1.00 24.92 ? 9   ALA A C   1 
ATOM   70   O O   . ALA A 1 9   ? -12.179 16.041  7.738   1.00 27.10 ? 9   ALA A O   1 
ATOM   71   C CB  . ALA A 1 9   ? -14.574 13.822  7.261   1.00 21.84 ? 9   ALA A CB  1 
ATOM   72   N N   . VAL A 1 10  ? -12.720 15.642  5.592   1.00 25.16 ? 10  VAL A N   1 
ATOM   73   C CA  . VAL A 1 10  ? -11.383 15.985  5.085   1.00 24.92 ? 10  VAL A CA  1 
ATOM   74   C C   . VAL A 1 10  ? -11.062 17.440  5.430   1.00 25.97 ? 10  VAL A C   1 
ATOM   75   O O   . VAL A 1 10  ? -9.988  17.747  5.969   1.00 25.93 ? 10  VAL A O   1 
ATOM   76   C CB  . VAL A 1 10  ? -11.318 15.810  3.567   1.00 24.15 ? 10  VAL A CB  1 
ATOM   77   C CG1 . VAL A 1 10  ? -9.952  16.182  2.982   1.00 25.26 ? 10  VAL A CG1 1 
ATOM   78   C CG2 . VAL A 1 10  ? -11.580 14.371  3.120   1.00 23.89 ? 10  VAL A CG2 1 
ATOM   79   N N   . LYS A 1 11  ? -12.016 18.290  5.111   1.00 26.78 ? 11  LYS A N   1 
ATOM   80   C CA  . LYS A 1 11  ? -11.909 19.733  5.352   1.00 27.09 ? 11  LYS A CA  1 
ATOM   81   C C   . LYS A 1 11  ? -11.585 20.006  6.823   1.00 28.04 ? 11  LYS A C   1 
ATOM   82   O O   . LYS A 1 11  ? -10.631 20.728  7.142   1.00 28.09 ? 11  LYS A O   1 
ATOM   83   C CB  . LYS A 1 11  ? -13.231 20.429  5.014   1.00 30.01 ? 11  LYS A CB  1 
ATOM   84   C CG  . LYS A 1 11  ? -13.176 21.945  5.231   1.00 30.88 ? 11  LYS A CG  1 
ATOM   85   C CD  . LYS A 1 11  ? -14.556 22.576  5.429   1.00 31.88 ? 11  LYS A CD  1 
ATOM   86   C CE  . LYS A 1 11  ? -14.487 24.006  5.974   1.00 29.93 ? 11  LYS A CE  1 
ATOM   87   N NZ  . LYS A 1 11  ? -14.482 24.060  7.443   1.00 31.15 ? 11  LYS A NZ  1 
ATOM   88   N N   . GLU A 1 12  ? -12.397 19.410  7.674   1.00 27.64 ? 12  GLU A N   1 
ATOM   89   C CA  . GLU A 1 12  ? -12.291 19.574  9.133   1.00 27.70 ? 12  GLU A CA  1 
ATOM   90   C C   . GLU A 1 12  ? -10.969 18.999  9.661   1.00 28.28 ? 12  GLU A C   1 
ATOM   91   O O   . GLU A 1 12  ? -10.278 19.624  10.476  1.00 29.16 ? 12  GLU A O   1 
ATOM   92   C CB  . GLU A 1 12  ? -13.473 18.887  9.810   1.00 30.29 ? 12  GLU A CB  1 
ATOM   93   C CG  . GLU A 1 12  ? -14.806 19.548  9.450   1.00 35.33 ? 12  GLU A CG  1 
ATOM   94   C CD  . GLU A 1 12  ? -15.992 18.986  10.230  1.00 38.27 ? 12  GLU A CD  1 
ATOM   95   O OE1 . GLU A 1 12  ? -15.800 18.092  11.138  1.00 40.36 ? 12  GLU A OE1 1 
ATOM   96   O OE2 . GLU A 1 12  ? -17.185 19.405  9.975   1.00 42.79 ? 12  GLU A OE2 1 
ATOM   97   N N   . ALA A 1 13  ? -10.630 17.811  9.195   1.00 27.43 ? 13  ALA A N   1 
ATOM   98   C CA  . ALA A 1 13  ? -9.379  17.146  9.602   1.00 26.60 ? 13  ALA A CA  1 
ATOM   99   C C   . ALA A 1 13  ? -8.225  18.043  9.290   1.00 28.35 ? 13  ALA A C   1 
ATOM   100  O O   . ALA A 1 13  ? -7.387  18.154  10.179  1.00 28.70 ? 13  ALA A O   1 
ATOM   101  C CB  . ALA A 1 13  ? -9.217  15.826  8.845   1.00 25.24 ? 13  ALA A CB  1 
ATOM   102  N N   . ARG A 1 14  ? -8.144  18.744  8.135   1.00 29.86 ? 14  ARG A N   1 
ATOM   103  C CA  . ARG A 1 14  ? -7.019  19.668  7.912   1.00 29.76 ? 14  ARG A CA  1 
ATOM   104  C C   . ARG A 1 14  ? -7.039  20.801  8.896   1.00 31.87 ? 14  ARG A C   1 
ATOM   105  O O   . ARG A 1 14  ? -5.996  21.260  9.339   1.00 33.18 ? 14  ARG A O   1 
ATOM   106  C CB  . ARG A 1 14  ? -7.000  20.416  6.646   1.00 27.86 ? 14  ARG A CB  1 
ATOM   107  C CG  . ARG A 1 14  ? -7.008  19.544  5.457   1.00 28.30 ? 14  ARG A CG  1 
ATOM   108  C CD  . ARG A 1 14  ? -6.558  20.429  4.282   1.00 26.72 ? 14  ARG A CD  1 
ATOM   109  N NE  . ARG A 1 14  ? -6.785  19.746  3.025   1.00 24.79 ? 14  ARG A NE  1 
ATOM   110  C CZ  . ARG A 1 14  ? -5.814  19.435  2.184   1.00 24.63 ? 14  ARG A CZ  1 
ATOM   111  N NH1 . ARG A 1 14  ? -4.533  19.728  2.431   1.00 25.82 ? 14  ARG A NH1 1 
ATOM   112  N NH2 . ARG A 1 14  ? -6.160  18.839  1.062   1.00 20.81 ? 14  ARG A NH2 1 
ATOM   113  N N   . GLU A 1 15  ? -8.235  21.246  9.243   1.00 34.50 ? 15  GLU A N   1 
ATOM   114  C CA  . GLU A 1 15  ? -8.441  22.398  10.107  1.00 37.51 ? 15  GLU A CA  1 
ATOM   115  C C   . GLU A 1 15  ? -7.984  22.192  11.553  1.00 36.85 ? 15  GLU A C   1 
ATOM   116  O O   . GLU A 1 15  ? -7.449  23.087  12.220  1.00 37.62 ? 15  GLU A O   1 
ATOM   117  C CB  . GLU A 1 15  ? -9.951  22.726  9.980   1.00 40.77 ? 15  GLU A CB  1 
ATOM   118  C CG  . GLU A 1 15  ? -10.438 24.183  10.067  1.00 46.52 ? 15  GLU A CG  1 
ATOM   119  C CD  . GLU A 1 15  ? -11.807 24.409  9.398   1.00 49.50 ? 15  GLU A CD  1 
ATOM   120  O OE1 . GLU A 1 15  ? -12.813 23.934  9.956   1.00 52.10 ? 15  GLU A OE1 1 
ATOM   121  O OE2 . GLU A 1 15  ? -11.861 25.053  8.326   1.00 49.39 ? 15  GLU A OE2 1 
ATOM   122  N N   . LEU A 1 16  ? -8.289  21.015  12.075  1.00 36.98 ? 16  LEU A N   1 
ATOM   123  C CA  . LEU A 1 16  ? -7.904  20.651  13.411  1.00 37.61 ? 16  LEU A CA  1 
ATOM   124  C C   . LEU A 1 16  ? -6.469  20.242  13.632  1.00 39.49 ? 16  LEU A C   1 
ATOM   125  O O   . LEU A 1 16  ? -6.074  20.033  14.786  1.00 41.32 ? 16  LEU A O   1 
ATOM   126  C CB  . LEU A 1 16  ? -8.779  19.545  13.863  1.00 36.55 ? 16  LEU A CB  1 
ATOM   127  C CG  . LEU A 1 16  ? -10.061 20.035  14.428  1.00 35.18 ? 16  LEU A CG  1 
ATOM   128  C CD1 . LEU A 1 16  ? -11.036 18.885  14.695  1.00 33.62 ? 16  LEU A CD1 1 
ATOM   129  C CD2 . LEU A 1 16  ? -9.680  20.808  15.691  1.00 35.91 ? 16  LEU A CD2 1 
ATOM   130  N N   . ALA A 1 17  ? -5.629  20.082  12.620  1.00 40.09 ? 17  ALA A N   1 
ATOM   131  C CA  . ALA A 1 17  ? -4.275  19.664  12.918  1.00 39.81 ? 17  ALA A CA  1 
ATOM   132  C C   . ALA A 1 17  ? -3.260  20.795  12.997  1.00 40.96 ? 17  ALA A C   1 
ATOM   133  O O   . ALA A 1 17  ? -3.129  21.637  12.094  1.00 40.42 ? 17  ALA A O   1 
ATOM   134  C CB  . ALA A 1 17  ? -3.810  18.689  11.880  1.00 39.16 ? 17  ALA A CB  1 
ATOM   135  N N   . LYS A 1 18  ? -2.503  20.822  14.112  1.00 42.36 ? 18  LYS A N   1 
ATOM   136  C CA  . LYS A 1 18  ? -1.450  21.808  14.269  1.00 42.25 ? 18  LYS A CA  1 
ATOM   137  C C   . LYS A 1 18  ? -0.408  21.493  13.211  1.00 41.99 ? 18  LYS A C   1 
ATOM   138  O O   . LYS A 1 18  ? 0.097   20.367  13.182  1.00 41.98 ? 18  LYS A O   1 
ATOM   139  C CB  . LYS A 1 18  ? -0.798  21.727  15.643  1.00 43.27 ? 18  LYS A CB  1 
ATOM   140  C CG  . LYS A 1 18  ? 0.458   22.633  15.590  1.00 46.01 ? 18  LYS A CG  1 
ATOM   141  C CD  . LYS A 1 18  ? 1.356   22.823  16.821  1.00 48.02 ? 18  LYS A CD  1 
ATOM   142  C CE  . LYS A 1 18  ? 2.772   23.244  16.375  1.00 49.39 ? 18  LYS A CE  1 
ATOM   143  N NZ  . LYS A 1 18  ? 2.751   24.450  15.551  1.00 51.40 ? 18  LYS A NZ  1 
ATOM   144  N N   . PRO A 1 19  ? -0.086  22.423  12.316  1.00 43.15 ? 19  PRO A N   1 
ATOM   145  C CA  . PRO A 1 19  ? 1.064   22.321  11.427  1.00 43.88 ? 19  PRO A CA  1 
ATOM   146  C C   . PRO A 1 19  ? 2.306   21.941  12.230  1.00 44.73 ? 19  PRO A C   1 
ATOM   147  O O   . PRO A 1 19  ? 2.635   22.557  13.252  1.00 45.62 ? 19  PRO A O   1 
ATOM   148  C CB  . PRO A 1 19  ? 1.185   23.690  10.789  1.00 43.06 ? 19  PRO A CB  1 
ATOM   149  C CG  . PRO A 1 19  ? 0.584   24.587  11.857  1.00 42.50 ? 19  PRO A CG  1 
ATOM   150  C CD  . PRO A 1 19  ? -0.653  23.761  12.235  1.00 43.34 ? 19  PRO A CD  1 
ATOM   151  N N   . ARG A 1 20  ? 2.924   20.830  11.850  1.00 45.31 ? 20  ARG A N   1 
ATOM   152  C CA  . ARG A 1 20  ? 4.204   20.455  12.423  1.00 44.66 ? 20  ARG A CA  1 
ATOM   153  C C   . ARG A 1 20  ? 5.230   20.755  11.308  1.00 44.81 ? 20  ARG A C   1 
ATOM   154  O O   . ARG A 1 20  ? 4.903   21.226  10.194  1.00 45.61 ? 20  ARG A O   1 
ATOM   155  C CB  . ARG A 1 20  ? 4.168   18.969  12.787  1.00 45.27 ? 20  ARG A CB  1 
ATOM   156  C CG  . ARG A 1 20  ? 2.882   18.488  13.446  1.00 43.51 ? 20  ARG A CG  1 
ATOM   157  C CD  . ARG A 1 20  ? 2.824   18.743  14.917  1.00 46.32 ? 20  ARG A CD  1 
ATOM   158  N NE  . ARG A 1 20  ? 1.429   18.645  15.340  1.00 49.36 ? 20  ARG A NE  1 
ATOM   159  C CZ  . ARG A 1 20  ? 1.026   18.742  16.633  1.00 51.81 ? 20  ARG A CZ  1 
ATOM   160  N NH1 . ARG A 1 20  ? 1.912   18.913  17.632  1.00 53.45 ? 20  ARG A NH1 1 
ATOM   161  N NH2 . ARG A 1 20  ? -0.292  18.817  16.934  1.00 50.29 ? 20  ARG A NH2 1 
ATOM   162  N N   . ASN A 1 21  ? 6.500   20.433  11.501  1.00 43.63 ? 21  ASN A N   1 
ATOM   163  C CA  . ASN A 1 21  ? 7.492   20.794  10.496  1.00 42.00 ? 21  ASN A CA  1 
ATOM   164  C C   . ASN A 1 21  ? 7.655   19.836  9.314   1.00 39.50 ? 21  ASN A C   1 
ATOM   165  O O   . ASN A 1 21  ? 8.755   19.650  8.785   1.00 38.54 ? 21  ASN A O   1 
ATOM   166  C CB  . ASN A 1 21  ? 8.808   20.983  11.239  1.00 45.68 ? 21  ASN A CB  1 
ATOM   167  C CG  . ASN A 1 21  ? 9.149   22.435  11.535  1.00 48.94 ? 21  ASN A CG  1 
ATOM   168  O OD1 . ASN A 1 21  ? 8.636   23.352  10.884  1.00 50.68 ? 21  ASN A OD1 1 
ATOM   169  N ND2 . ASN A 1 21  ? 10.019  22.703  12.520  1.00 49.92 ? 21  ASN A ND2 1 
ATOM   170  N N   . PHE A 1 22  ? 6.615   19.162  8.841   1.00 35.97 ? 22  PHE A N   1 
ATOM   171  C CA  . PHE A 1 22  ? 6.753   18.196  7.759   1.00 30.93 ? 22  PHE A CA  1 
ATOM   172  C C   . PHE A 1 22  ? 5.394   18.059  7.039   1.00 30.46 ? 22  PHE A C   1 
ATOM   173  O O   . PHE A 1 22  ? 4.365   18.504  7.575   1.00 30.43 ? 22  PHE A O   1 
ATOM   174  C CB  . PHE A 1 22  ? 7.261   16.860  8.394   1.00 26.75 ? 22  PHE A CB  1 
ATOM   175  C CG  . PHE A 1 22  ? 6.293   16.093  9.276   1.00 23.92 ? 22  PHE A CG  1 
ATOM   176  C CD1 . PHE A 1 22  ? 6.068   16.475  10.598  1.00 23.88 ? 22  PHE A CD1 1 
ATOM   177  C CD2 . PHE A 1 22  ? 5.602   15.007  8.735   1.00 23.41 ? 22  PHE A CD2 1 
ATOM   178  C CE1 . PHE A 1 22  ? 5.146   15.763  11.378  1.00 24.24 ? 22  PHE A CE1 1 
ATOM   179  C CE2 . PHE A 1 22  ? 4.685   14.310  9.526   1.00 23.72 ? 22  PHE A CE2 1 
ATOM   180  C CZ  . PHE A 1 22  ? 4.447   14.682  10.851  1.00 22.91 ? 22  PHE A CZ  1 
ATOM   181  N N   . THR A 1 23  ? 5.302   17.527  5.817   1.00 28.84 ? 23  THR A N   1 
ATOM   182  C CA  . THR A 1 23  ? 4.043   17.253  5.149   1.00 28.26 ? 23  THR A CA  1 
ATOM   183  C C   . THR A 1 23  ? 3.378   16.082  5.827   1.00 27.98 ? 23  THR A C   1 
ATOM   184  O O   . THR A 1 23  ? 3.891   14.969  5.774   1.00 31.45 ? 23  THR A O   1 
ATOM   185  C CB  . THR A 1 23  ? 4.284   16.881  3.700   1.00 29.45 ? 23  THR A CB  1 
ATOM   186  O OG1 . THR A 1 23  ? 5.065   17.962  3.225   1.00 30.34 ? 23  THR A OG1 1 
ATOM   187  C CG2 . THR A 1 23  ? 3.033   16.627  2.872   1.00 25.14 ? 23  THR A CG2 1 
ATOM   188  N N   . GLN A 1 24  ? 2.275   16.283  6.521   1.00 27.40 ? 24  GLN A N   1 
ATOM   189  C CA  . GLN A 1 24  ? 1.579   15.174  7.126   1.00 24.99 ? 24  GLN A CA  1 
ATOM   190  C C   . GLN A 1 24  ? 0.870   14.393  6.018   1.00 23.68 ? 24  GLN A C   1 
ATOM   191  O O   . GLN A 1 24  ? 0.896   14.766  4.840   1.00 25.30 ? 24  GLN A O   1 
ATOM   192  C CB  . GLN A 1 24  ? 0.630   15.774  8.181   1.00 24.75 ? 24  GLN A CB  1 
ATOM   193  C CG  . GLN A 1 24  ? 1.333   16.524  9.302   1.00 23.64 ? 24  GLN A CG  1 
ATOM   194  C CD  . GLN A 1 24  ? 0.446   17.148  10.363  1.00 24.16 ? 24  GLN A CD  1 
ATOM   195  O OE1 . GLN A 1 24  ? -0.351  16.470  10.977  1.00 23.76 ? 24  GLN A OE1 1 
ATOM   196  N NE2 . GLN A 1 24  ? 0.514   18.424  10.686  1.00 26.66 ? 24  GLN A NE2 1 
ATOM   197  N N   . SER A 1 25  ? 0.199   13.311  6.359   1.00 23.60 ? 25  SER A N   1 
ATOM   198  C CA  . SER A 1 25  ? -0.465  12.442  5.427   1.00 22.02 ? 25  SER A CA  1 
ATOM   199  C C   . SER A 1 25  ? -1.824  12.238  6.043   1.00 20.43 ? 25  SER A C   1 
ATOM   200  O O   . SER A 1 25  ? -2.033  12.371  7.257   1.00 18.94 ? 25  SER A O   1 
ATOM   201  C CB  . SER A 1 25  ? 0.186   11.083  5.351   1.00 24.12 ? 25  SER A CB  1 
ATOM   202  O OG  . SER A 1 25  ? 1.558   11.023  4.981   1.00 29.91 ? 25  SER A OG  1 
ATOM   203  N N   . PHE A 1 26  ? -2.700  11.843  5.147   1.00 20.16 ? 26  PHE A N   1 
ATOM   204  C CA  . PHE A 1 26  ? -4.050  11.563  5.519   1.00 21.50 ? 26  PHE A CA  1 
ATOM   205  C C   . PHE A 1 26  ? -4.263  10.077  5.625   1.00 22.63 ? 26  PHE A C   1 
ATOM   206  O O   . PHE A 1 26  ? -3.947  9.359   4.657   1.00 21.51 ? 26  PHE A O   1 
ATOM   207  C CB  . PHE A 1 26  ? -5.020  12.075  4.487   1.00 20.94 ? 26  PHE A CB  1 
ATOM   208  C CG  . PHE A 1 26  ? -5.330  13.547  4.541   1.00 21.86 ? 26  PHE A CG  1 
ATOM   209  C CD1 . PHE A 1 26  ? -6.251  14.046  5.467   1.00 23.24 ? 26  PHE A CD1 1 
ATOM   210  C CD2 . PHE A 1 26  ? -4.636  14.409  3.709   1.00 22.43 ? 26  PHE A CD2 1 
ATOM   211  C CE1 . PHE A 1 26  ? -6.463  15.417  5.577   1.00 21.67 ? 26  PHE A CE1 1 
ATOM   212  C CE2 . PHE A 1 26  ? -4.866  15.780  3.833   1.00 23.70 ? 26  PHE A CE2 1 
ATOM   213  C CZ  . PHE A 1 26  ? -5.769  16.282  4.760   1.00 20.55 ? 26  PHE A CZ  1 
ATOM   214  N N   . GLU A 1 27  ? -4.786  9.647   6.780   1.00 23.94 ? 27  GLU A N   1 
ATOM   215  C CA  . GLU A 1 27  ? -5.233  8.277   6.972   1.00 24.17 ? 27  GLU A CA  1 
ATOM   216  C C   . GLU A 1 27  ? -6.748  8.191   7.025   1.00 22.70 ? 27  GLU A C   1 
ATOM   217  O O   . GLU A 1 27  ? -7.406  9.093   7.551   1.00 25.11 ? 27  GLU A O   1 
ATOM   218  C CB  . GLU A 1 27  ? -4.789  7.670   8.258   1.00 28.82 ? 27  GLU A CB  1 
ATOM   219  C CG  . GLU A 1 27  ? -3.551  6.849   8.058   1.00 33.53 ? 27  GLU A CG  1 
ATOM   220  C CD  . GLU A 1 27  ? -2.312  7.532   8.603   1.00 36.66 ? 27  GLU A CD  1 
ATOM   221  O OE1 . GLU A 1 27  ? -2.288  7.765   9.824   1.00 39.94 ? 27  GLU A OE1 1 
ATOM   222  O OE2 . GLU A 1 27  ? -1.396  7.827   7.815   1.00 36.19 ? 27  GLU A OE2 1 
ATOM   223  N N   . PHE A 1 28  ? -7.319  7.124   6.517   1.00 19.45 ? 28  PHE A N   1 
ATOM   224  C CA  . PHE A 1 28  ? -8.726  6.909   6.563   1.00 17.63 ? 28  PHE A CA  1 
ATOM   225  C C   . PHE A 1 28  ? -8.878  5.706   7.446   1.00 17.15 ? 28  PHE A C   1 
ATOM   226  O O   . PHE A 1 28  ? -8.246  4.707   7.155   1.00 18.40 ? 28  PHE A O   1 
ATOM   227  C CB  . PHE A 1 28  ? -9.187  6.633   5.175   1.00 15.25 ? 28  PHE A CB  1 
ATOM   228  C CG  . PHE A 1 28  ? -10.639 6.208   5.075   1.00 16.75 ? 28  PHE A CG  1 
ATOM   229  C CD1 . PHE A 1 28  ? -11.663 7.100   5.405   1.00 16.95 ? 28  PHE A CD1 1 
ATOM   230  C CD2 . PHE A 1 28  ? -10.954 4.909   4.682   1.00 18.03 ? 28  PHE A CD2 1 
ATOM   231  C CE1 . PHE A 1 28  ? -12.998 6.712   5.355   1.00 12.51 ? 28  PHE A CE1 1 
ATOM   232  C CE2 . PHE A 1 28  ? -12.293 4.515   4.632   1.00 16.65 ? 28  PHE A CE2 1 
ATOM   233  C CZ  . PHE A 1 28  ? -13.305 5.425   4.973   1.00 17.69 ? 28  PHE A CZ  1 
ATOM   234  N N   . ILE A 1 29  ? -9.688  5.707   8.491   1.00 18.55 ? 29  ILE A N   1 
ATOM   235  C CA  . ILE A 1 29  ? -9.936  4.569   9.391   1.00 18.64 ? 29  ILE A CA  1 
ATOM   236  C C   . ILE A 1 29  ? -11.368 4.029   9.310   1.00 19.69 ? 29  ILE A C   1 
ATOM   237  O O   . ILE A 1 29  ? -12.258 4.863   9.318   1.00 19.84 ? 29  ILE A O   1 
ATOM   238  C CB  . ILE A 1 29  ? -9.615  5.042   10.817  1.00 17.00 ? 29  ILE A CB  1 
ATOM   239  C CG1 . ILE A 1 29  ? -8.204  5.624   10.798  1.00 15.35 ? 29  ILE A CG1 1 
ATOM   240  C CG2 . ILE A 1 29  ? -9.782  3.903   11.812  1.00 16.28 ? 29  ILE A CG2 1 
ATOM   241  C CD1 . ILE A 1 29  ? -7.812  6.619   11.867  1.00 17.73 ? 29  ILE A CD1 1 
ATOM   242  N N   . ALA A 1 30  ? -11.784 2.777   9.188   1.00 19.81 ? 30  ALA A N   1 
ATOM   243  C CA  . ALA A 1 30  ? -13.218 2.469   9.219   1.00 21.68 ? 30  ALA A CA  1 
ATOM   244  C C   . ALA A 1 30  ? -13.449 1.311   10.173  1.00 22.34 ? 30  ALA A C   1 
ATOM   245  O O   . ALA A 1 30  ? -12.606 0.426   10.163  1.00 24.54 ? 30  ALA A O   1 
ATOM   246  C CB  . ALA A 1 30  ? -13.783 2.027   7.853   1.00 18.91 ? 30  ALA A CB  1 
ATOM   247  N N   . THR A 1 31  ? -14.444 1.186   11.033  1.00 21.87 ? 31  THR A N   1 
ATOM   248  C CA  . THR A 1 31  ? -14.584 -0.008  11.822  1.00 21.14 ? 31  THR A CA  1 
ATOM   249  C C   . THR A 1 31  ? -15.729 -0.750  11.202  1.00 21.88 ? 31  THR A C   1 
ATOM   250  O O   . THR A 1 31  ? -16.609 -0.113  10.653  1.00 22.12 ? 31  THR A O   1 
ATOM   251  C CB  . THR A 1 31  ? -14.839 0.415   13.224  1.00 19.69 ? 31  THR A CB  1 
ATOM   252  O OG1 . THR A 1 31  ? -15.974 1.230   13.187  1.00 22.52 ? 31  THR A OG1 1 
ATOM   253  C CG2 . THR A 1 31  ? -13.767 1.302   13.771  1.00 19.91 ? 31  THR A CG2 1 
ATOM   254  N N   . LEU A 1 32  ? -15.780 -2.076  11.232  1.00 23.58 ? 32  LEU A N   1 
ATOM   255  C CA  . LEU A 1 32  ? -16.804 -2.875  10.585  1.00 22.15 ? 32  LEU A CA  1 
ATOM   256  C C   . LEU A 1 32  ? -17.728 -3.446  11.654  1.00 23.96 ? 32  LEU A C   1 
ATOM   257  O O   . LEU A 1 32  ? -17.430 -3.532  12.858  1.00 24.04 ? 32  LEU A O   1 
ATOM   258  C CB  . LEU A 1 32  ? -16.122 -3.989  9.794   1.00 19.32 ? 32  LEU A CB  1 
ATOM   259  C CG  . LEU A 1 32  ? -15.098 -3.524  8.745   1.00 17.84 ? 32  LEU A CG  1 
ATOM   260  C CD1 . LEU A 1 32  ? -13.966 -4.493  8.585   1.00 15.86 ? 32  LEU A CD1 1 
ATOM   261  C CD2 . LEU A 1 32  ? -15.790 -3.416  7.421   1.00 17.29 ? 32  LEU A CD2 1 
ATOM   262  N N   . LYS A 1 33  ? -18.921 -3.806  11.235  1.00 26.77 ? 33  LYS A N   1 
ATOM   263  C CA  . LYS A 1 33  ? -19.892 -4.372  12.134  1.00 28.91 ? 33  LYS A CA  1 
ATOM   264  C C   . LYS A 1 33  ? -20.525 -5.534  11.408  1.00 29.08 ? 33  LYS A C   1 
ATOM   265  O O   . LYS A 1 33  ? -20.597 -5.558  10.169  1.00 27.64 ? 33  LYS A O   1 
ATOM   266  C CB  . LYS A 1 33  ? -20.966 -3.345  12.508  1.00 32.03 ? 33  LYS A CB  1 
ATOM   267  C CG  . LYS A 1 33  ? -21.845 -2.827  11.369  1.00 32.73 ? 33  LYS A CG  1 
ATOM   268  C CD  . LYS A 1 33  ? -22.738 -1.835  12.013  1.00 33.84 ? 33  LYS A CD  1 
ATOM   269  C CE  . LYS A 1 33  ? -23.806 -1.620  11.006  1.00 34.62 ? 33  LYS A CE  1 
ATOM   270  N NZ  . LYS A 1 33  ? -24.604 -0.508  11.488  1.00 37.53 ? 33  LYS A NZ  1 
ATOM   271  N N   . GLU A 1 34  ? -20.935 -6.507  12.241  1.00 30.57 ? 34  GLU A N   1 
ATOM   272  C CA  . GLU A 1 34  ? -21.597 -7.735  11.830  1.00 31.74 ? 34  GLU A CA  1 
ATOM   273  C C   . GLU A 1 34  ? -20.857 -8.548  10.766  1.00 31.53 ? 34  GLU A C   1 
ATOM   274  O O   . GLU A 1 34  ? -21.401 -8.937  9.722   1.00 32.88 ? 34  GLU A O   1 
ATOM   275  C CB  . GLU A 1 34  ? -22.997 -7.381  11.343  1.00 33.34 ? 34  GLU A CB  1 
ATOM   276  C CG  . GLU A 1 34  ? -23.869 -6.790  12.442  1.00 36.76 ? 34  GLU A CG  1 
ATOM   277  C CD  . GLU A 1 34  ? -25.327 -6.552  12.053  1.00 39.95 ? 34  GLU A CD  1 
ATOM   278  O OE1 . GLU A 1 34  ? -25.794 -7.109  11.039  1.00 40.40 ? 34  GLU A OE1 1 
ATOM   279  O OE2 . GLU A 1 34  ? -25.993 -5.811  12.794  1.00 41.29 ? 34  GLU A OE2 1 
ATOM   280  N N   . ILE A 1 35  ? -19.568 -8.744  11.010  1.00 30.89 ? 35  ILE A N   1 
ATOM   281  C CA  . ILE A 1 35  ? -18.731 -9.545  10.153  1.00 30.51 ? 35  ILE A CA  1 
ATOM   282  C C   . ILE A 1 35  ? -17.897 -10.343 11.125  1.00 29.36 ? 35  ILE A C   1 
ATOM   283  O O   . ILE A 1 35  ? -17.215 -9.782  11.981  1.00 27.67 ? 35  ILE A O   1 
ATOM   284  C CB  . ILE A 1 35  ? -17.830 -8.650  9.276   1.00 32.25 ? 35  ILE A CB  1 
ATOM   285  C CG1 . ILE A 1 35  ? -18.610 -8.103  8.104   1.00 31.63 ? 35  ILE A CG1 1 
ATOM   286  C CG2 . ILE A 1 35  ? -16.672 -9.451  8.705   1.00 31.72 ? 35  ILE A CG2 1 
ATOM   287  C CD1 . ILE A 1 35  ? -17.776 -6.919  7.629   1.00 33.20 ? 35  ILE A CD1 1 
ATOM   288  N N   . ASP A 1 36  ? -17.948 -11.663 11.044  1.00 31.82 ? 36  ASP A N   1 
ATOM   289  C CA  . ASP A 1 36  ? -17.100 -12.473 11.926  1.00 33.14 ? 36  ASP A CA  1 
ATOM   290  C C   . ASP A 1 36  ? -15.677 -12.695 11.386  1.00 32.11 ? 36  ASP A C   1 
ATOM   291  O O   . ASP A 1 36  ? -15.428 -13.529 10.487  1.00 31.78 ? 36  ASP A O   1 
ATOM   292  C CB  . ASP A 1 36  ? -17.764 -13.849 12.199  1.00 34.52 ? 36  ASP A CB  1 
ATOM   293  C CG  . ASP A 1 36  ? -17.040 -14.716 13.236  1.00 38.22 ? 36  ASP A CG  1 
ATOM   294  O OD1 . ASP A 1 36  ? -16.256 -14.221 14.065  1.00 41.50 ? 36  ASP A OD1 1 
ATOM   295  O OD2 . ASP A 1 36  ? -17.278 -15.922 13.216  1.00 39.81 ? 36  ASP A OD2 1 
ATOM   296  N N   . MET A 1 37  ? -14.735 -11.983 12.021  1.00 31.34 ? 37  MET A N   1 
ATOM   297  C CA  . MET A 1 37  ? -13.324 -12.067 11.642  1.00 31.91 ? 37  MET A CA  1 
ATOM   298  C C   . MET A 1 37  ? -12.649 -13.339 12.124  1.00 32.06 ? 37  MET A C   1 
ATOM   299  O O   . MET A 1 37  ? -11.442 -13.504 11.959  1.00 32.82 ? 37  MET A O   1 
ATOM   300  C CB  . MET A 1 37  ? -12.582 -10.820 12.178  1.00 32.58 ? 37  MET A CB  1 
ATOM   301  C CG  . MET A 1 37  ? -11.819 -9.944  11.157  1.00 32.18 ? 37  MET A CG  1 
ATOM   302  S SD  . MET A 1 37  ? -12.773 -9.292  9.770   1.00 34.01 ? 37  MET A SD  1 
ATOM   303  C CE  . MET A 1 37  ? -13.946 -8.466  10.810  1.00 31.31 ? 37  MET A CE  1 
ATOM   304  N N   . ARG A 1 38  ? -13.410 -14.254 12.731  1.00 31.40 ? 38  ARG A N   1 
ATOM   305  C CA  . ARG A 1 38  ? -12.874 -15.559 13.076  1.00 32.58 ? 38  ARG A CA  1 
ATOM   306  C C   . ARG A 1 38  ? -12.930 -16.351 11.797  1.00 31.13 ? 38  ARG A C   1 
ATOM   307  O O   . ARG A 1 38  ? -12.033 -17.168 11.638  1.00 32.67 ? 38  ARG A O   1 
ATOM   308  C CB  . ARG A 1 38  ? -13.691 -16.320 14.151  1.00 35.29 ? 38  ARG A CB  1 
ATOM   309  C CG  . ARG A 1 38  ? -13.430 -15.890 15.604  1.00 39.56 ? 38  ARG A CG  1 
ATOM   310  C CD  . ARG A 1 38  ? -14.583 -16.457 16.430  1.00 43.83 ? 38  ARG A CD  1 
ATOM   311  N NE  . ARG A 1 38  ? -14.138 -17.338 17.526  1.00 49.57 ? 38  ARG A NE  1 
ATOM   312  C CZ  . ARG A 1 38  ? -14.637 -18.590 17.798  1.00 52.19 ? 38  ARG A CZ  1 
ATOM   313  N NH1 . ARG A 1 38  ? -15.612 -19.198 17.060  1.00 49.83 ? 38  ARG A NH1 1 
ATOM   314  N NH2 . ARG A 1 38  ? -14.124 -19.262 18.857  1.00 53.76 ? 38  ARG A NH2 1 
ATOM   315  N N   . LYS A 1 39  ? -13.917 -16.164 10.900  1.00 29.44 ? 39  LYS A N   1 
ATOM   316  C CA  . LYS A 1 39  ? -13.890 -16.803 9.594   1.00 29.35 ? 39  LYS A CA  1 
ATOM   317  C C   . LYS A 1 39  ? -12.813 -16.151 8.684   1.00 30.38 ? 39  LYS A C   1 
ATOM   318  O O   . LYS A 1 39  ? -12.976 -15.000 8.242   1.00 29.46 ? 39  LYS A O   1 
ATOM   319  C CB  . LYS A 1 39  ? -15.209 -16.667 8.883   1.00 29.09 ? 39  LYS A CB  1 
ATOM   320  C CG  . LYS A 1 39  ? -16.444 -17.208 9.552   1.00 32.49 ? 39  LYS A CG  1 
ATOM   321  C CD  . LYS A 1 39  ? -17.616 -17.021 8.564   1.00 34.55 ? 39  LYS A CD  1 
ATOM   322  C CE  . LYS A 1 39  ? -18.924 -17.689 9.025   1.00 37.98 ? 39  LYS A CE  1 
ATOM   323  N NZ  . LYS A 1 39  ? -19.357 -17.296 10.369  1.00 39.50 ? 39  LYS A NZ  1 
ATOM   324  N N   . PRO A 1 40  ? -11.709 -16.809 8.290   1.00 30.62 ? 40  PRO A N   1 
ATOM   325  C CA  . PRO A 1 40  ? -10.600 -16.229 7.563   1.00 32.01 ? 40  PRO A CA  1 
ATOM   326  C C   . PRO A 1 40  ? -11.026 -15.618 6.246   1.00 32.22 ? 40  PRO A C   1 
ATOM   327  O O   . PRO A 1 40  ? -10.373 -14.697 5.772   1.00 34.47 ? 40  PRO A O   1 
ATOM   328  C CB  . PRO A 1 40  ? -9.633  -17.349 7.352   1.00 31.66 ? 40  PRO A CB  1 
ATOM   329  C CG  . PRO A 1 40  ? -10.005 -18.382 8.348   1.00 30.34 ? 40  PRO A CG  1 
ATOM   330  C CD  . PRO A 1 40  ? -11.514 -18.256 8.337   1.00 30.85 ? 40  PRO A CD  1 
ATOM   331  N N   . GLU A 1 41  ? -12.114 -16.046 5.620   1.00 33.43 ? 41  GLU A N   1 
ATOM   332  C CA  . GLU A 1 41  ? -12.539 -15.462 4.347   1.00 34.50 ? 41  GLU A CA  1 
ATOM   333  C C   . GLU A 1 41  ? -13.095 -14.049 4.526   1.00 33.96 ? 41  GLU A C   1 
ATOM   334  O O   . GLU A 1 41  ? -13.328 -13.341 3.547   1.00 33.06 ? 41  GLU A O   1 
ATOM   335  C CB  . GLU A 1 41  ? -13.636 -16.287 3.688   1.00 37.03 ? 41  GLU A CB  1 
ATOM   336  C CG  . GLU A 1 41  ? -13.303 -17.787 3.569   1.00 45.60 ? 41  GLU A CG  1 
ATOM   337  C CD  . GLU A 1 41  ? -14.406 -18.728 3.019   1.00 49.79 ? 41  GLU A CD  1 
ATOM   338  O OE1 . GLU A 1 41  ? -15.613 -18.417 3.205   1.00 52.85 ? 41  GLU A OE1 1 
ATOM   339  O OE2 . GLU A 1 41  ? -14.022 -19.771 2.425   1.00 49.70 ? 41  GLU A OE2 1 
ATOM   340  N N   . ASN A 1 42  ? -13.374 -13.645 5.773   1.00 33.10 ? 42  ASN A N   1 
ATOM   341  C CA  . ASN A 1 42  ? -13.990 -12.360 6.047   1.00 31.41 ? 42  ASN A CA  1 
ATOM   342  C C   . ASN A 1 42  ? -12.970 -11.266 6.259   1.00 30.93 ? 42  ASN A C   1 
ATOM   343  O O   . ASN A 1 42  ? -13.318 -10.085 6.364   1.00 30.65 ? 42  ASN A O   1 
ATOM   344  C CB  . ASN A 1 42  ? -14.898 -12.433 7.286   1.00 28.54 ? 42  ASN A CB  1 
ATOM   345  C CG  . ASN A 1 42  ? -16.303 -12.920 6.984   1.00 28.74 ? 42  ASN A CG  1 
ATOM   346  O OD1 . ASN A 1 42  ? -16.865 -12.783 5.897   1.00 30.25 ? 42  ASN A OD1 1 
ATOM   347  N ND2 . ASN A 1 42  ? -16.946 -13.521 7.964   1.00 29.39 ? 42  ASN A ND2 1 
ATOM   348  N N   . ARG A 1 43  ? -11.709 -11.643 6.282   1.00 29.97 ? 43  ARG A N   1 
ATOM   349  C CA  . ARG A 1 43  ? -10.642 -10.692 6.460   1.00 30.95 ? 43  ARG A CA  1 
ATOM   350  C C   . ARG A 1 43  ? -10.282 -9.970  5.142   1.00 31.49 ? 43  ARG A C   1 
ATOM   351  O O   . ARG A 1 43  ? -10.499 -10.517 4.051   1.00 31.69 ? 43  ARG A O   1 
ATOM   352  C CB  . ARG A 1 43  ? -9.445  -11.453 7.011   1.00 33.13 ? 43  ARG A CB  1 
ATOM   353  C CG  . ARG A 1 43  ? -9.753  -12.188 8.316   1.00 33.65 ? 43  ARG A CG  1 
ATOM   354  C CD  . ARG A 1 43  ? -8.564  -12.941 8.839   1.00 32.02 ? 43  ARG A CD  1 
ATOM   355  N NE  . ARG A 1 43  ? -9.006  -13.536 10.073  1.00 34.57 ? 43  ARG A NE  1 
ATOM   356  C CZ  . ARG A 1 43  ? -8.422  -14.601 10.606  1.00 35.60 ? 43  ARG A CZ  1 
ATOM   357  N NH1 . ARG A 1 43  ? -7.373  -15.176 10.034  1.00 36.81 ? 43  ARG A NH1 1 
ATOM   358  N NH2 . ARG A 1 43  ? -8.969  -15.157 11.688  1.00 36.61 ? 43  ARG A NH2 1 
ATOM   359  N N   . ILE A 1 44  ? -9.730  -8.745  5.144   1.00 29.56 ? 44  ILE A N   1 
ATOM   360  C CA  . ILE A 1 44  ? -9.409  -8.100  3.902   1.00 28.39 ? 44  ILE A CA  1 
ATOM   361  C C   . ILE A 1 44  ? -7.913  -7.929  3.912   1.00 28.72 ? 44  ILE A C   1 
ATOM   362  O O   . ILE A 1 44  ? -7.275  -7.487  4.878   1.00 27.10 ? 44  ILE A O   1 
ATOM   363  C CB  . ILE A 1 44  ? -10.120 -6.732  3.819   1.00 28.97 ? 44  ILE A CB  1 
ATOM   364  C CG1 . ILE A 1 44  ? -11.615 -6.876  4.056   1.00 28.76 ? 44  ILE A CG1 1 
ATOM   365  C CG2 . ILE A 1 44  ? -9.883  -6.130  2.419   1.00 28.64 ? 44  ILE A CG2 1 
ATOM   366  C CD1 . ILE A 1 44  ? -12.362 -5.535  3.999   1.00 29.65 ? 44  ILE A CD1 1 
ATOM   367  N N   . LYS A 1 45  ? -7.327  -8.265  2.800   1.00 30.01 ? 45  LYS A N   1 
ATOM   368  C CA  . LYS A 1 45  ? -5.901  -8.069  2.613   1.00 31.79 ? 45  LYS A CA  1 
ATOM   369  C C   . LYS A 1 45  ? -5.956  -7.702  1.143   1.00 31.61 ? 45  LYS A C   1 
ATOM   370  O O   . LYS A 1 45  ? -6.045  -8.643  0.357   1.00 32.07 ? 45  LYS A O   1 
ATOM   371  C CB  . LYS A 1 45  ? -5.196  -9.409  2.881   1.00 34.17 ? 45  LYS A CB  1 
ATOM   372  C CG  . LYS A 1 45  ? -3.747  -9.598  2.518   1.00 35.68 ? 45  LYS A CG  1 
ATOM   373  C CD  . LYS A 1 45  ? -2.867  -9.252  3.691   1.00 38.69 ? 45  LYS A CD  1 
ATOM   374  C CE  . LYS A 1 45  ? -1.486  -9.770  3.348   1.00 40.18 ? 45  LYS A CE  1 
ATOM   375  N NZ  . LYS A 1 45  ? -1.507  -11.228 3.385   1.00 42.05 ? 45  LYS A NZ  1 
ATOM   376  N N   . THR A 1 46  ? -6.013  -6.474  0.722   1.00 30.69 ? 46  THR A N   1 
ATOM   377  C CA  . THR A 1 46  ? -6.144  -6.191  -0.714  1.00 30.81 ? 46  THR A CA  1 
ATOM   378  C C   . THR A 1 46  ? -5.261  -4.997  -1.091  1.00 30.50 ? 46  THR A C   1 
ATOM   379  O O   . THR A 1 46  ? -4.848  -4.284  -0.173  1.00 31.49 ? 46  THR A O   1 
ATOM   380  C CB  . THR A 1 46  ? -7.602  -5.874  -1.051  1.00 31.62 ? 46  THR A CB  1 
ATOM   381  O OG1 . THR A 1 46  ? -8.035  -4.739  -0.316  1.00 33.86 ? 46  THR A OG1 1 
ATOM   382  C CG2 . THR A 1 46  ? -8.554  -7.024  -0.723  1.00 32.75 ? 46  THR A CG2 1 
ATOM   383  N N   . GLU A 1 47  ? -4.980  -4.850  -2.344  1.00 29.91 ? 47  GLU A N   1 
ATOM   384  C CA  . GLU A 1 47  ? -4.200  -3.749  -2.845  1.00 27.15 ? 47  GLU A CA  1 
ATOM   385  C C   . GLU A 1 47  ? -5.215  -2.881  -3.537  1.00 25.47 ? 47  GLU A C   1 
ATOM   386  O O   . GLU A 1 47  ? -6.097  -3.432  -4.203  1.00 25.13 ? 47  GLU A O   1 
ATOM   387  C CB  . GLU A 1 47  ? -3.151  -4.266  -3.834  1.00 28.73 ? 47  GLU A CB  1 
ATOM   388  C CG  . GLU A 1 47  ? -1.824  -4.650  -3.116  1.00 31.01 ? 47  GLU A CG  1 
ATOM   389  C CD  . GLU A 1 47  ? -0.744  -5.441  -3.881  1.00 31.50 ? 47  GLU A CD  1 
ATOM   390  O OE1 . GLU A 1 47  ? -0.839  -5.581  -5.100  1.00 30.39 ? 47  GLU A OE1 1 
ATOM   391  O OE2 . GLU A 1 47  ? 0.202   -5.921  -3.235  1.00 31.50 ? 47  GLU A OE2 1 
ATOM   392  N N   . VAL A 1 48  ? -5.132  -1.563  -3.361  1.00 23.49 ? 48  VAL A N   1 
ATOM   393  C CA  . VAL A 1 48  ? -6.025  -0.618  -4.039  1.00 22.01 ? 48  VAL A CA  1 
ATOM   394  C C   . VAL A 1 48  ? -5.140  0.308   -4.871  1.00 19.30 ? 48  VAL A C   1 
ATOM   395  O O   . VAL A 1 48  ? -4.174  0.815   -4.320  1.00 18.19 ? 48  VAL A O   1 
ATOM   396  C CB  . VAL A 1 48  ? -6.820  0.260   -3.022  1.00 21.07 ? 48  VAL A CB  1 
ATOM   397  C CG1 . VAL A 1 48  ? -7.973  0.896   -3.717  1.00 21.24 ? 48  VAL A CG1 1 
ATOM   398  C CG2 . VAL A 1 48  ? -7.453  -0.549  -1.944  1.00 23.64 ? 48  VAL A CG2 1 
ATOM   399  N N   . VAL A 1 49  ? -5.297  0.562   -6.156  1.00 18.27 ? 49  VAL A N   1 
ATOM   400  C CA  . VAL A 1 49  ? -4.533  1.626   -6.781  1.00 19.93 ? 49  VAL A CA  1 
ATOM   401  C C   . VAL A 1 49  ? -5.359  2.893   -6.517  1.00 22.08 ? 49  VAL A C   1 
ATOM   402  O O   . VAL A 1 49  ? -6.556  3.036   -6.878  1.00 22.76 ? 49  VAL A O   1 
ATOM   403  C CB  . VAL A 1 49  ? -4.413  1.448   -8.303  1.00 20.65 ? 49  VAL A CB  1 
ATOM   404  C CG1 . VAL A 1 49  ? -3.626  2.570   -8.991  1.00 16.13 ? 49  VAL A CG1 1 
ATOM   405  C CG2 . VAL A 1 49  ? -3.731  0.125   -8.494  1.00 21.99 ? 49  VAL A CG2 1 
ATOM   406  N N   . LEU A 1 50  ? -4.743  3.842   -5.847  1.00 21.32 ? 50  LEU A N   1 
ATOM   407  C CA  . LEU A 1 50  ? -5.468  5.046   -5.523  1.00 20.70 ? 50  LEU A CA  1 
ATOM   408  C C   . LEU A 1 50  ? -5.520  5.868   -6.802  1.00 22.77 ? 50  LEU A C   1 
ATOM   409  O O   . LEU A 1 50  ? -4.451  5.986   -7.419  1.00 21.48 ? 50  LEU A O   1 
ATOM   410  C CB  . LEU A 1 50  ? -4.707  5.741   -4.419  1.00 18.25 ? 50  LEU A CB  1 
ATOM   411  C CG  . LEU A 1 50  ? -4.638  5.121   -3.014  1.00 14.74 ? 50  LEU A CG  1 
ATOM   412  C CD1 . LEU A 1 50  ? -3.795  5.980   -2.094  1.00 11.75 ? 50  LEU A CD1 1 
ATOM   413  C CD2 . LEU A 1 50  ? -6.015  5.061   -2.411  1.00 11.93 ? 50  LEU A CD2 1 
ATOM   414  N N   . PRO A 1 51  ? -6.658  6.460   -7.235  1.00 24.33 ? 51  PRO A N   1 
ATOM   415  C CA  . PRO A 1 51  ? -6.800  7.307   -8.424  1.00 25.68 ? 51  PRO A CA  1 
ATOM   416  C C   . PRO A 1 51  ? -5.792  8.419   -8.509  1.00 26.01 ? 51  PRO A C   1 
ATOM   417  O O   . PRO A 1 51  ? -5.411  8.754   -9.622  1.00 27.92 ? 51  PRO A O   1 
ATOM   418  C CB  . PRO A 1 51  ? -8.175  7.888   -8.386  1.00 25.22 ? 51  PRO A CB  1 
ATOM   419  C CG  . PRO A 1 51  ? -8.897  6.815   -7.638  1.00 25.18 ? 51  PRO A CG  1 
ATOM   420  C CD  . PRO A 1 51  ? -7.909  6.536   -6.517  1.00 24.62 ? 51  PRO A CD  1 
ATOM   421  N N   . HIS A 1 52  ? -5.374  9.071   -7.400  1.00 27.48 ? 52  HIS A N   1 
ATOM   422  C CA  . HIS A 1 52  ? -4.406  10.171  -7.450  1.00 25.83 ? 52  HIS A CA  1 
ATOM   423  C C   . HIS A 1 52  ? -3.136  9.825   -6.725  1.00 24.20 ? 52  HIS A C   1 
ATOM   424  O O   . HIS A 1 52  ? -2.408  10.752  -6.365  1.00 25.84 ? 52  HIS A O   1 
ATOM   425  C CB  . HIS A 1 52  ? -4.990  11.514  -6.829  1.00 26.42 ? 52  HIS A CB  1 
ATOM   426  C CG  . HIS A 1 52  ? -6.325  11.892  -7.470  1.00 26.08 ? 52  HIS A CG  1 
ATOM   427  N ND1 . HIS A 1 52  ? -6.612  12.152  -8.741  1.00 28.82 ? 52  HIS A ND1 1 
ATOM   428  C CD2 . HIS A 1 52  ? -7.524  11.843  -6.824  1.00 26.82 ? 52  HIS A CD2 1 
ATOM   429  C CE1 . HIS A 1 52  ? -7.909  12.232  -8.885  1.00 27.43 ? 52  HIS A CE1 1 
ATOM   430  N NE2 . HIS A 1 52  ? -8.440  12.044  -7.722  1.00 26.55 ? 52  HIS A NE2 1 
ATOM   431  N N   . GLY A 1 53  ? -2.796  8.561   -6.480  1.00 22.92 ? 53  GLY A N   1 
ATOM   432  C CA  . GLY A 1 53  ? -1.550  8.282   -5.806  1.00 19.46 ? 53  GLY A CA  1 
ATOM   433  C C   . GLY A 1 53  ? -1.659  8.549   -4.340  1.00 21.18 ? 53  GLY A C   1 
ATOM   434  O O   . GLY A 1 53  ? -2.690  8.996   -3.842  1.00 22.83 ? 53  GLY A O   1 
ATOM   435  N N   . ARG A 1 54  ? -0.517  8.374   -3.702  1.00 22.12 ? 54  ARG A N   1 
ATOM   436  C CA  . ARG A 1 54  ? -0.342  8.303   -2.258  1.00 24.13 ? 54  ARG A CA  1 
ATOM   437  C C   . ARG A 1 54  ? 0.124   9.564   -1.576  1.00 25.18 ? 54  ARG A C   1 
ATOM   438  O O   . ARG A 1 54  ? 0.090   9.753   -0.356  1.00 27.01 ? 54  ARG A O   1 
ATOM   439  C CB  . ARG A 1 54  ? 0.704   7.219   -1.922  1.00 25.89 ? 54  ARG A CB  1 
ATOM   440  C CG  . ARG A 1 54  ? 0.558   5.802   -2.535  1.00 26.51 ? 54  ARG A CG  1 
ATOM   441  C CD  . ARG A 1 54  ? 1.865   4.969   -2.514  1.00 24.96 ? 54  ARG A CD  1 
ATOM   442  N NE  . ARG A 1 54  ? 1.913   4.001   -1.428  1.00 27.38 ? 54  ARG A NE  1 
ATOM   443  C CZ  . ARG A 1 54  ? 2.749   4.124   -0.411  1.00 27.31 ? 54  ARG A CZ  1 
ATOM   444  N NH1 . ARG A 1 54  ? 3.608   5.140   -0.303  1.00 31.99 ? 54  ARG A NH1 1 
ATOM   445  N NH2 . ARG A 1 54  ? 2.712   3.219   0.521   1.00 28.45 ? 54  ARG A NH2 1 
ATOM   446  N N   . GLY A 1 55  ? 0.747   10.389  -2.381  1.00 26.43 ? 55  GLY A N   1 
ATOM   447  C CA  . GLY A 1 55  ? 1.439   11.551  -1.879  1.00 27.99 ? 55  GLY A CA  1 
ATOM   448  C C   . GLY A 1 55  ? 2.823   11.443  -2.476  1.00 30.63 ? 55  GLY A C   1 
ATOM   449  O O   . GLY A 1 55  ? 3.107   12.037  -3.514  1.00 31.74 ? 55  GLY A O   1 
ATOM   450  N N   . LYS A 1 56  ? 3.660   10.636  -1.821  1.00 32.40 ? 56  LYS A N   1 
ATOM   451  C CA  . LYS A 1 56  ? 4.940   10.249  -2.364  1.00 32.35 ? 56  LYS A CA  1 
ATOM   452  C C   . LYS A 1 56  ? 4.700   8.782   -2.669  1.00 31.85 ? 56  LYS A C   1 
ATOM   453  O O   . LYS A 1 56  ? 4.042   7.992   -1.963  1.00 30.09 ? 56  LYS A O   1 
ATOM   454  C CB  . LYS A 1 56  ? 6.076   10.398  -1.369  1.00 34.09 ? 56  LYS A CB  1 
ATOM   455  C CG  . LYS A 1 56  ? 5.852   9.756   -0.011  1.00 38.83 ? 56  LYS A CG  1 
ATOM   456  C CD  . LYS A 1 56  ? 7.150   9.812   0.784   1.00 43.16 ? 56  LYS A CD  1 
ATOM   457  C CE  . LYS A 1 56  ? 7.104   8.835   1.968   1.00 46.07 ? 56  LYS A CE  1 
ATOM   458  N NZ  . LYS A 1 56  ? 8.419   8.675   2.596   1.00 48.20 ? 56  LYS A NZ  1 
ATOM   459  N N   . GLU A 1 57  ? 5.181   8.606   -3.884  1.00 31.21 ? 57  GLU A N   1 
ATOM   460  C CA  . GLU A 1 57  ? 5.143   7.358   -4.613  1.00 31.37 ? 57  GLU A CA  1 
ATOM   461  C C   . GLU A 1 57  ? 5.902   6.273   -3.904  1.00 27.65 ? 57  GLU A C   1 
ATOM   462  O O   . GLU A 1 57  ? 6.891   6.519   -3.223  1.00 28.20 ? 57  GLU A O   1 
ATOM   463  C CB  . GLU A 1 57  ? 5.742   7.530   -6.003  1.00 32.77 ? 57  GLU A CB  1 
ATOM   464  C CG  . GLU A 1 57  ? 4.994   8.505   -6.903  1.00 38.81 ? 57  GLU A CG  1 
ATOM   465  C CD  . GLU A 1 57  ? 5.599   8.655   -8.305  1.00 41.55 ? 57  GLU A CD  1 
ATOM   466  O OE1 . GLU A 1 57  ? 6.820   8.851   -8.417  1.00 44.30 ? 57  GLU A OE1 1 
ATOM   467  O OE2 . GLU A 1 57  ? 4.838   8.557   -9.286  1.00 41.86 ? 57  GLU A OE2 1 
ATOM   468  N N   . ALA A 1 58  ? 5.348   5.094   -4.092  1.00 26.62 ? 58  ALA A N   1 
ATOM   469  C CA  . ALA A 1 58  ? 5.886   3.862   -3.548  1.00 25.92 ? 58  ALA A CA  1 
ATOM   470  C C   . ALA A 1 58  ? 7.218   3.548   -4.184  1.00 24.67 ? 58  ALA A C   1 
ATOM   471  O O   . ALA A 1 58  ? 7.249   3.539   -5.405  1.00 27.92 ? 58  ALA A O   1 
ATOM   472  C CB  . ALA A 1 58  ? 4.959   2.694   -3.853  1.00 25.32 ? 58  ALA A CB  1 
ATOM   473  N N   . LYS A 1 59  ? 8.315   3.321   -3.451  1.00 23.04 ? 59  LYS A N   1 
ATOM   474  C CA  . LYS A 1 59  ? 9.585   2.887   -4.032  1.00 21.76 ? 59  LYS A CA  1 
ATOM   475  C C   . LYS A 1 59  ? 9.516   1.394   -4.339  1.00 20.61 ? 59  LYS A C   1 
ATOM   476  O O   . LYS A 1 59  ? 9.161   0.584   -3.486  1.00 19.59 ? 59  LYS A O   1 
ATOM   477  C CB  . LYS A 1 59  ? 10.699  3.127   -3.075  1.00 24.53 ? 59  LYS A CB  1 
ATOM   478  C CG  . LYS A 1 59  ? 10.670  4.547   -2.514  1.00 29.72 ? 59  LYS A CG  1 
ATOM   479  C CD  . LYS A 1 59  ? 11.722  5.350   -3.280  1.00 39.24 ? 59  LYS A CD  1 
ATOM   480  C CE  . LYS A 1 59  ? 11.854  6.863   -2.964  1.00 42.41 ? 59  LYS A CE  1 
ATOM   481  N NZ  . LYS A 1 59  ? 13.056  7.359   -3.631  1.00 45.79 ? 59  LYS A NZ  1 
ATOM   482  N N   . ILE A 1 60  ? 9.818   0.997   -5.568  1.00 18.33 ? 60  ILE A N   1 
ATOM   483  C CA  . ILE A 1 60  ? 9.769   -0.357  -6.042  1.00 15.96 ? 60  ILE A CA  1 
ATOM   484  C C   . ILE A 1 60  ? 11.199  -0.883  -6.291  1.00 17.19 ? 60  ILE A C   1 
ATOM   485  O O   . ILE A 1 60  ? 12.064  -0.070  -6.621  1.00 18.00 ? 60  ILE A O   1 
ATOM   486  C CB  . ILE A 1 60  ? 8.927   -0.283  -7.275  1.00 16.41 ? 60  ILE A CB  1 
ATOM   487  C CG1 . ILE A 1 60  ? 7.548   0.256   -6.923  1.00 15.87 ? 60  ILE A CG1 1 
ATOM   488  C CG2 . ILE A 1 60  ? 8.918   -1.651  -7.937  1.00 14.79 ? 60  ILE A CG2 1 
ATOM   489  C CD1 . ILE A 1 60  ? 6.775   0.431   -8.185  1.00 14.94 ? 60  ILE A CD1 1 
ATOM   490  N N   . ALA A 1 61  ? 11.591  -2.155  -6.024  1.00 16.83 ? 61  ALA A N   1 
ATOM   491  C CA  . ALA A 1 61  ? 12.914  -2.697  -6.362  1.00 16.24 ? 61  ALA A CA  1 
ATOM   492  C C   . ALA A 1 61  ? 12.643  -3.840  -7.298  1.00 15.75 ? 61  ALA A C   1 
ATOM   493  O O   . ALA A 1 61  ? 11.558  -4.444  -7.232  1.00 17.51 ? 61  ALA A O   1 
ATOM   494  C CB  . ALA A 1 61  ? 13.670  -3.267  -5.180  1.00 16.85 ? 61  ALA A CB  1 
ATOM   495  N N   . VAL A 1 62  ? 13.527  -4.152  -8.230  1.00 14.91 ? 62  VAL A N   1 
ATOM   496  C CA  . VAL A 1 62  ? 13.272  -5.223  -9.184  1.00 16.02 ? 62  VAL A CA  1 
ATOM   497  C C   . VAL A 1 62  ? 14.386  -6.193  -8.967  1.00 16.45 ? 62  VAL A C   1 
ATOM   498  O O   . VAL A 1 62  ? 15.531  -5.729  -8.891  1.00 16.05 ? 62  VAL A O   1 
ATOM   499  C CB  . VAL A 1 62  ? 13.323  -4.698  -10.643 1.00 18.05 ? 62  VAL A CB  1 
ATOM   500  C CG1 . VAL A 1 62  ? 13.299  -5.806  -11.697 1.00 18.39 ? 62  VAL A CG1 1 
ATOM   501  C CG2 . VAL A 1 62  ? 12.062  -3.851  -10.862 1.00 17.18 ? 62  VAL A CG2 1 
ATOM   502  N N   . ILE A 1 63  ? 14.098  -7.480  -8.748  1.00 17.12 ? 63  ILE A N   1 
ATOM   503  C CA  . ILE A 1 63  ? 15.167  -8.480  -8.657  1.00 17.27 ? 63  ILE A CA  1 
ATOM   504  C C   . ILE A 1 63  ? 15.150  -9.283  -9.984  1.00 16.88 ? 63  ILE A C   1 
ATOM   505  O O   . ILE A 1 63  ? 14.135  -9.925  -10.347 1.00 16.14 ? 63  ILE A O   1 
ATOM   506  C CB  . ILE A 1 63  ? 14.938  -9.450  -7.442  1.00 19.00 ? 63  ILE A CB  1 
ATOM   507  C CG1 . ILE A 1 63  ? 14.687  -8.611  -6.191  1.00 17.80 ? 63  ILE A CG1 1 
ATOM   508  C CG2 . ILE A 1 63  ? 16.201  -10.373 -7.195  1.00 17.73 ? 63  ILE A CG2 1 
ATOM   509  C CD1 . ILE A 1 63  ? 13.862  -9.389  -5.149  1.00 17.77 ? 63  ILE A CD1 1 
ATOM   510  N N   . GLY A 1 64  ? 16.220  -9.265  -10.790 1.00 16.56 ? 64  GLY A N   1 
ATOM   511  C CA  . GLY A 1 64  ? 16.134  -10.022 -12.014 1.00 17.91 ? 64  GLY A CA  1 
ATOM   512  C C   . GLY A 1 64  ? 17.342  -9.828  -12.856 1.00 20.26 ? 64  GLY A C   1 
ATOM   513  O O   . GLY A 1 64  ? 18.313  -9.211  -12.442 1.00 19.56 ? 64  GLY A O   1 
ATOM   514  N N   . THR A 1 65  ? 17.303  -10.304 -14.076 1.00 22.66 ? 65  THR A N   1 
ATOM   515  C CA  . THR A 1 65  ? 18.447  -10.154 -14.958 1.00 25.77 ? 65  THR A CA  1 
ATOM   516  C C   . THR A 1 65  ? 17.888  -9.823  -16.328 1.00 27.22 ? 65  THR A C   1 
ATOM   517  O O   . THR A 1 65  ? 16.676  -9.924  -16.602 1.00 28.52 ? 65  THR A O   1 
ATOM   518  C CB  . THR A 1 65  ? 19.302  -11.482 -15.158 1.00 26.41 ? 65  THR A CB  1 
ATOM   519  O OG1 . THR A 1 65  ? 18.374  -12.552 -14.962 1.00 26.23 ? 65  THR A OG1 1 
ATOM   520  C CG2 . THR A 1 65  ? 20.593  -11.519 -14.369 1.00 26.52 ? 65  THR A CG2 1 
ATOM   521  N N   . GLY A 1 66  ? 18.822  -9.456  -17.201 1.00 26.56 ? 66  GLY A N   1 
ATOM   522  C CA  . GLY A 1 66  ? 18.537  -9.395  -18.620 1.00 26.75 ? 66  GLY A CA  1 
ATOM   523  C C   . GLY A 1 66  ? 17.848  -8.114  -18.939 1.00 26.28 ? 66  GLY A C   1 
ATOM   524  O O   . GLY A 1 66  ? 18.284  -7.065  -18.445 1.00 27.48 ? 66  GLY A O   1 
ATOM   525  N N   . ASP A 1 67  ? 16.737  -8.269  -19.667 1.00 24.64 ? 67  ASP A N   1 
ATOM   526  C CA  . ASP A 1 67  ? 15.978  -7.121  -20.094 1.00 24.36 ? 67  ASP A CA  1 
ATOM   527  C C   . ASP A 1 67  ? 15.098  -6.695  -18.959 1.00 24.44 ? 67  ASP A C   1 
ATOM   528  O O   . ASP A 1 67  ? 14.847  -5.505  -18.901 1.00 24.08 ? 67  ASP A O   1 
ATOM   529  C CB  . ASP A 1 67  ? 15.096  -7.405  -21.301 1.00 24.42 ? 67  ASP A CB  1 
ATOM   530  C CG  . ASP A 1 67  ? 14.568  -6.164  -22.034 1.00 24.23 ? 67  ASP A CG  1 
ATOM   531  O OD1 . ASP A 1 67  ? 15.329  -5.245  -22.288 1.00 24.22 ? 67  ASP A OD1 1 
ATOM   532  O OD2 . ASP A 1 67  ? 13.391  -6.118  -22.373 1.00 26.36 ? 67  ASP A OD2 1 
ATOM   533  N N   . LEU A 1 68  ? 14.658  -7.548  -18.014 1.00 26.21 ? 68  LEU A N   1 
ATOM   534  C CA  . LEU A 1 68  ? 13.902  -7.126  -16.831 1.00 24.30 ? 68  LEU A CA  1 
ATOM   535  C C   . LEU A 1 68  ? 14.693  -6.138  -16.018 1.00 24.08 ? 68  LEU A C   1 
ATOM   536  O O   . LEU A 1 68  ? 14.187  -5.076  -15.643 1.00 26.20 ? 68  LEU A O   1 
ATOM   537  C CB  . LEU A 1 68  ? 13.582  -8.265  -15.931 1.00 23.25 ? 68  LEU A CB  1 
ATOM   538  C CG  . LEU A 1 68  ? 12.397  -7.953  -15.091 1.00 24.23 ? 68  LEU A CG  1 
ATOM   539  C CD1 . LEU A 1 68  ? 11.104  -7.838  -15.891 1.00 23.85 ? 68  LEU A CD1 1 
ATOM   540  C CD2 . LEU A 1 68  ? 12.234  -9.113  -14.176 1.00 27.92 ? 68  LEU A CD2 1 
ATOM   541  N N   . ALA A 1 69  ? 15.968  -6.441  -15.854 1.00 22.11 ? 69  ALA A N   1 
ATOM   542  C CA  . ALA A 1 69  ? 16.864  -5.549  -15.167 1.00 23.35 ? 69  ALA A CA  1 
ATOM   543  C C   . ALA A 1 69  ? 17.215  -4.350  -16.014 1.00 23.84 ? 69  ALA A C   1 
ATOM   544  O O   . ALA A 1 69  ? 17.593  -3.348  -15.399 1.00 25.66 ? 69  ALA A O   1 
ATOM   545  C CB  . ALA A 1 69  ? 18.203  -6.218  -14.778 1.00 24.19 ? 69  ALA A CB  1 
ATOM   546  N N   . LYS A 1 70  ? 17.167  -4.371  -17.361 1.00 23.37 ? 70  LYS A N   1 
ATOM   547  C CA  . LYS A 1 70  ? 17.353  -3.147  -18.168 1.00 22.52 ? 70  LYS A CA  1 
ATOM   548  C C   . LYS A 1 70  ? 16.144  -2.260  -18.126 1.00 19.58 ? 70  LYS A C   1 
ATOM   549  O O   . LYS A 1 70  ? 16.258  -1.049  -18.022 1.00 16.91 ? 70  LYS A O   1 
ATOM   550  C CB  . LYS A 1 70  ? 17.605  -3.453  -19.617 1.00 26.92 ? 70  LYS A CB  1 
ATOM   551  C CG  . LYS A 1 70  ? 19.076  -3.745  -19.717 1.00 32.94 ? 70  LYS A CG  1 
ATOM   552  C CD  . LYS A 1 70  ? 19.492  -3.908  -21.183 1.00 37.59 ? 70  LYS A CD  1 
ATOM   553  C CE  . LYS A 1 70  ? 21.007  -3.607  -21.309 1.00 40.52 ? 70  LYS A CE  1 
ATOM   554  N NZ  . LYS A 1 70  ? 21.885  -4.520  -20.567 1.00 41.31 ? 70  LYS A NZ  1 
ATOM   555  N N   . GLN A 1 71  ? 14.952  -2.835  -18.208 1.00 19.88 ? 71  GLN A N   1 
ATOM   556  C CA  . GLN A 1 71  ? 13.725  -2.079  -18.112 1.00 19.28 ? 71  GLN A CA  1 
ATOM   557  C C   . GLN A 1 71  ? 13.711  -1.434  -16.746 1.00 21.76 ? 71  GLN A C   1 
ATOM   558  O O   . GLN A 1 71  ? 13.498  -0.232  -16.651 1.00 22.86 ? 71  GLN A O   1 
ATOM   559  C CB  . GLN A 1 71  ? 12.534  -2.972  -18.229 1.00 18.63 ? 71  GLN A CB  1 
ATOM   560  C CG  . GLN A 1 71  ? 12.278  -3.566  -19.569 1.00 20.76 ? 71  GLN A CG  1 
ATOM   561  C CD  . GLN A 1 71  ? 11.019  -4.395  -19.540 1.00 21.56 ? 71  GLN A CD  1 
ATOM   562  O OE1 . GLN A 1 71  ? 9.929   -3.857  -19.397 1.00 25.02 ? 71  GLN A OE1 1 
ATOM   563  N NE2 . GLN A 1 71  ? 11.016  -5.708  -19.642 1.00 21.98 ? 71  GLN A NE2 1 
ATOM   564  N N   . ALA A 1 72  ? 13.992  -2.133  -15.642 1.00 23.43 ? 72  ALA A N   1 
ATOM   565  C CA  . ALA A 1 72  ? 14.071  -1.517  -14.325 1.00 23.13 ? 72  ALA A CA  1 
ATOM   566  C C   . ALA A 1 72  ? 15.084  -0.382  -14.281 1.00 24.45 ? 72  ALA A C   1 
ATOM   567  O O   . ALA A 1 72  ? 14.668  0.665   -13.788 1.00 24.57 ? 72  ALA A O   1 
ATOM   568  C CB  . ALA A 1 72  ? 14.460  -2.538  -13.271 1.00 21.02 ? 72  ALA A CB  1 
ATOM   569  N N   . GLU A 1 73  ? 16.345  -0.402  -14.757 1.00 26.99 ? 73  GLU A N   1 
ATOM   570  C CA  . GLU A 1 73  ? 17.182  0.797   -14.723 1.00 28.71 ? 73  GLU A CA  1 
ATOM   571  C C   . GLU A 1 73  ? 16.717  1.850   -15.733 1.00 29.01 ? 73  GLU A C   1 
ATOM   572  O O   . GLU A 1 73  ? 17.024  3.028   -15.509 1.00 28.46 ? 73  GLU A O   1 
ATOM   573  C CB  . GLU A 1 73  ? 18.650  0.505   -15.017 1.00 33.31 ? 73  GLU A CB  1 
ATOM   574  C CG  . GLU A 1 73  ? 18.943  0.154   -16.484 1.00 41.17 ? 73  GLU A CG  1 
ATOM   575  C CD  . GLU A 1 73  ? 20.366  -0.315  -16.848 1.00 43.88 ? 73  GLU A CD  1 
ATOM   576  O OE1 . GLU A 1 73  ? 20.862  -1.260  -16.199 1.00 45.09 ? 73  GLU A OE1 1 
ATOM   577  O OE2 . GLU A 1 73  ? 20.942  0.243   -17.805 1.00 44.41 ? 73  GLU A OE2 1 
ATOM   578  N N   . GLU A 1 74  ? 15.988  1.544   -16.825 1.00 27.38 ? 74  GLU A N   1 
ATOM   579  C CA  . GLU A 1 74  ? 15.468  2.605   -17.674 1.00 26.68 ? 74  GLU A CA  1 
ATOM   580  C C   . GLU A 1 74  ? 14.345  3.362   -16.976 1.00 25.87 ? 74  GLU A C   1 
ATOM   581  O O   . GLU A 1 74  ? 14.199  4.576   -17.158 1.00 27.02 ? 74  GLU A O   1 
ATOM   582  C CB  . GLU A 1 74  ? 14.930  2.055   -18.946 1.00 26.26 ? 74  GLU A CB  1 
ATOM   583  C CG  . GLU A 1 74  ? 16.017  1.701   -19.915 1.00 30.01 ? 74  GLU A CG  1 
ATOM   584  C CD  . GLU A 1 74  ? 15.500  0.798   -21.009 1.00 33.03 ? 74  GLU A CD  1 
ATOM   585  O OE1 . GLU A 1 74  ? 14.449  1.083   -21.587 1.00 35.78 ? 74  GLU A OE1 1 
ATOM   586  O OE2 . GLU A 1 74  ? 16.139  -0.221  -21.280 1.00 33.72 ? 74  GLU A OE2 1 
ATOM   587  N N   . LEU A 1 75  ? 13.539  2.724   -16.126 1.00 23.24 ? 75  LEU A N   1 
ATOM   588  C CA  . LEU A 1 75  ? 12.493  3.434   -15.385 1.00 20.78 ? 75  LEU A CA  1 
ATOM   589  C C   . LEU A 1 75  ? 13.001  4.075   -14.100 1.00 19.54 ? 75  LEU A C   1 
ATOM   590  O O   . LEU A 1 75  ? 12.266  4.606   -13.275 1.00 21.54 ? 75  LEU A O   1 
ATOM   591  C CB  . LEU A 1 75  ? 11.369  2.438   -15.088 1.00 20.84 ? 75  LEU A CB  1 
ATOM   592  C CG  . LEU A 1 75  ? 10.661  1.777   -16.282 1.00 18.92 ? 75  LEU A CG  1 
ATOM   593  C CD1 . LEU A 1 75  ? 9.824   0.587   -15.856 1.00 16.94 ? 75  LEU A CD1 1 
ATOM   594  C CD2 . LEU A 1 75  ? 9.831   2.843   -16.959 1.00 18.89 ? 75  LEU A CD2 1 
ATOM   595  N N   . GLY A 1 76  ? 14.294  3.993   -13.850 1.00 19.65 ? 76  GLY A N   1 
ATOM   596  C CA  . GLY A 1 76  ? 14.883  4.594   -12.679 1.00 18.52 ? 76  GLY A CA  1 
ATOM   597  C C   . GLY A 1 76  ? 14.727  3.790   -11.412 1.00 19.35 ? 76  GLY A C   1 
ATOM   598  O O   . GLY A 1 76  ? 14.950  4.384   -10.368 1.00 19.71 ? 76  GLY A O   1 
ATOM   599  N N   . LEU A 1 77  ? 14.414  2.475   -11.401 1.00 19.73 ? 77  LEU A N   1 
ATOM   600  C CA  . LEU A 1 77  ? 14.188  1.663   -10.198 1.00 17.84 ? 77  LEU A CA  1 
ATOM   601  C C   . LEU A 1 77  ? 15.453  1.016   -9.625  1.00 19.75 ? 77  LEU A C   1 
ATOM   602  O O   . LEU A 1 77  ? 16.487  0.896   -10.281 1.00 22.46 ? 77  LEU A O   1 
ATOM   603  C CB  . LEU A 1 77  ? 13.171  0.555   -10.515 1.00 13.56 ? 77  LEU A CB  1 
ATOM   604  C CG  . LEU A 1 77  ? 11.909  0.998   -11.198 1.00 13.11 ? 77  LEU A CG  1 
ATOM   605  C CD1 . LEU A 1 77  ? 11.009  -0.127  -11.495 1.00 11.71 ? 77  LEU A CD1 1 
ATOM   606  C CD2 . LEU A 1 77  ? 11.221  1.972   -10.290 1.00 15.54 ? 77  LEU A CD2 1 
ATOM   607  N N   . THR A 1 78  ? 15.444  0.570   -8.357  1.00 22.14 ? 78  THR A N   1 
ATOM   608  C CA  . THR A 1 78  ? 16.535  -0.160  -7.697  1.00 21.33 ? 78  THR A CA  1 
ATOM   609  C C   . THR A 1 78  ? 16.521  -1.474  -8.442  1.00 21.42 ? 78  THR A C   1 
ATOM   610  O O   . THR A 1 78  ? 15.419  -1.992  -8.644  1.00 22.56 ? 78  THR A O   1 
ATOM   611  C CB  . THR A 1 78  ? 16.226  -0.456  -6.189  1.00 23.10 ? 78  THR A CB  1 
ATOM   612  O OG1 . THR A 1 78  ? 16.083  0.839   -5.582  1.00 23.53 ? 78  THR A OG1 1 
ATOM   613  C CG2 . THR A 1 78  ? 17.272  -1.336  -5.457  1.00 20.15 ? 78  THR A CG2 1 
ATOM   614  N N   . VAL A 1 79  ? 17.670  -2.012  -8.826  1.00 22.04 ? 79  VAL A N   1 
ATOM   615  C CA  . VAL A 1 79  ? 17.771  -3.279  -9.507  1.00 20.80 ? 79  VAL A CA  1 
ATOM   616  C C   . VAL A 1 79  ? 18.599  -4.124  -8.549  1.00 19.80 ? 79  VAL A C   1 
ATOM   617  O O   . VAL A 1 79  ? 19.693  -3.727  -8.134  1.00 17.87 ? 79  VAL A O   1 
ATOM   618  C CB  . VAL A 1 79  ? 18.562  -3.193  -10.871 1.00 20.76 ? 79  VAL A CB  1 
ATOM   619  C CG1 . VAL A 1 79  ? 18.333  -4.547  -11.533 1.00 20.72 ? 79  VAL A CG1 1 
ATOM   620  C CG2 . VAL A 1 79  ? 18.100  -2.085  -11.837 1.00 20.80 ? 79  VAL A CG2 1 
ATOM   621  N N   . ILE A 1 80  ? 18.117  -5.277  -8.138  1.00 20.18 ? 80  ILE A N   1 
ATOM   622  C CA  . ILE A 1 80  ? 18.984  -6.200  -7.444  1.00 20.48 ? 80  ILE A CA  1 
ATOM   623  C C   . ILE A 1 80  ? 19.128  -7.352  -8.418  1.00 19.40 ? 80  ILE A C   1 
ATOM   624  O O   . ILE A 1 80  ? 18.156  -7.963  -8.850  1.00 21.10 ? 80  ILE A O   1 
ATOM   625  C CB  . ILE A 1 80  ? 18.350  -6.658  -6.158  1.00 20.56 ? 80  ILE A CB  1 
ATOM   626  C CG1 . ILE A 1 80  ? 18.204  -5.476  -5.243  1.00 19.05 ? 80  ILE A CG1 1 
ATOM   627  C CG2 . ILE A 1 80  ? 19.221  -7.705  -5.485  1.00 19.73 ? 80  ILE A CG2 1 
ATOM   628  C CD1 . ILE A 1 80  ? 17.252  -5.945  -4.166  1.00 21.67 ? 80  ILE A CD1 1 
ATOM   629  N N   . ARG A 1 81  ? 20.352  -7.596  -8.804  1.00 20.72 ? 81  ARG A N   1 
ATOM   630  C CA  . ARG A 1 81  ? 20.683  -8.614  -9.775  1.00 25.56 ? 81  ARG A CA  1 
ATOM   631  C C   . ARG A 1 81  ? 20.831  -9.988  -9.215  1.00 24.80 ? 81  ARG A C   1 
ATOM   632  O O   . ARG A 1 81  ? 21.276  -10.144 -8.090  1.00 25.81 ? 81  ARG A O   1 
ATOM   633  C CB  . ARG A 1 81  ? 21.978  -8.269  -10.466 1.00 29.37 ? 81  ARG A CB  1 
ATOM   634  C CG  . ARG A 1 81  ? 21.719  -7.079  -11.313 1.00 33.38 ? 81  ARG A CG  1 
ATOM   635  C CD  . ARG A 1 81  ? 22.981  -6.559  -11.850 1.00 37.00 ? 81  ARG A CD  1 
ATOM   636  N NE  . ARG A 1 81  ? 22.534  -5.747  -12.963 1.00 41.33 ? 81  ARG A NE  1 
ATOM   637  C CZ  . ARG A 1 81  ? 22.440  -4.412  -12.862 1.00 42.93 ? 81  ARG A CZ  1 
ATOM   638  N NH1 . ARG A 1 81  ? 22.761  -3.763  -11.707 1.00 42.59 ? 81  ARG A NH1 1 
ATOM   639  N NH2 . ARG A 1 81  ? 22.006  -3.742  -13.956 1.00 42.52 ? 81  ARG A NH2 1 
ATOM   640  N N   . LYS A 1 82  ? 20.610  -10.946 -10.083 1.00 25.54 ? 82  LYS A N   1 
ATOM   641  C CA  . LYS A 1 82  ? 20.720  -12.361 -9.843  1.00 29.72 ? 82  LYS A CA  1 
ATOM   642  C C   . LYS A 1 82  ? 21.955  -12.816 -9.062  1.00 32.78 ? 82  LYS A C   1 
ATOM   643  O O   . LYS A 1 82  ? 21.911  -13.817 -8.323  1.00 35.63 ? 82  LYS A O   1 
ATOM   644  C CB  . LYS A 1 82  ? 20.688  -13.042 -11.193 1.00 29.23 ? 82  LYS A CB  1 
ATOM   645  C CG  . LYS A 1 82  ? 20.275  -14.504 -11.149 1.00 31.00 ? 82  LYS A CG  1 
ATOM   646  C CD  . LYS A 1 82  ? 21.434  -15.486 -11.223 1.00 34.84 ? 82  LYS A CD  1 
ATOM   647  C CE  . LYS A 1 82  ? 21.076  -16.676 -12.128 1.00 36.91 ? 82  LYS A CE  1 
ATOM   648  N NZ  . LYS A 1 82  ? 20.749  -16.253 -13.493 1.00 37.79 ? 82  LYS A NZ  1 
ATOM   649  N N   . GLU A 1 83  ? 23.069  -12.107 -9.238  1.00 33.07 ? 83  GLU A N   1 
ATOM   650  C CA  . GLU A 1 83  ? 24.303  -12.487 -8.573  1.00 33.86 ? 83  GLU A CA  1 
ATOM   651  C C   . GLU A 1 83  ? 24.325  -11.993 -7.149  1.00 34.29 ? 83  GLU A C   1 
ATOM   652  O O   . GLU A 1 83  ? 25.095  -12.475 -6.316  1.00 36.43 ? 83  GLU A O   1 
ATOM   653  C CB  . GLU A 1 83  ? 25.539  -11.939 -9.305  1.00 36.81 ? 83  GLU A CB  1 
ATOM   654  C CG  . GLU A 1 83  ? 25.485  -10.601 -10.075 1.00 40.15 ? 83  GLU A CG  1 
ATOM   655  C CD  . GLU A 1 83  ? 24.893  -10.612 -11.505 1.00 43.51 ? 83  GLU A CD  1 
ATOM   656  O OE1 . GLU A 1 83  ? 24.286  -11.611 -11.935 1.00 45.68 ? 83  GLU A OE1 1 
ATOM   657  O OE2 . GLU A 1 83  ? 25.037  -9.586  -12.197 1.00 45.63 ? 83  GLU A OE2 1 
ATOM   658  N N   . GLU A 1 84  ? 23.432  -11.065 -6.832  1.00 32.12 ? 84  GLU A N   1 
ATOM   659  C CA  . GLU A 1 84  ? 23.390  -10.492 -5.514  1.00 30.21 ? 84  GLU A CA  1 
ATOM   660  C C   . GLU A 1 84  ? 22.542  -11.154 -4.461  1.00 27.46 ? 84  GLU A C   1 
ATOM   661  O O   . GLU A 1 84  ? 22.710  -10.831 -3.283  1.00 25.52 ? 84  GLU A O   1 
ATOM   662  C CB  . GLU A 1 84  ? 22.968  -9.090  -5.657  1.00 33.48 ? 84  GLU A CB  1 
ATOM   663  C CG  . GLU A 1 84  ? 23.980  -8.243  -6.382  1.00 35.51 ? 84  GLU A CG  1 
ATOM   664  C CD  . GLU A 1 84  ? 23.349  -6.910  -6.726  1.00 37.26 ? 84  GLU A CD  1 
ATOM   665  O OE1 . GLU A 1 84  ? 23.189  -6.068  -5.840  1.00 38.56 ? 84  GLU A OE1 1 
ATOM   666  O OE2 . GLU A 1 84  ? 22.987  -6.741  -7.888  1.00 38.10 ? 84  GLU A OE2 1 
ATOM   667  N N   . ILE A 1 85  ? 21.679  -12.082 -4.867  1.00 24.91 ? 85  ILE A N   1 
ATOM   668  C CA  . ILE A 1 85  ? 20.717  -12.732 -4.007  1.00 24.22 ? 85  ILE A CA  1 
ATOM   669  C C   . ILE A 1 85  ? 21.376  -13.359 -2.790  1.00 26.84 ? 85  ILE A C   1 
ATOM   670  O O   . ILE A 1 85  ? 21.092  -12.994 -1.635  1.00 25.77 ? 85  ILE A O   1 
ATOM   671  C CB  . ILE A 1 85  ? 19.946  -13.762 -4.864  1.00 21.94 ? 85  ILE A CB  1 
ATOM   672  C CG1 . ILE A 1 85  ? 19.119  -13.022 -5.900  1.00 21.96 ? 85  ILE A CG1 1 
ATOM   673  C CG2 . ILE A 1 85  ? 18.963  -14.530 -4.045  1.00 22.03 ? 85  ILE A CG2 1 
ATOM   674  C CD1 . ILE A 1 85  ? 18.309  -13.796 -6.929  1.00 19.78 ? 85  ILE A CD1 1 
ATOM   675  N N   . GLU A 1 86  ? 22.333  -14.261 -3.071  1.00 28.73 ? 86  GLU A N   1 
ATOM   676  C CA  . GLU A 1 86  ? 23.121  -14.941 -2.061  1.00 28.60 ? 86  GLU A CA  1 
ATOM   677  C C   . GLU A 1 86  ? 23.917  -14.002 -1.207  1.00 29.80 ? 86  GLU A C   1 
ATOM   678  O O   . GLU A 1 86  ? 23.931  -14.114 0.016   1.00 31.02 ? 86  GLU A O   1 
ATOM   679  C CB  . GLU A 1 86  ? 24.077  -15.853 -2.668  1.00 29.63 ? 86  GLU A CB  1 
ATOM   680  C CG  . GLU A 1 86  ? 23.437  -17.071 -3.280  1.00 34.52 ? 86  GLU A CG  1 
ATOM   681  C CD  . GLU A 1 86  ? 24.403  -18.257 -3.376  1.00 39.61 ? 86  GLU A CD  1 
ATOM   682  O OE1 . GLU A 1 86  ? 25.570  -18.165 -2.924  1.00 40.36 ? 86  GLU A OE1 1 
ATOM   683  O OE2 . GLU A 1 86  ? 23.960  -19.297 -3.887  1.00 41.03 ? 86  GLU A OE2 1 
ATOM   684  N N   . GLU A 1 87  ? 24.542  -13.019 -1.831  1.00 30.28 ? 87  GLU A N   1 
ATOM   685  C CA  . GLU A 1 87  ? 25.332  -12.012 -1.141  1.00 31.60 ? 87  GLU A CA  1 
ATOM   686  C C   . GLU A 1 87  ? 24.504  -11.174 -0.156  1.00 31.32 ? 87  GLU A C   1 
ATOM   687  O O   . GLU A 1 87  ? 25.034  -10.639 0.826   1.00 31.61 ? 87  GLU A O   1 
ATOM   688  C CB  . GLU A 1 87  ? 25.958  -11.123 -2.180  1.00 36.28 ? 87  GLU A CB  1 
ATOM   689  C CG  . GLU A 1 87  ? 26.766  -11.859 -3.290  1.00 42.54 ? 87  GLU A CG  1 
ATOM   690  C CD  . GLU A 1 87  ? 27.390  -10.954 -4.372  1.00 44.89 ? 87  GLU A CD  1 
ATOM   691  O OE1 . GLU A 1 87  ? 27.826  -9.837  -4.063  1.00 45.95 ? 87  GLU A OE1 1 
ATOM   692  O OE2 . GLU A 1 87  ? 27.449  -11.365 -5.538  1.00 46.47 ? 87  GLU A OE2 1 
ATOM   693  N N   . LEU A 1 88  ? 23.193  -11.016 -0.415  1.00 30.47 ? 88  LEU A N   1 
ATOM   694  C CA  . LEU A 1 88  ? 22.268  -10.298 0.461   1.00 29.81 ? 88  LEU A CA  1 
ATOM   695  C C   . LEU A 1 88  ? 21.666  -11.206 1.530   1.00 30.03 ? 88  LEU A C   1 
ATOM   696  O O   . LEU A 1 88  ? 21.468  -10.752 2.656   1.00 30.51 ? 88  LEU A O   1 
ATOM   697  C CB  . LEU A 1 88  ? 21.105  -9.627  -0.368  1.00 27.14 ? 88  LEU A CB  1 
ATOM   698  C CG  . LEU A 1 88  ? 21.398  -8.369  -1.181  1.00 21.38 ? 88  LEU A CG  1 
ATOM   699  C CD1 . LEU A 1 88  ? 20.173  -7.991  -1.938  1.00 20.32 ? 88  LEU A CD1 1 
ATOM   700  C CD2 . LEU A 1 88  ? 21.826  -7.253  -0.263  1.00 19.31 ? 88  LEU A CD2 1 
ATOM   701  N N   . GLY A 1 89  ? 21.419  -12.487 1.247   1.00 30.95 ? 89  GLY A N   1 
ATOM   702  C CA  . GLY A 1 89  ? 20.924  -13.442 2.237   1.00 33.01 ? 89  GLY A CA  1 
ATOM   703  C C   . GLY A 1 89  ? 21.966  -13.770 3.313   1.00 34.44 ? 89  GLY A C   1 
ATOM   704  O O   . GLY A 1 89  ? 21.680  -14.424 4.320   1.00 37.30 ? 89  GLY A O   1 
ATOM   705  N N   . LYS A 1 90  ? 23.216  -13.399 3.090   1.00 33.42 ? 90  LYS A N   1 
ATOM   706  C CA  . LYS A 1 90  ? 24.269  -13.599 4.039   1.00 33.93 ? 90  LYS A CA  1 
ATOM   707  C C   . LYS A 1 90  ? 24.613  -12.275 4.668   1.00 32.86 ? 90  LYS A C   1 
ATOM   708  O O   . LYS A 1 90  ? 25.385  -12.236 5.617   1.00 35.08 ? 90  LYS A O   1 
ATOM   709  C CB  . LYS A 1 90  ? 25.498  -14.167 3.337   1.00 37.18 ? 90  LYS A CB  1 
ATOM   710  C CG  . LYS A 1 90  ? 25.220  -15.531 2.597   1.00 42.08 ? 90  LYS A CG  1 
ATOM   711  C CD  . LYS A 1 90  ? 26.480  -16.090 1.898   1.00 43.19 ? 90  LYS A CD  1 
ATOM   712  C CE  . LYS A 1 90  ? 26.181  -17.394 1.152   1.00 45.66 ? 90  LYS A CE  1 
ATOM   713  N NZ  . LYS A 1 90  ? 27.189  -17.690 0.123   1.00 46.82 ? 90  LYS A NZ  1 
ATOM   714  N N   . ASN A 1 91  ? 24.109  -11.137 4.230   1.00 32.10 ? 91  ASN A N   1 
ATOM   715  C CA  . ASN A 1 91  ? 24.457  -9.870  4.833   1.00 30.34 ? 91  ASN A CA  1 
ATOM   716  C C   . ASN A 1 91  ? 23.105  -9.296  5.216   1.00 28.94 ? 91  ASN A C   1 
ATOM   717  O O   . ASN A 1 91  ? 22.568  -8.431  4.542   1.00 28.28 ? 91  ASN A O   1 
ATOM   718  C CB  . ASN A 1 91  ? 25.158  -9.040  3.801   1.00 31.84 ? 91  ASN A CB  1 
ATOM   719  C CG  . ASN A 1 91  ? 25.656  -7.695  4.287   1.00 35.05 ? 91  ASN A CG  1 
ATOM   720  O OD1 . ASN A 1 91  ? 25.376  -7.223  5.388   1.00 37.47 ? 91  ASN A OD1 1 
ATOM   721  N ND2 . ASN A 1 91  ? 26.421  -6.983  3.471   1.00 36.26 ? 91  ASN A ND2 1 
ATOM   722  N N   . LYS A 1 92  ? 22.522  -9.790  6.317   1.00 29.53 ? 92  LYS A N   1 
ATOM   723  C CA  . LYS A 1 92  ? 21.209  -9.389  6.813   1.00 27.98 ? 92  LYS A CA  1 
ATOM   724  C C   . LYS A 1 92  ? 21.129  -7.957  7.334   1.00 28.04 ? 92  LYS A C   1 
ATOM   725  O O   . LYS A 1 92  ? 20.035  -7.388  7.324   1.00 28.91 ? 92  LYS A O   1 
ATOM   726  C CB  . LYS A 1 92  ? 20.768  -10.351 7.895   1.00 25.57 ? 92  LYS A CB  1 
ATOM   727  C CG  . LYS A 1 92  ? 20.676  -11.675 7.209   1.00 24.00 ? 92  LYS A CG  1 
ATOM   728  C CD  . LYS A 1 92  ? 19.673  -12.614 7.815   1.00 24.48 ? 92  LYS A CD  1 
ATOM   729  C CE  . LYS A 1 92  ? 19.807  -14.069 7.288   1.00 23.62 ? 92  LYS A CE  1 
ATOM   730  N NZ  . LYS A 1 92  ? 21.157  -14.598 7.472   1.00 25.66 ? 92  LYS A NZ  1 
ATOM   731  N N   . ARG A 1 93  ? 22.210  -7.318  7.782   1.00 27.19 ? 93  ARG A N   1 
ATOM   732  C CA  . ARG A 1 93  ? 22.204  -5.891  8.068   1.00 28.06 ? 93  ARG A CA  1 
ATOM   733  C C   . ARG A 1 93  ? 21.825  -5.062  6.828   1.00 28.50 ? 93  ARG A C   1 
ATOM   734  O O   . ARG A 1 93  ? 21.066  -4.087  6.918   1.00 28.03 ? 93  ARG A O   1 
ATOM   735  C CB  . ARG A 1 93  ? 23.580  -5.442  8.599   1.00 29.97 ? 93  ARG A CB  1 
ATOM   736  C CG  . ARG A 1 93  ? 23.630  -3.965  8.992   1.00 35.55 ? 93  ARG A CG  1 
ATOM   737  C CD  . ARG A 1 93  ? 24.808  -3.636  9.914   1.00 43.02 ? 93  ARG A CD  1 
ATOM   738  N NE  . ARG A 1 93  ? 24.832  -4.468  11.126  1.00 52.18 ? 93  ARG A NE  1 
ATOM   739  C CZ  . ARG A 1 93  ? 25.853  -4.508  11.995  1.00 55.16 ? 93  ARG A CZ  1 
ATOM   740  N NH1 . ARG A 1 93  ? 26.953  -3.768  11.803  1.00 55.52 ? 93  ARG A NH1 1 
ATOM   741  N NH2 . ARG A 1 93  ? 25.868  -5.266  13.101  1.00 55.80 ? 93  ARG A NH2 1 
ATOM   742  N N   . LYS A 1 94  ? 22.348  -5.449  5.675   1.00 28.29 ? 94  LYS A N   1 
ATOM   743  C CA  . LYS A 1 94  ? 22.064  -4.718  4.422   1.00 27.08 ? 94  LYS A CA  1 
ATOM   744  C C   . LYS A 1 94  ? 20.645  -5.014  3.924   1.00 25.49 ? 94  LYS A C   1 
ATOM   745  O O   . LYS A 1 94  ? 19.883  -4.096  3.585   1.00 26.28 ? 94  LYS A O   1 
ATOM   746  C CB  . LYS A 1 94  ? 23.033  -5.104  3.303   1.00 30.02 ? 94  LYS A CB  1 
ATOM   747  C CG  . LYS A 1 94  ? 22.725  -4.356  1.999   1.00 33.57 ? 94  LYS A CG  1 
ATOM   748  C CD  . LYS A 1 94  ? 23.738  -4.613  0.883   1.00 37.95 ? 94  LYS A CD  1 
ATOM   749  C CE  . LYS A 1 94  ? 23.405  -3.851  -0.404  1.00 43.51 ? 94  LYS A CE  1 
ATOM   750  N NZ  . LYS A 1 94  ? 24.343  -4.131  -1.500  1.00 45.55 ? 94  LYS A NZ  1 
ATOM   751  N N   . LEU A 1 95  ? 20.324  -6.294  3.888   1.00 23.50 ? 95  LEU A N   1 
ATOM   752  C CA  . LEU A 1 95  ? 19.010  -6.765  3.420   1.00 23.44 ? 95  LEU A CA  1 
ATOM   753  C C   . LEU A 1 95  ? 17.884  -6.034  4.157   1.00 23.73 ? 95  LEU A C   1 
ATOM   754  O O   . LEU A 1 95  ? 16.905  -5.586  3.542   1.00 23.33 ? 95  LEU A O   1 
ATOM   755  C CB  . LEU A 1 95  ? 18.854  -8.265  3.671   1.00 22.07 ? 95  LEU A CB  1 
ATOM   756  C CG  . LEU A 1 95  ? 17.508  -8.807  3.180   1.00 26.19 ? 95  LEU A CG  1 
ATOM   757  C CD1 . LEU A 1 95  ? 17.225  -8.465  1.715   1.00 25.58 ? 95  LEU A CD1 1 
ATOM   758  C CD2 . LEU A 1 95  ? 17.402  -10.329 3.278   1.00 24.77 ? 95  LEU A CD2 1 
ATOM   759  N N   . ARG A 1 96  ? 18.059  -5.937  5.461   1.00 24.39 ? 96  ARG A N   1 
ATOM   760  C CA  . ARG A 1 96  ? 17.088  -5.280  6.349   1.00 24.21 ? 96  ARG A CA  1 
ATOM   761  C C   . ARG A 1 96  ? 16.894  -3.820  5.932   1.00 24.40 ? 96  ARG A C   1 
ATOM   762  O O   . ARG A 1 96  ? 15.781  -3.278  6.005   1.00 24.00 ? 96  ARG A O   1 
ATOM   763  C CB  . ARG A 1 96  ? 17.583  -5.325  7.795   1.00 23.68 ? 96  ARG A CB  1 
ATOM   764  C CG  . ARG A 1 96  ? 16.769  -6.277  8.672   1.00 23.72 ? 96  ARG A CG  1 
ATOM   765  C CD  . ARG A 1 96  ? 16.986  -6.046  10.169  1.00 21.36 ? 96  ARG A CD  1 
ATOM   766  N NE  . ARG A 1 96  ? 18.372  -6.292  10.592  1.00 20.00 ? 96  ARG A NE  1 
ATOM   767  C CZ  . ARG A 1 96  ? 18.922  -7.511  10.683  1.00 18.90 ? 96  ARG A CZ  1 
ATOM   768  N NH1 . ARG A 1 96  ? 18.219  -8.611  10.384  1.00 15.57 ? 96  ARG A NH1 1 
ATOM   769  N NH2 . ARG A 1 96  ? 20.187  -7.734  11.068  1.00 19.71 ? 96  ARG A NH2 1 
ATOM   770  N N   . LYS A 1 97  ? 17.992  -3.226  5.505   1.00 24.28 ? 97  LYS A N   1 
ATOM   771  C CA  . LYS A 1 97  ? 18.020  -1.825  5.059   1.00 24.71 ? 97  LYS A CA  1 
ATOM   772  C C   . LYS A 1 97  ? 17.215  -1.671  3.765   1.00 24.96 ? 97  LYS A C   1 
ATOM   773  O O   . LYS A 1 97  ? 16.409  -0.740  3.621   1.00 24.64 ? 97  LYS A O   1 
ATOM   774  C CB  . LYS A 1 97  ? 19.463  -1.384  4.803   1.00 25.96 ? 97  LYS A CB  1 
ATOM   775  C CG  . LYS A 1 97  ? 20.212  -1.020  6.087   1.00 28.91 ? 97  LYS A CG  1 
ATOM   776  C CD  . LYS A 1 97  ? 21.646  -0.553  5.830   1.00 31.90 ? 97  LYS A CD  1 
ATOM   777  C CE  . LYS A 1 97  ? 22.628  -1.020  6.907   1.00 33.94 ? 97  LYS A CE  1 
ATOM   778  N NZ  . LYS A 1 97  ? 23.672  -0.028  7.202   1.00 33.59 ? 97  LYS A NZ  1 
ATOM   779  N N   . ILE A 1 98  ? 17.465  -2.602  2.863   1.00 25.26 ? 98  ILE A N   1 
ATOM   780  C CA  . ILE A 1 98  ? 16.803  -2.645  1.550   1.00 26.53 ? 98  ILE A CA  1 
ATOM   781  C C   . ILE A 1 98  ? 15.306  -2.900  1.727   1.00 25.98 ? 98  ILE A C   1 
ATOM   782  O O   . ILE A 1 98  ? 14.490  -2.375  0.954   1.00 26.32 ? 98  ILE A O   1 
ATOM   783  C CB  . ILE A 1 98  ? 17.407  -3.763  0.699   1.00 26.78 ? 98  ILE A CB  1 
ATOM   784  C CG1 . ILE A 1 98  ? 18.805  -3.425  0.177   1.00 26.79 ? 98  ILE A CG1 1 
ATOM   785  C CG2 . ILE A 1 98  ? 16.570  -4.092  -0.538  1.00 26.69 ? 98  ILE A CG2 1 
ATOM   786  C CD1 . ILE A 1 98  ? 19.387  -4.517  -0.724  1.00 29.39 ? 98  ILE A CD1 1 
ATOM   787  N N   . ALA A 1 99  ? 14.896  -3.692  2.713   1.00 26.16 ? 99  ALA A N   1 
ATOM   788  C CA  . ALA A 1 99  ? 13.481  -3.964  2.869   1.00 25.87 ? 99  ALA A CA  1 
ATOM   789  C C   . ALA A 1 99  ? 12.777  -2.753  3.488   1.00 27.35 ? 99  ALA A C   1 
ATOM   790  O O   . ALA A 1 99  ? 11.606  -2.501  3.229   1.00 28.36 ? 99  ALA A O   1 
ATOM   791  C CB  . ALA A 1 99  ? 13.314  -5.184  3.749   1.00 24.56 ? 99  ALA A CB  1 
ATOM   792  N N   . LYS A 1 100 ? 13.483  -1.941  4.270   1.00 27.36 ? 100 LYS A N   1 
ATOM   793  C CA  . LYS A 1 100 ? 12.940  -0.766  4.922   1.00 28.25 ? 100 LYS A CA  1 
ATOM   794  C C   . LYS A 1 100 ? 12.683  0.346   3.915   1.00 28.77 ? 100 LYS A C   1 
ATOM   795  O O   . LYS A 1 100 ? 11.737  1.110   4.012   1.00 29.90 ? 100 LYS A O   1 
ATOM   796  C CB  . LYS A 1 100 ? 13.942  -0.276  5.944   1.00 29.77 ? 100 LYS A CB  1 
ATOM   797  C CG  . LYS A 1 100 ? 13.497  0.985   6.642   1.00 32.81 ? 100 LYS A CG  1 
ATOM   798  C CD  . LYS A 1 100 ? 14.678  1.706   7.272   1.00 36.61 ? 100 LYS A CD  1 
ATOM   799  C CE  . LYS A 1 100 ? 14.043  2.995   7.804   1.00 39.81 ? 100 LYS A CE  1 
ATOM   800  N NZ  . LYS A 1 100 ? 14.985  3.934   8.400   1.00 42.86 ? 100 LYS A NZ  1 
ATOM   801  N N   . ALA A 1 101 ? 13.646  0.533   3.025   1.00 27.72 ? 101 ALA A N   1 
ATOM   802  C CA  . ALA A 1 101 ? 13.596  1.543   1.985   1.00 25.59 ? 101 ALA A CA  1 
ATOM   803  C C   . ALA A 1 101 ? 12.637  1.303   0.807   1.00 25.13 ? 101 ALA A C   1 
ATOM   804  O O   . ALA A 1 101 ? 12.491  2.225   0.020   1.00 24.20 ? 101 ALA A O   1 
ATOM   805  C CB  . ALA A 1 101 ? 15.028  1.690   1.485   1.00 24.11 ? 101 ALA A CB  1 
ATOM   806  N N   . HIS A 1 102 ? 11.942  0.166   0.573   1.00 22.86 ? 102 HIS A N   1 
ATOM   807  C CA  . HIS A 1 102 ? 11.163  -0.097  -0.643  1.00 18.57 ? 102 HIS A CA  1 
ATOM   808  C C   . HIS A 1 102 ? 9.836   -0.540  -0.162  1.00 19.44 ? 102 HIS A C   1 
ATOM   809  O O   . HIS A 1 102 ? 9.748   -1.146  0.894   1.00 21.09 ? 102 HIS A O   1 
ATOM   810  C CB  . HIS A 1 102 ? 11.720  -1.236  -1.535  1.00 16.74 ? 102 HIS A CB  1 
ATOM   811  C CG  . HIS A 1 102 ? 13.053  -0.769  -2.040  1.00 13.77 ? 102 HIS A CG  1 
ATOM   812  N ND1 . HIS A 1 102 ? 14.204  -0.885  -1.427  1.00 14.37 ? 102 HIS A ND1 1 
ATOM   813  C CD2 . HIS A 1 102 ? 13.250  0.000   -3.135  1.00 13.70 ? 102 HIS A CD2 1 
ATOM   814  C CE1 . HIS A 1 102 ? 15.105  -0.212  -2.086  1.00 15.86 ? 102 HIS A CE1 1 
ATOM   815  N NE2 . HIS A 1 102 ? 14.506  0.318   -3.123  1.00 15.91 ? 102 HIS A NE2 1 
ATOM   816  N N   . ASP A 1 103 ? 8.800   -0.223  -0.904  1.00 19.10 ? 103 ASP A N   1 
ATOM   817  C CA  . ASP A 1 103 ? 7.463   -0.580  -0.532  1.00 20.04 ? 103 ASP A CA  1 
ATOM   818  C C   . ASP A 1 103 ? 7.071   -1.881  -1.180  1.00 19.63 ? 103 ASP A C   1 
ATOM   819  O O   . ASP A 1 103 ? 6.387   -2.686  -0.561  1.00 20.77 ? 103 ASP A O   1 
ATOM   820  C CB  . ASP A 1 103 ? 6.517   0.575   -0.952  1.00 20.74 ? 103 ASP A CB  1 
ATOM   821  C CG  . ASP A 1 103 ? 6.756   1.850   -0.148  1.00 21.92 ? 103 ASP A CG  1 
ATOM   822  O OD1 . ASP A 1 103 ? 6.388   1.879   1.012   1.00 26.74 ? 103 ASP A OD1 1 
ATOM   823  O OD2 . ASP A 1 103 ? 7.337   2.816   -0.627  1.00 22.72 ? 103 ASP A OD2 1 
ATOM   824  N N   . PHE A 1 104 ? 7.493   -2.093  -2.426  1.00 18.75 ? 104 PHE A N   1 
ATOM   825  C CA  . PHE A 1 104 ? 7.120   -3.254  -3.210  1.00 17.76 ? 104 PHE A CA  1 
ATOM   826  C C   . PHE A 1 104 ? 8.368   -3.833  -3.835  1.00 18.58 ? 104 PHE A C   1 
ATOM   827  O O   . PHE A 1 104 ? 9.344   -3.088  -3.974  1.00 18.97 ? 104 PHE A O   1 
ATOM   828  C CB  . PHE A 1 104 ? 6.174   -2.897  -4.347  1.00 18.41 ? 104 PHE A CB  1 
ATOM   829  C CG  . PHE A 1 104 ? 4.843   -2.344  -3.893  1.00 20.70 ? 104 PHE A CG  1 
ATOM   830  C CD1 . PHE A 1 104 ? 3.892   -3.206  -3.360  1.00 20.30 ? 104 PHE A CD1 1 
ATOM   831  C CD2 . PHE A 1 104 ? 4.627   -0.962  -3.943  1.00 22.82 ? 104 PHE A CD2 1 
ATOM   832  C CE1 . PHE A 1 104 ? 2.715   -2.681  -2.852  1.00 23.28 ? 104 PHE A CE1 1 
ATOM   833  C CE2 . PHE A 1 104 ? 3.442   -0.429  -3.434  1.00 24.10 ? 104 PHE A CE2 1 
ATOM   834  C CZ  . PHE A 1 104 ? 2.487   -1.291  -2.881  1.00 26.06 ? 104 PHE A CZ  1 
ATOM   835  N N   . PHE A 1 105 ? 8.394   -5.138  -4.187  1.00 16.97 ? 105 PHE A N   1 
ATOM   836  C CA  . PHE A 1 105 ? 9.523   -5.810  -4.831  1.00 14.75 ? 105 PHE A CA  1 
ATOM   837  C C   . PHE A 1 105 ? 8.896   -6.571  -5.947  1.00 13.18 ? 105 PHE A C   1 
ATOM   838  O O   . PHE A 1 105 ? 7.827   -7.122  -5.763  1.00 12.76 ? 105 PHE A O   1 
ATOM   839  C CB  . PHE A 1 105 ? 10.226  -6.802  -3.910  1.00 12.58 ? 105 PHE A CB  1 
ATOM   840  C CG  . PHE A 1 105 ? 11.104  -6.160  -2.854  1.00 9.86  ? 105 PHE A CG  1 
ATOM   841  C CD1 . PHE A 1 105 ? 10.535  -5.636  -1.698  1.00 9.55  ? 105 PHE A CD1 1 
ATOM   842  C CD2 . PHE A 1 105 ? 12.465  -6.058  -3.075  1.00 9.81  ? 105 PHE A CD2 1 
ATOM   843  C CE1 . PHE A 1 105 ? 11.348  -4.998  -0.771  1.00 7.21  ? 105 PHE A CE1 1 
ATOM   844  C CE2 . PHE A 1 105 ? 13.279  -5.414  -2.144  1.00 9.14  ? 105 PHE A CE2 1 
ATOM   845  C CZ  . PHE A 1 105 ? 12.713  -4.889  -0.989  1.00 8.28  ? 105 PHE A CZ  1 
ATOM   846  N N   . ILE A 1 106 ? 9.468   -6.592  -7.118  1.00 14.67 ? 106 ILE A N   1 
ATOM   847  C CA  . ILE A 1 106 ? 8.932   -7.332  -8.253  1.00 15.21 ? 106 ILE A CA  1 
ATOM   848  C C   . ILE A 1 106 ? 10.076  -8.282  -8.495  1.00 14.28 ? 106 ILE A C   1 
ATOM   849  O O   . ILE A 1 106 ? 11.217  -7.835  -8.396  1.00 13.59 ? 106 ILE A O   1 
ATOM   850  C CB  . ILE A 1 106 ? 8.777   -6.435  -9.514  1.00 16.47 ? 106 ILE A CB  1 
ATOM   851  C CG1 . ILE A 1 106 ? 7.516   -5.644  -9.508  1.00 17.19 ? 106 ILE A CG1 1 
ATOM   852  C CG2 . ILE A 1 106 ? 8.702   -7.309  -10.755 1.00 19.42 ? 106 ILE A CG2 1 
ATOM   853  C CD1 . ILE A 1 106 ? 7.789   -4.565  -10.595 1.00 19.46 ? 106 ILE A CD1 1 
ATOM   854  N N   . ALA A 1 107 ? 9.872   -9.523  -8.899  1.00 17.95 ? 107 ALA A N   1 
ATOM   855  C CA  . ALA A 1 107 ? 11.007  -10.419 -9.156  1.00 20.24 ? 107 ALA A CA  1 
ATOM   856  C C   . ALA A 1 107 ? 10.819  -11.300 -10.379 1.00 20.62 ? 107 ALA A C   1 
ATOM   857  O O   . ALA A 1 107 ? 9.689   -11.719 -10.648 1.00 20.44 ? 107 ALA A O   1 
ATOM   858  C CB  . ALA A 1 107 ? 11.239  -11.332 -7.972  1.00 17.23 ? 107 ALA A CB  1 
ATOM   859  N N   . GLN A 1 108 ? 11.867  -11.540 -11.180 1.00 22.08 ? 108 GLN A N   1 
ATOM   860  C CA  . GLN A 1 108 ? 11.807  -12.491 -12.305 1.00 23.49 ? 108 GLN A CA  1 
ATOM   861  C C   . GLN A 1 108 ? 11.264  -13.795 -11.759 1.00 23.34 ? 108 GLN A C   1 
ATOM   862  O O   . GLN A 1 108 ? 11.844  -14.348 -10.820 1.00 22.76 ? 108 GLN A O   1 
ATOM   863  C CB  . GLN A 1 108 ? 13.169  -12.716 -12.793 1.00 24.07 ? 108 GLN A CB  1 
ATOM   864  C CG  . GLN A 1 108 ? 13.229  -13.439 -14.101 1.00 26.80 ? 108 GLN A CG  1 
ATOM   865  C CD  . GLN A 1 108 ? 14.656  -13.273 -14.573 1.00 27.61 ? 108 GLN A CD  1 
ATOM   866  O OE1 . GLN A 1 108 ? 15.199  -12.172 -14.608 1.00 28.83 ? 108 GLN A OE1 1 
ATOM   867  N NE2 . GLN A 1 108 ? 15.358  -14.333 -14.890 1.00 28.39 ? 108 GLN A NE2 1 
ATOM   868  N N   . ALA A 1 109 ? 10.213  -14.356 -12.321 1.00 24.37 ? 109 ALA A N   1 
ATOM   869  C CA  . ALA A 1 109 ? 9.554   -15.449 -11.639 1.00 27.16 ? 109 ALA A CA  1 
ATOM   870  C C   . ALA A 1 109 ? 10.354  -16.730 -11.414 1.00 28.53 ? 109 ALA A C   1 
ATOM   871  O O   . ALA A 1 109 ? 10.272  -17.410 -10.390 1.00 29.84 ? 109 ALA A O   1 
ATOM   872  C CB  . ALA A 1 109 ? 8.264   -15.754 -12.400 1.00 28.64 ? 109 ALA A CB  1 
ATOM   873  N N   . ASP A 1 110 ? 11.218  -17.059 -12.339 1.00 27.78 ? 110 ASP A N   1 
ATOM   874  C CA  . ASP A 1 110 ? 12.039  -18.226 -12.165 1.00 28.71 ? 110 ASP A CA  1 
ATOM   875  C C   . ASP A 1 110 ? 13.056  -18.037 -11.043 1.00 28.66 ? 110 ASP A C   1 
ATOM   876  O O   . ASP A 1 110 ? 13.623  -19.022 -10.569 1.00 30.35 ? 110 ASP A O   1 
ATOM   877  C CB  . ASP A 1 110 ? 12.748  -18.565 -13.489 1.00 29.15 ? 110 ASP A CB  1 
ATOM   878  C CG  . ASP A 1 110 ? 13.245  -17.385 -14.291 1.00 31.18 ? 110 ASP A CG  1 
ATOM   879  O OD1 . ASP A 1 110 ? 12.401  -16.734 -14.903 1.00 35.44 ? 110 ASP A OD1 1 
ATOM   880  O OD2 . ASP A 1 110 ? 14.446  -17.121 -14.296 1.00 33.20 ? 110 ASP A OD2 1 
ATOM   881  N N   . LEU A 1 111 ? 13.312  -16.822 -10.567 1.00 25.53 ? 111 LEU A N   1 
ATOM   882  C CA  . LEU A 1 111 ? 14.220  -16.678 -9.462  1.00 22.79 ? 111 LEU A CA  1 
ATOM   883  C C   . LEU A 1 111 ? 13.510  -16.765 -8.111  1.00 21.61 ? 111 LEU A C   1 
ATOM   884  O O   . LEU A 1 111 ? 14.147  -16.577 -7.088  1.00 21.28 ? 111 LEU A O   1 
ATOM   885  C CB  . LEU A 1 111 ? 14.925  -15.350 -9.610  1.00 21.57 ? 111 LEU A CB  1 
ATOM   886  C CG  . LEU A 1 111 ? 15.749  -15.053 -10.846 1.00 21.53 ? 111 LEU A CG  1 
ATOM   887  C CD1 . LEU A 1 111 ? 16.580  -13.830 -10.528 1.00 17.75 ? 111 LEU A CD1 1 
ATOM   888  C CD2 . LEU A 1 111 ? 16.705  -16.172 -11.201 1.00 20.12 ? 111 LEU A CD2 1 
ATOM   889  N N   . MET A 1 112 ? 12.226  -17.091 -7.994  1.00 21.87 ? 112 MET A N   1 
ATOM   890  C CA  . MET A 1 112 ? 11.546  -17.078 -6.712  1.00 23.56 ? 112 MET A CA  1 
ATOM   891  C C   . MET A 1 112 ? 11.984  -18.146 -5.708  1.00 26.51 ? 112 MET A C   1 
ATOM   892  O O   . MET A 1 112 ? 11.970  -17.855 -4.500  1.00 27.73 ? 112 MET A O   1 
ATOM   893  C CB  . MET A 1 112 ? 10.022  -17.192 -6.904  1.00 24.40 ? 112 MET A CB  1 
ATOM   894  C CG  . MET A 1 112 ? 9.198   -15.948 -7.306  1.00 25.70 ? 112 MET A CG  1 
ATOM   895  S SD  . MET A 1 112 ? 9.448   -14.473 -6.289  1.00 26.36 ? 112 MET A SD  1 
ATOM   896  C CE  . MET A 1 112 ? 8.266   -14.760 -5.017  1.00 24.81 ? 112 MET A CE  1 
ATOM   897  N N   . PRO A 1 113 ? 12.412  -19.387 -6.048  1.00 27.52 ? 113 PRO A N   1 
ATOM   898  C CA  . PRO A 1 113 ? 13.046  -20.284 -5.085  1.00 25.77 ? 113 PRO A CA  1 
ATOM   899  C C   . PRO A 1 113 ? 14.333  -19.714 -4.532  1.00 24.52 ? 113 PRO A C   1 
ATOM   900  O O   . PRO A 1 113 ? 14.488  -19.752 -3.311  1.00 25.73 ? 113 PRO A O   1 
ATOM   901  C CB  . PRO A 1 113 ? 13.227  -21.585 -5.841  1.00 27.90 ? 113 PRO A CB  1 
ATOM   902  C CG  . PRO A 1 113 ? 12.118  -21.536 -6.863  1.00 25.67 ? 113 PRO A CG  1 
ATOM   903  C CD  . PRO A 1 113 ? 12.176  -20.091 -7.317  1.00 27.43 ? 113 PRO A CD  1 
ATOM   904  N N   . LEU A 1 114 ? 15.255  -19.142 -5.293  1.00 24.41 ? 114 LEU A N   1 
ATOM   905  C CA  . LEU A 1 114 ? 16.461  -18.589 -4.707  1.00 26.27 ? 114 LEU A CA  1 
ATOM   906  C C   . LEU A 1 114 ? 16.170  -17.493 -3.696  1.00 26.71 ? 114 LEU A C   1 
ATOM   907  O O   . LEU A 1 114 ? 16.765  -17.443 -2.618  1.00 29.40 ? 114 LEU A O   1 
ATOM   908  C CB  . LEU A 1 114 ? 17.357  -17.956 -5.743  1.00 29.48 ? 114 LEU A CB  1 
ATOM   909  C CG  . LEU A 1 114 ? 18.148  -18.692 -6.789  1.00 32.57 ? 114 LEU A CG  1 
ATOM   910  C CD1 . LEU A 1 114 ? 18.786  -17.704 -7.791  1.00 33.63 ? 114 LEU A CD1 1 
ATOM   911  C CD2 . LEU A 1 114 ? 19.250  -19.467 -6.069  1.00 34.18 ? 114 LEU A CD2 1 
ATOM   912  N N   . ILE A 1 115 ? 15.313  -16.555 -4.136  1.00 24.94 ? 115 ILE A N   1 
ATOM   913  C CA  . ILE A 1 115 ? 14.855  -15.425 -3.317  1.00 21.72 ? 115 ILE A CA  1 
ATOM   914  C C   . ILE A 1 115 ? 14.259  -15.906 -2.002  1.00 21.04 ? 115 ILE A C   1 
ATOM   915  O O   . ILE A 1 115 ? 14.592  -15.393 -0.924  1.00 20.32 ? 115 ILE A O   1 
ATOM   916  C CB  . ILE A 1 115 ? 13.833  -14.600 -4.098  1.00 21.54 ? 115 ILE A CB  1 
ATOM   917  C CG1 . ILE A 1 115 ? 14.396  -14.028 -5.401  1.00 21.65 ? 115 ILE A CG1 1 
ATOM   918  C CG2 . ILE A 1 115 ? 13.307  -13.397 -3.312  1.00 21.01 ? 115 ILE A CG2 1 
ATOM   919  C CD1 . ILE A 1 115 ? 13.375  -13.197 -6.180  1.00 20.92 ? 115 ILE A CD1 1 
ATOM   920  N N   . GLY A 1 116 ? 13.394  -16.880 -2.118  1.00 19.68 ? 116 GLY A N   1 
ATOM   921  C CA  . GLY A 1 116 ? 12.721  -17.458 -0.956  1.00 21.79 ? 116 GLY A CA  1 
ATOM   922  C C   . GLY A 1 116 ? 13.749  -18.042 0.019   1.00 22.85 ? 116 GLY A C   1 
ATOM   923  O O   . GLY A 1 116 ? 13.682  -17.810 1.234   1.00 24.55 ? 116 GLY A O   1 
ATOM   924  N N   . ARG A 1 117 ? 14.681  -18.779 -0.552  1.00 23.68 ? 117 ARG A N   1 
ATOM   925  C CA  . ARG A 1 117 ? 15.712  -19.497 0.213   1.00 23.99 ? 117 ARG A CA  1 
ATOM   926  C C   . ARG A 1 117 ? 16.732  -18.569 0.891   1.00 24.14 ? 117 ARG A C   1 
ATOM   927  O O   . ARG A 1 117 ? 17.315  -18.910 1.929   1.00 27.07 ? 117 ARG A O   1 
ATOM   928  C CB  . ARG A 1 117 ? 16.515  -20.431 -0.697  1.00 24.26 ? 117 ARG A CB  1 
ATOM   929  C CG  . ARG A 1 117 ? 17.511  -21.296 0.082   1.00 26.50 ? 117 ARG A CG  1 
ATOM   930  C CD  . ARG A 1 117 ? 18.313  -22.248 -0.806  1.00 25.54 ? 117 ARG A CD  1 
ATOM   931  N NE  . ARG A 1 117 ? 17.536  -22.771 -1.937  1.00 25.11 ? 117 ARG A NE  1 
ATOM   932  C CZ  . ARG A 1 117 ? 18.050  -22.991 -3.155  1.00 25.02 ? 117 ARG A CZ  1 
ATOM   933  N NH1 . ARG A 1 117 ? 19.360  -22.828 -3.389  1.00 20.82 ? 117 ARG A NH1 1 
ATOM   934  N NH2 . ARG A 1 117 ? 17.354  -23.508 -4.178  1.00 25.16 ? 117 ARG A NH2 1 
ATOM   935  N N   . TYR A 1 118 ? 16.957  -17.396 0.328   1.00 23.21 ? 118 TYR A N   1 
ATOM   936  C CA  . TYR A 1 118 ? 18.005  -16.508 0.864   1.00 23.00 ? 118 TYR A CA  1 
ATOM   937  C C   . TYR A 1 118 ? 17.485  -15.205 1.467   1.00 23.46 ? 118 TYR A C   1 
ATOM   938  O O   . TYR A 1 118 ? 18.092  -14.642 2.388   1.00 24.62 ? 118 TYR A O   1 
ATOM   939  C CB  . TYR A 1 118 ? 18.991  -16.142 -0.233  1.00 23.86 ? 118 TYR A CB  1 
ATOM   940  C CG  . TYR A 1 118 ? 19.962  -17.278 -0.488  1.00 23.27 ? 118 TYR A CG  1 
ATOM   941  C CD1 . TYR A 1 118 ? 21.134  -17.363 0.264   1.00 26.69 ? 118 TYR A CD1 1 
ATOM   942  C CD2 . TYR A 1 118 ? 19.680  -18.215 -1.484  1.00 22.94 ? 118 TYR A CD2 1 
ATOM   943  C CE1 . TYR A 1 118 ? 22.043  -18.390 0.008   1.00 27.05 ? 118 TYR A CE1 1 
ATOM   944  C CE2 . TYR A 1 118 ? 20.593  -19.240 -1.743  1.00 26.39 ? 118 TYR A CE2 1 
ATOM   945  C CZ  . TYR A 1 118 ? 21.777  -19.324 -0.998  1.00 27.47 ? 118 TYR A CZ  1 
ATOM   946  O OH  . TYR A 1 118 ? 22.669  -20.315 -1.257  1.00 31.37 ? 118 TYR A OH  1 
ATOM   947  N N   . MET A 1 119 ? 16.376  -14.715 0.968   1.00 23.45 ? 119 MET A N   1 
ATOM   948  C CA  . MET A 1 119 ? 15.857  -13.424 1.444   1.00 23.54 ? 119 MET A CA  1 
ATOM   949  C C   . MET A 1 119 ? 14.504  -13.558 2.145   1.00 22.23 ? 119 MET A C   1 
ATOM   950  O O   . MET A 1 119 ? 14.071  -12.654 2.871   1.00 22.65 ? 119 MET A O   1 
ATOM   951  C CB  . MET A 1 119 ? 15.699  -12.470 0.264   1.00 25.30 ? 119 MET A CB  1 
ATOM   952  C CG  . MET A 1 119 ? 17.028  -12.167 -0.431  1.00 27.28 ? 119 MET A CG  1 
ATOM   953  S SD  . MET A 1 119 ? 16.826  -11.341 -1.993  1.00 27.84 ? 119 MET A SD  1 
ATOM   954  C CE  . MET A 1 119 ? 16.638  -9.591  -1.734  1.00 29.71 ? 119 MET A CE  1 
ATOM   955  N N   . GLY A 1 120 ? 13.868  -14.679 1.925   1.00 22.18 ? 120 GLY A N   1 
ATOM   956  C CA  . GLY A 1 120 ? 12.529  -14.952 2.472   1.00 22.19 ? 120 GLY A CA  1 
ATOM   957  C C   . GLY A 1 120 ? 12.446  -14.713 3.967   1.00 24.03 ? 120 GLY A C   1 
ATOM   958  O O   . GLY A 1 120 ? 11.429  -14.213 4.425   1.00 23.30 ? 120 GLY A O   1 
ATOM   959  N N   . VAL A 1 121 ? 13.483  -14.959 4.755   1.00 24.66 ? 121 VAL A N   1 
ATOM   960  C CA  . VAL A 1 121 ? 13.390  -14.818 6.201   1.00 27.82 ? 121 VAL A CA  1 
ATOM   961  C C   . VAL A 1 121 ? 13.283  -13.364 6.685   1.00 28.39 ? 121 VAL A C   1 
ATOM   962  O O   . VAL A 1 121 ? 12.789  -13.106 7.801   1.00 29.33 ? 121 VAL A O   1 
ATOM   963  C CB  . VAL A 1 121 ? 14.622  -15.550 6.803   1.00 29.19 ? 121 VAL A CB  1 
ATOM   964  C CG1 . VAL A 1 121 ? 15.950  -14.853 6.410   1.00 28.29 ? 121 VAL A CG1 1 
ATOM   965  C CG2 . VAL A 1 121 ? 14.386  -15.653 8.310   1.00 30.28 ? 121 VAL A CG2 1 
ATOM   966  N N   . ILE A 1 122 ? 13.759  -12.422 5.841   1.00 26.16 ? 122 ILE A N   1 
ATOM   967  C CA  . ILE A 1 122 ? 13.617  -11.028 6.129   1.00 21.25 ? 122 ILE A CA  1 
ATOM   968  C C   . ILE A 1 122 ? 12.449  -10.486 5.343   1.00 21.07 ? 122 ILE A C   1 
ATOM   969  O O   . ILE A 1 122 ? 11.647  -9.749  5.896   1.00 22.11 ? 122 ILE A O   1 
ATOM   970  C CB  . ILE A 1 122 ? 14.952  -10.341 5.799   1.00 21.90 ? 122 ILE A CB  1 
ATOM   971  C CG1 . ILE A 1 122 ? 16.045  -10.896 6.735   1.00 20.30 ? 122 ILE A CG1 1 
ATOM   972  C CG2 . ILE A 1 122 ? 14.829  -8.816  5.981   1.00 19.70 ? 122 ILE A CG2 1 
ATOM   973  C CD1 . ILE A 1 122 ? 17.387  -10.205 6.649   1.00 18.28 ? 122 ILE A CD1 1 
ATOM   974  N N   . LEU A 1 123 ? 12.181  -10.881 4.106   1.00 20.69 ? 123 LEU A N   1 
ATOM   975  C CA  . LEU A 1 123 ? 11.165  -10.210 3.337   1.00 19.50 ? 123 LEU A CA  1 
ATOM   976  C C   . LEU A 1 123 ? 9.842   -10.728 3.748   1.00 20.13 ? 123 LEU A C   1 
ATOM   977  O O   . LEU A 1 123 ? 8.914   -9.938  3.841   1.00 21.85 ? 123 LEU A O   1 
ATOM   978  C CB  . LEU A 1 123 ? 11.315  -10.430 1.830   1.00 17.47 ? 123 LEU A CB  1 
ATOM   979  C CG  . LEU A 1 123 ? 12.535  -9.845  1.043   1.00 17.13 ? 123 LEU A CG  1 
ATOM   980  C CD1 . LEU A 1 123 ? 12.352  -9.933  -0.481  1.00 13.75 ? 123 LEU A CD1 1 
ATOM   981  C CD2 . LEU A 1 123 ? 12.674  -8.382  1.387   1.00 17.99 ? 123 LEU A CD2 1 
ATOM   982  N N   . GLY A 1 124 ? 9.636   -11.999 4.048   1.00 22.13 ? 124 GLY A N   1 
ATOM   983  C CA  . GLY A 1 124 ? 8.295   -12.494 4.387   1.00 24.44 ? 124 GLY A CA  1 
ATOM   984  C C   . GLY A 1 124 ? 7.702   -12.040 5.735   1.00 26.33 ? 124 GLY A C   1 
ATOM   985  O O   . GLY A 1 124 ? 6.506   -11.791 5.800   1.00 28.26 ? 124 GLY A O   1 
ATOM   986  N N   . PRO A 1 125 ? 8.388   -11.939 6.861   1.00 26.42 ? 125 PRO A N   1 
ATOM   987  C CA  . PRO A 1 125 ? 7.887   -11.378 8.083   1.00 28.50 ? 125 PRO A CA  1 
ATOM   988  C C   . PRO A 1 125 ? 7.416   -9.957  7.943   1.00 30.84 ? 125 PRO A C   1 
ATOM   989  O O   . PRO A 1 125 ? 6.581   -9.528  8.745   1.00 33.16 ? 125 PRO A O   1 
ATOM   990  C CB  . PRO A 1 125 ? 9.022   -11.482 9.035   1.00 27.21 ? 125 PRO A CB  1 
ATOM   991  C CG  . PRO A 1 125 ? 9.549   -12.816 8.660   1.00 27.36 ? 125 PRO A CG  1 
ATOM   992  C CD  . PRO A 1 125 ? 9.580   -12.688 7.157   1.00 26.25 ? 125 PRO A CD  1 
ATOM   993  N N   . ARG A 1 126 ? 8.004   -9.184  7.018   1.00 30.70 ? 126 ARG A N   1 
ATOM   994  C CA  . ARG A 1 126 ? 7.600   -7.807  6.812   1.00 29.25 ? 126 ARG A CA  1 
ATOM   995  C C   . ARG A 1 126 ? 6.570   -7.653  5.710   1.00 27.98 ? 126 ARG A C   1 
ATOM   996  O O   . ARG A 1 126 ? 6.291   -6.550  5.259   1.00 28.86 ? 126 ARG A O   1 
ATOM   997  C CB  . ARG A 1 126 ? 8.813   -6.979  6.485   1.00 30.63 ? 126 ARG A CB  1 
ATOM   998  C CG  . ARG A 1 126 ? 9.622   -6.701  7.708   1.00 32.22 ? 126 ARG A CG  1 
ATOM   999  C CD  . ARG A 1 126 ? 10.978  -6.220  7.322   1.00 33.82 ? 126 ARG A CD  1 
ATOM   1000 N NE  . ARG A 1 126 ? 11.771  -7.366  7.660   1.00 37.70 ? 126 ARG A NE  1 
ATOM   1001 C CZ  . ARG A 1 126 ? 12.572  -7.432  8.732   1.00 39.27 ? 126 ARG A CZ  1 
ATOM   1002 N NH1 . ARG A 1 126 ? 12.728  -6.397  9.592   1.00 37.84 ? 126 ARG A NH1 1 
ATOM   1003 N NH2 . ARG A 1 126 ? 13.157  -8.626  8.974   1.00 39.62 ? 126 ARG A NH2 1 
ATOM   1004 N N   . GLY A 1 127 ? 5.952   -8.704  5.201   1.00 27.10 ? 127 GLY A N   1 
ATOM   1005 C CA  . GLY A 1 127 ? 4.960   -8.589  4.139   1.00 28.55 ? 127 GLY A CA  1 
ATOM   1006 C C   . GLY A 1 127 ? 5.549   -8.047  2.816   1.00 27.78 ? 127 GLY A C   1 
ATOM   1007 O O   . GLY A 1 127 ? 4.826   -7.504  1.969   1.00 29.35 ? 127 GLY A O   1 
ATOM   1008 N N   . LYS A 1 128 ? 6.853   -8.216  2.619   1.00 26.49 ? 128 LYS A N   1 
ATOM   1009 C CA  . LYS A 1 128 ? 7.530   -7.663  1.418   1.00 25.11 ? 128 LYS A CA  1 
ATOM   1010 C C   . LYS A 1 128 ? 7.992   -8.733  0.408   1.00 24.53 ? 128 LYS A C   1 
ATOM   1011 O O   . LYS A 1 128 ? 8.918   -8.505  -0.386  1.00 23.75 ? 128 LYS A O   1 
ATOM   1012 C CB  . LYS A 1 128 ? 8.783   -6.883  1.814   1.00 23.78 ? 128 LYS A CB  1 
ATOM   1013 C CG  . LYS A 1 128 ? 8.491   -5.718  2.758   1.00 22.87 ? 128 LYS A CG  1 
ATOM   1014 C CD  . LYS A 1 128 ? 7.884   -4.505  2.048   1.00 21.20 ? 128 LYS A CD  1 
ATOM   1015 C CE  . LYS A 1 128 ? 7.708   -3.299  2.974   1.00 20.91 ? 128 LYS A CE  1 
ATOM   1016 N NZ  . LYS A 1 128 ? 8.966   -2.581  3.227   1.00 19.38 ? 128 LYS A NZ  1 
ATOM   1017 N N   . MET A 1 129 ? 7.360   -9.891  0.417   1.00 24.34 ? 129 MET A N   1 
ATOM   1018 C CA  . MET A 1 129 ? 7.721   -10.960 -0.541  1.00 26.46 ? 129 MET A CA  1 
ATOM   1019 C C   . MET A 1 129 ? 7.464   -10.447 -1.971  1.00 25.65 ? 129 MET A C   1 
ATOM   1020 O O   . MET A 1 129 ? 6.393   -9.897  -2.267  1.00 26.86 ? 129 MET A O   1 
ATOM   1021 C CB  . MET A 1 129 ? 6.900   -12.219 -0.261  1.00 27.34 ? 129 MET A CB  1 
ATOM   1022 C CG  . MET A 1 129 ? 7.608   -13.194 0.685   1.00 28.08 ? 129 MET A CG  1 
ATOM   1023 S SD  . MET A 1 129 ? 9.341   -13.390 0.321   1.00 29.29 ? 129 MET A SD  1 
ATOM   1024 C CE  . MET A 1 129 ? 9.549   -14.464 -1.084  1.00 28.99 ? 129 MET A CE  1 
ATOM   1025 N N   . PRO A 1 130 ? 8.415   -10.593 -2.912  1.00 24.70 ? 130 PRO A N   1 
ATOM   1026 C CA  . PRO A 1 130 ? 8.259   -10.067 -4.275  1.00 24.00 ? 130 PRO A CA  1 
ATOM   1027 C C   . PRO A 1 130 ? 7.077   -10.664 -5.035  1.00 22.84 ? 130 PRO A C   1 
ATOM   1028 O O   . PRO A 1 130 ? 6.629   -11.800 -4.682  1.00 23.43 ? 130 PRO A O   1 
ATOM   1029 C CB  . PRO A 1 130 ? 9.555   -10.443 -4.960  1.00 23.04 ? 130 PRO A CB  1 
ATOM   1030 C CG  . PRO A 1 130 ? 10.421  -11.189 -3.954  1.00 23.82 ? 130 PRO A CG  1 
ATOM   1031 C CD  . PRO A 1 130 ? 9.685   -11.282 -2.653  1.00 25.58 ? 130 PRO A CD  1 
ATOM   1032 N N   . LYS A 1 131 ? 6.631   -9.872  -6.034  1.00 21.51 ? 131 LYS A N   1 
ATOM   1033 C CA  . LYS A 1 131 ? 5.554   -10.236 -7.012  1.00 22.57 ? 131 LYS A CA  1 
ATOM   1034 C C   . LYS A 1 131 ? 6.261   -10.883 -8.216  1.00 20.45 ? 131 LYS A C   1 
ATOM   1035 O O   . LYS A 1 131 ? 7.205   -10.280 -8.746  1.00 21.33 ? 131 LYS A O   1 
ATOM   1036 C CB  . LYS A 1 131 ? 4.802   -8.980  -7.456  1.00 23.44 ? 131 LYS A CB  1 
ATOM   1037 C CG  . LYS A 1 131 ? 3.627   -8.632  -6.544  1.00 28.73 ? 131 LYS A CG  1 
ATOM   1038 C CD  . LYS A 1 131 ? 3.778   -7.266  -5.874  1.00 31.47 ? 131 LYS A CD  1 
ATOM   1039 C CE  . LYS A 1 131 ? 2.498   -6.798  -5.180  1.00 31.01 ? 131 LYS A CE  1 
ATOM   1040 N NZ  . LYS A 1 131 ? 1.288   -7.047  -5.977  1.00 32.03 ? 131 LYS A NZ  1 
ATOM   1041 N N   . PRO A 1 132 ? 5.971   -12.073 -8.716  1.00 19.90 ? 132 PRO A N   1 
ATOM   1042 C CA  . PRO A 1 132 ? 6.680   -12.643 -9.838  1.00 20.99 ? 132 PRO A CA  1 
ATOM   1043 C C   . PRO A 1 132 ? 6.009   -12.163 -11.105 1.00 21.14 ? 132 PRO A C   1 
ATOM   1044 O O   . PRO A 1 132 ? 4.780   -12.017 -11.145 1.00 19.83 ? 132 PRO A O   1 
ATOM   1045 C CB  . PRO A 1 132 ? 6.581   -14.117 -9.626  1.00 19.69 ? 132 PRO A CB  1 
ATOM   1046 C CG  . PRO A 1 132 ? 5.190   -14.258 -9.062  1.00 20.12 ? 132 PRO A CG  1 
ATOM   1047 C CD  . PRO A 1 132 ? 5.081   -13.060 -8.110  1.00 20.33 ? 132 PRO A CD  1 
ATOM   1048 N N   . VAL A 1 133 ? 6.868   -11.919 -12.098 1.00 21.56 ? 133 VAL A N   1 
ATOM   1049 C CA  . VAL A 1 133 ? 6.508   -11.472 -13.428 1.00 22.69 ? 133 VAL A CA  1 
ATOM   1050 C C   . VAL A 1 133 ? 7.354   -12.326 -14.364 1.00 24.12 ? 133 VAL A C   1 
ATOM   1051 O O   . VAL A 1 133 ? 8.509   -12.623 -14.018 1.00 23.77 ? 133 VAL A O   1 
ATOM   1052 C CB  . VAL A 1 133 ? 6.837   -9.941  -13.662 1.00 20.70 ? 133 VAL A CB  1 
ATOM   1053 C CG1 . VAL A 1 133 ? 6.080   -9.156  -12.597 1.00 22.28 ? 133 VAL A CG1 1 
ATOM   1054 C CG2 . VAL A 1 133 ? 8.289   -9.586  -13.509 1.00 20.39 ? 133 VAL A CG2 1 
ATOM   1055 N N   . PRO A 1 134 ? 6.878   -12.821 -15.525 1.00 25.16 ? 134 PRO A N   1 
ATOM   1056 C CA  . PRO A 1 134 ? 7.680   -13.586 -16.460 1.00 27.20 ? 134 PRO A CA  1 
ATOM   1057 C C   . PRO A 1 134 ? 8.936   -12.840 -16.842 1.00 30.17 ? 134 PRO A C   1 
ATOM   1058 O O   . PRO A 1 134 ? 8.961   -11.608 -16.944 1.00 31.75 ? 134 PRO A O   1 
ATOM   1059 C CB  . PRO A 1 134 ? 6.769   -13.843 -17.614 1.00 26.73 ? 134 PRO A CB  1 
ATOM   1060 C CG  . PRO A 1 134 ? 5.552   -12.970 -17.401 1.00 25.58 ? 134 PRO A CG  1 
ATOM   1061 C CD  . PRO A 1 134 ? 5.479   -12.902 -15.900 1.00 25.06 ? 134 PRO A CD  1 
ATOM   1062 N N   . ALA A 1 135 ? 10.014  -13.583 -17.065 1.00 31.35 ? 135 ALA A N   1 
ATOM   1063 C CA  . ALA A 1 135 ? 11.300  -12.960 -17.422 1.00 31.71 ? 135 ALA A CA  1 
ATOM   1064 C C   . ALA A 1 135 ? 11.342  -12.012 -18.631 1.00 31.27 ? 135 ALA A C   1 
ATOM   1065 O O   . ALA A 1 135 ? 12.280  -11.212 -18.799 1.00 28.53 ? 135 ALA A O   1 
ATOM   1066 C CB  . ALA A 1 135 ? 12.322  -14.074 -17.684 1.00 33.16 ? 135 ALA A CB  1 
ATOM   1067 N N   . ASN A 1 136 ? 10.352  -12.209 -19.517 1.00 31.59 ? 136 ASN A N   1 
ATOM   1068 C CA  . ASN A 1 136 ? 10.221  -11.490 -20.784 1.00 33.84 ? 136 ASN A CA  1 
ATOM   1069 C C   . ASN A 1 136 ? 9.033   -10.522 -20.691 1.00 33.30 ? 136 ASN A C   1 
ATOM   1070 O O   . ASN A 1 136 ? 8.527   -10.053 -21.717 1.00 34.48 ? 136 ASN A O   1 
ATOM   1071 C CB  . ASN A 1 136 ? 9.991   -12.508 -21.936 1.00 34.77 ? 136 ASN A CB  1 
ATOM   1072 C CG  . ASN A 1 136 ? 8.710   -13.352 -21.721 1.00 39.93 ? 136 ASN A CG  1 
ATOM   1073 O OD1 . ASN A 1 136 ? 8.285   -13.626 -20.584 1.00 40.52 ? 136 ASN A OD1 1 
ATOM   1074 N ND2 . ASN A 1 136 ? 7.999   -13.823 -22.744 1.00 41.83 ? 136 ASN A ND2 1 
ATOM   1075 N N   . ALA A 1 137 ? 8.551   -10.198 -19.497 1.00 30.67 ? 137 ALA A N   1 
ATOM   1076 C CA  . ALA A 1 137 ? 7.393   -9.338  -19.341 1.00 28.92 ? 137 ALA A CA  1 
ATOM   1077 C C   . ALA A 1 137 ? 7.669   -7.870  -19.649 1.00 27.74 ? 137 ALA A C   1 
ATOM   1078 O O   . ALA A 1 137 ? 8.833   -7.457  -19.644 1.00 27.98 ? 137 ALA A O   1 
ATOM   1079 C CB  . ALA A 1 137 ? 6.881   -9.409  -17.918 1.00 27.66 ? 137 ALA A CB  1 
ATOM   1080 N N   . ASN A 1 138 ? 6.623   -7.059  -19.880 1.00 26.61 ? 138 ASN A N   1 
ATOM   1081 C CA  . ASN A 1 138 ? 6.767   -5.609  -20.041 1.00 25.78 ? 138 ASN A CA  1 
ATOM   1082 C C   . ASN A 1 138 ? 6.470   -5.029  -18.660 1.00 24.14 ? 138 ASN A C   1 
ATOM   1083 O O   . ASN A 1 138 ? 5.315   -5.123  -18.243 1.00 26.09 ? 138 ASN A O   1 
ATOM   1084 C CB  . ASN A 1 138 ? 5.753   -5.060  -21.053 1.00 24.27 ? 138 ASN A CB  1 
ATOM   1085 C CG  . ASN A 1 138 ? 5.727   -3.548  -21.175 1.00 23.86 ? 138 ASN A CG  1 
ATOM   1086 O OD1 . ASN A 1 138 ? 4.719   -2.989  -21.598 1.00 23.48 ? 138 ASN A OD1 1 
ATOM   1087 N ND2 . ASN A 1 138 ? 6.771   -2.785  -20.873 1.00 21.15 ? 138 ASN A ND2 1 
ATOM   1088 N N   . ILE A 1 139 ? 7.360   -4.437  -17.875 1.00 23.17 ? 139 ILE A N   1 
ATOM   1089 C CA  . ILE A 1 139 ? 6.954   -4.064  -16.526 1.00 22.25 ? 139 ILE A CA  1 
ATOM   1090 C C   . ILE A 1 139 ? 6.492   -2.633  -16.336 1.00 23.84 ? 139 ILE A C   1 
ATOM   1091 O O   . ILE A 1 139 ? 6.125   -2.256  -15.229 1.00 23.79 ? 139 ILE A O   1 
ATOM   1092 C CB  . ILE A 1 139 ? 8.076   -4.322  -15.528 1.00 19.49 ? 139 ILE A CB  1 
ATOM   1093 C CG1 . ILE A 1 139 ? 9.267   -3.536  -15.973 1.00 18.73 ? 139 ILE A CG1 1 
ATOM   1094 C CG2 . ILE A 1 139 ? 8.340   -5.814  -15.401 1.00 19.18 ? 139 ILE A CG2 1 
ATOM   1095 C CD1 . ILE A 1 139 ? 10.250  -3.179  -14.873 1.00 17.41 ? 139 ILE A CD1 1 
ATOM   1096 N N   . LYS A 1 140 ? 6.475   -1.741  -17.326 1.00 26.31 ? 140 LYS A N   1 
ATOM   1097 C CA  . LYS A 1 140 ? 6.015   -0.369  -17.114 1.00 25.12 ? 140 LYS A CA  1 
ATOM   1098 C C   . LYS A 1 140 ? 4.565   -0.301  -16.674 1.00 24.09 ? 140 LYS A C   1 
ATOM   1099 O O   . LYS A 1 140 ? 4.320   0.451   -15.733 1.00 25.18 ? 140 LYS A O   1 
ATOM   1100 C CB  . LYS A 1 140 ? 6.152   0.470   -18.365 1.00 26.99 ? 140 LYS A CB  1 
ATOM   1101 C CG  . LYS A 1 140 ? 5.939   1.920   -17.967 1.00 29.91 ? 140 LYS A CG  1 
ATOM   1102 C CD  . LYS A 1 140 ? 5.904   2.813   -19.200 1.00 33.19 ? 140 LYS A CD  1 
ATOM   1103 C CE  . LYS A 1 140 ? 6.867   4.028   -19.034 1.00 35.63 ? 140 LYS A CE  1 
ATOM   1104 N NZ  . LYS A 1 140 ? 6.536   4.938   -17.928 1.00 37.27 ? 140 LYS A NZ  1 
ATOM   1105 N N   . PRO A 1 141 ? 3.558   -1.013  -17.189 1.00 23.10 ? 141 PRO A N   1 
ATOM   1106 C CA  . PRO A 1 141 ? 2.192   -0.996  -16.642 1.00 23.54 ? 141 PRO A CA  1 
ATOM   1107 C C   . PRO A 1 141 ? 2.089   -1.282  -15.146 1.00 22.83 ? 141 PRO A C   1 
ATOM   1108 O O   . PRO A 1 141 ? 1.369   -0.617  -14.401 1.00 22.91 ? 141 PRO A O   1 
ATOM   1109 C CB  . PRO A 1 141 ? 1.413   -2.027  -17.481 1.00 22.46 ? 141 PRO A CB  1 
ATOM   1110 C CG  . PRO A 1 141 ? 2.153   -2.068  -18.796 1.00 22.52 ? 141 PRO A CG  1 
ATOM   1111 C CD  . PRO A 1 141 ? 3.601   -1.872  -18.375 1.00 22.88 ? 141 PRO A CD  1 
ATOM   1112 N N   . LEU A 1 142 ? 2.838   -2.280  -14.730 1.00 22.74 ? 142 LEU A N   1 
ATOM   1113 C CA  . LEU A 1 142 ? 2.917   -2.726  -13.351 1.00 22.82 ? 142 LEU A CA  1 
ATOM   1114 C C   . LEU A 1 142 ? 3.658   -1.734  -12.474 1.00 21.56 ? 142 LEU A C   1 
ATOM   1115 O O   . LEU A 1 142 ? 3.225   -1.417  -11.369 1.00 21.54 ? 142 LEU A O   1 
ATOM   1116 C CB  . LEU A 1 142 ? 3.611   -4.084  -13.350 1.00 23.36 ? 142 LEU A CB  1 
ATOM   1117 C CG  . LEU A 1 142 ? 3.804   -4.759  -11.996 1.00 28.97 ? 142 LEU A CG  1 
ATOM   1118 C CD1 . LEU A 1 142 ? 2.433   -5.183  -11.457 1.00 28.96 ? 142 LEU A CD1 1 
ATOM   1119 C CD2 . LEU A 1 142 ? 4.679   -6.002  -12.140 1.00 28.64 ? 142 LEU A CD2 1 
ATOM   1120 N N   . VAL A 1 143 ? 4.784   -1.215  -12.936 1.00 20.41 ? 143 VAL A N   1 
ATOM   1121 C CA  . VAL A 1 143 ? 5.488   -0.224  -12.182 1.00 21.69 ? 143 VAL A CA  1 
ATOM   1122 C C   . VAL A 1 143 ? 4.568   0.995   -12.075 1.00 23.78 ? 143 VAL A C   1 
ATOM   1123 O O   . VAL A 1 143 ? 4.447   1.567   -10.988 1.00 24.02 ? 143 VAL A O   1 
ATOM   1124 C CB  . VAL A 1 143 ? 6.821   0.070   -12.913 1.00 20.26 ? 143 VAL A CB  1 
ATOM   1125 C CG1 . VAL A 1 143 ? 7.480   1.358   -12.459 1.00 18.12 ? 143 VAL A CG1 1 
ATOM   1126 C CG2 . VAL A 1 143 ? 7.793   -1.028  -12.543 1.00 17.98 ? 143 VAL A CG2 1 
ATOM   1127 N N   . GLU A 1 144 ? 3.840   1.393   -13.122 1.00 25.74 ? 144 GLU A N   1 
ATOM   1128 C CA  . GLU A 1 144 ? 2.939   2.534   -13.011 1.00 28.26 ? 144 GLU A CA  1 
ATOM   1129 C C   . GLU A 1 144 ? 1.860   2.334   -11.934 1.00 26.58 ? 144 GLU A C   1 
ATOM   1130 O O   . GLU A 1 144 ? 1.702   3.218   -11.091 1.00 27.20 ? 144 GLU A O   1 
ATOM   1131 C CB  . GLU A 1 144 ? 2.297   2.784   -14.362 1.00 31.24 ? 144 GLU A CB  1 
ATOM   1132 C CG  . GLU A 1 144 ? 3.313   3.535   -15.198 1.00 35.60 ? 144 GLU A CG  1 
ATOM   1133 C CD  . GLU A 1 144 ? 2.743   4.359   -16.362 1.00 38.85 ? 144 GLU A CD  1 
ATOM   1134 O OE1 . GLU A 1 144 ? 1.854   3.883   -17.100 1.00 38.87 ? 144 GLU A OE1 1 
ATOM   1135 O OE2 . GLU A 1 144 ? 3.222   5.495   -16.511 1.00 39.93 ? 144 GLU A OE2 1 
ATOM   1136 N N   . ARG A 1 145 ? 1.109   1.220   -11.928 1.00 24.95 ? 145 ARG A N   1 
ATOM   1137 C CA  . ARG A 1 145 ? 0.162   0.872   -10.888 1.00 24.96 ? 145 ARG A CA  1 
ATOM   1138 C C   . ARG A 1 145 ? 0.785   0.827   -9.508  1.00 24.39 ? 145 ARG A C   1 
ATOM   1139 O O   . ARG A 1 145 ? 0.350   1.542   -8.615  1.00 23.66 ? 145 ARG A O   1 
ATOM   1140 C CB  . ARG A 1 145 ? -0.419  -0.476  -11.132 1.00 28.61 ? 145 ARG A CB  1 
ATOM   1141 C CG  . ARG A 1 145 ? -1.361  -0.463  -12.295 1.00 35.31 ? 145 ARG A CG  1 
ATOM   1142 C CD  . ARG A 1 145 ? -1.404  -1.934  -12.760 1.00 41.24 ? 145 ARG A CD  1 
ATOM   1143 N NE  . ARG A 1 145 ? -2.010  -2.068  -14.092 1.00 46.27 ? 145 ARG A NE  1 
ATOM   1144 C CZ  . ARG A 1 145 ? -1.669  -3.018  -14.992 1.00 48.09 ? 145 ARG A CZ  1 
ATOM   1145 N NH1 . ARG A 1 145 ? -0.716  -3.938  -14.741 1.00 48.78 ? 145 ARG A NH1 1 
ATOM   1146 N NH2 . ARG A 1 145 ? -2.329  -3.057  -16.169 1.00 48.66 ? 145 ARG A NH2 1 
ATOM   1147 N N   . LEU A 1 146 ? 1.837   0.044   -9.270  1.00 24.27 ? 146 LEU A N   1 
ATOM   1148 C CA  . LEU A 1 146 ? 2.391   -0.049  -7.939  1.00 22.05 ? 146 LEU A CA  1 
ATOM   1149 C C   . LEU A 1 146 ? 2.856   1.278   -7.386  1.00 22.56 ? 146 LEU A C   1 
ATOM   1150 O O   . LEU A 1 146 ? 2.805   1.411   -6.156  1.00 25.77 ? 146 LEU A O   1 
ATOM   1151 C CB  . LEU A 1 146 ? 3.553   -1.042  -7.904  1.00 21.27 ? 146 LEU A CB  1 
ATOM   1152 C CG  . LEU A 1 146 ? 3.237   -2.513  -8.135  1.00 21.62 ? 146 LEU A CG  1 
ATOM   1153 C CD1 . LEU A 1 146 ? 4.554   -3.247  -8.114  1.00 19.21 ? 146 LEU A CD1 1 
ATOM   1154 C CD2 . LEU A 1 146 ? 2.274   -3.063  -7.114  1.00 19.19 ? 146 LEU A CD2 1 
ATOM   1155 N N   . LYS A 1 147 ? 3.241   2.321   -8.154  1.00 22.03 ? 147 LYS A N   1 
ATOM   1156 C CA  . LYS A 1 147 ? 3.667   3.578   -7.540  1.00 19.85 ? 147 LYS A CA  1 
ATOM   1157 C C   . LYS A 1 147 ? 2.527   4.297   -6.830  1.00 19.09 ? 147 LYS A C   1 
ATOM   1158 O O   . LYS A 1 147 ? 2.758   5.147   -5.986  1.00 20.76 ? 147 LYS A O   1 
ATOM   1159 C CB  . LYS A 1 147 ? 4.247   4.464   -8.600  1.00 18.33 ? 147 LYS A CB  1 
ATOM   1160 C CG  . LYS A 1 147 ? 5.701   4.186   -8.952  1.00 20.32 ? 147 LYS A CG  1 
ATOM   1161 C CD  . LYS A 1 147 ? 5.907   5.019   -10.204 1.00 23.10 ? 147 LYS A CD  1 
ATOM   1162 C CE  . LYS A 1 147 ? 7.284   5.054   -10.877 1.00 24.64 ? 147 LYS A CE  1 
ATOM   1163 N NZ  . LYS A 1 147 ? 8.316   5.663   -10.065 1.00 25.83 ? 147 LYS A NZ  1 
ATOM   1164 N N   . LYS A 1 148 ? 1.278   3.925   -7.113  1.00 19.88 ? 148 LYS A N   1 
ATOM   1165 C CA  . LYS A 1 148 ? 0.050   4.485   -6.532  1.00 22.30 ? 148 LYS A CA  1 
ATOM   1166 C C   . LYS A 1 148 ? -0.651  3.430   -5.674  1.00 22.15 ? 148 LYS A C   1 
ATOM   1167 O O   . LYS A 1 148 ? -1.846  3.665   -5.359  1.00 21.37 ? 148 LYS A O   1 
ATOM   1168 C CB  . LYS A 1 148 ? -0.899  4.933   -7.648  1.00 23.30 ? 148 LYS A CB  1 
ATOM   1169 C CG  . LYS A 1 148 ? -0.294  6.007   -8.553  1.00 27.25 ? 148 LYS A CG  1 
ATOM   1170 C CD  . LYS A 1 148 ? -1.242  6.453   -9.670  1.00 30.41 ? 148 LYS A CD  1 
ATOM   1171 C CE  . LYS A 1 148 ? -0.635  7.529   -10.575 1.00 35.83 ? 148 LYS A CE  1 
ATOM   1172 N NZ  . LYS A 1 148 ? -1.544  7.957   -11.649 1.00 36.22 ? 148 LYS A NZ  1 
ATOM   1173 N N   . THR A 1 149 ? -0.111  2.290   -5.244  1.00 21.96 ? 149 THR A N   1 
ATOM   1174 C CA  . THR A 1 149 ? -0.836  1.258   -4.520  1.00 19.98 ? 149 THR A CA  1 
ATOM   1175 C C   . THR A 1 149 ? -0.653  1.347   -3.029  1.00 19.15 ? 149 THR A C   1 
ATOM   1176 O O   . THR A 1 149 ? 0.443   1.668   -2.568  1.00 18.02 ? 149 THR A O   1 
ATOM   1177 C CB  . THR A 1 149 ? -0.383  -0.145  -4.971  1.00 21.32 ? 149 THR A CB  1 
ATOM   1178 O OG1 . THR A 1 149 ? -0.760  -0.246  -6.338  1.00 20.97 ? 149 THR A OG1 1 
ATOM   1179 C CG2 . THR A 1 149 ? -1.074  -1.305  -4.258  1.00 17.82 ? 149 THR A CG2 1 
ATOM   1180 N N   . VAL A 1 150 ? -1.765  1.066   -2.314  1.00 19.91 ? 150 VAL A N   1 
ATOM   1181 C CA  . VAL A 1 150 ? -1.769  0.908   -0.855  1.00 19.30 ? 150 VAL A CA  1 
ATOM   1182 C C   . VAL A 1 150 ? -2.400  -0.468  -0.563  1.00 21.06 ? 150 VAL A C   1 
ATOM   1183 O O   . VAL A 1 150 ? -3.151  -1.032  -1.383  1.00 19.52 ? 150 VAL A O   1 
ATOM   1184 C CB  . VAL A 1 150 ? -2.596  1.962   -0.089  1.00 15.60 ? 150 VAL A CB  1 
ATOM   1185 C CG1 . VAL A 1 150 ? -1.827  3.209   -0.096  1.00 14.91 ? 150 VAL A CG1 1 
ATOM   1186 C CG2 . VAL A 1 150 ? -3.920  2.225   -0.708  1.00 12.02 ? 150 VAL A CG2 1 
ATOM   1187 N N   . VAL A 1 151 ? -2.017  -1.041  0.581   1.00 22.04 ? 151 VAL A N   1 
ATOM   1188 C CA  . VAL A 1 151 ? -2.544  -2.321  1.011   1.00 23.22 ? 151 VAL A CA  1 
ATOM   1189 C C   . VAL A 1 151 ? -3.448  -2.086  2.226   1.00 23.43 ? 151 VAL A C   1 
ATOM   1190 O O   . VAL A 1 151 ? -3.095  -1.430  3.212   1.00 21.77 ? 151 VAL A O   1 
ATOM   1191 C CB  . VAL A 1 151 ? -1.406  -3.281  1.404   1.00 23.13 ? 151 VAL A CB  1 
ATOM   1192 C CG1 . VAL A 1 151 ? -1.981  -4.683  1.644   1.00 22.50 ? 151 VAL A CG1 1 
ATOM   1193 C CG2 . VAL A 1 151 ? -0.366  -3.316  0.296   1.00 22.33 ? 151 VAL A CG2 1 
ATOM   1194 N N   . ILE A 1 152 ? -4.655  -2.632  2.120   1.00 25.26 ? 152 ILE A N   1 
ATOM   1195 C CA  . ILE A 1 152 ? -5.683  -2.657  3.161   1.00 25.51 ? 152 ILE A CA  1 
ATOM   1196 C C   . ILE A 1 152 ? -5.460  -4.040  3.810   1.00 25.66 ? 152 ILE A C   1 
ATOM   1197 O O   . ILE A 1 152 ? -5.486  -5.100  3.144   1.00 23.99 ? 152 ILE A O   1 
ATOM   1198 C CB  . ILE A 1 152 ? -7.145  -2.632  2.559   1.00 26.13 ? 152 ILE A CB  1 
ATOM   1199 C CG1 . ILE A 1 152 ? -7.405  -1.384  1.740   1.00 23.19 ? 152 ILE A CG1 1 
ATOM   1200 C CG2 . ILE A 1 152 ? -8.144  -2.805  3.711   1.00 26.49 ? 152 ILE A CG2 1 
ATOM   1201 C CD1 . ILE A 1 152 ? -8.829  -1.558  1.177   1.00 24.71 ? 152 ILE A CD1 1 
ATOM   1202 N N   . ASN A 1 153 ? -5.251  -4.070  5.115   1.00 25.13 ? 153 ASN A N   1 
ATOM   1203 C CA  . ASN A 1 153 ? -5.135  -5.351  5.721   1.00 24.49 ? 153 ASN A CA  1 
ATOM   1204 C C   . ASN A 1 153 ? -5.787  -5.362  7.055   1.00 24.43 ? 153 ASN A C   1 
ATOM   1205 O O   . ASN A 1 153 ? -5.241  -4.711  7.933   1.00 22.95 ? 153 ASN A O   1 
ATOM   1206 C CB  . ASN A 1 153 ? -3.729  -5.628  5.843   1.00 25.42 ? 153 ASN A CB  1 
ATOM   1207 C CG  . ASN A 1 153 ? -3.513  -7.018  6.305   1.00 26.50 ? 153 ASN A CG  1 
ATOM   1208 O OD1 . ASN A 1 153 ? -2.385  -7.288  6.644   1.00 30.03 ? 153 ASN A OD1 1 
ATOM   1209 N ND2 . ASN A 1 153 ? -4.409  -7.991  6.302   1.00 29.57 ? 153 ASN A ND2 1 
ATOM   1210 N N   . THR A 1 154 ? -6.913  -6.033  7.262   1.00 24.98 ? 154 THR A N   1 
ATOM   1211 C CA  . THR A 1 154 ? -7.531  -6.060  8.579   1.00 26.14 ? 154 THR A CA  1 
ATOM   1212 C C   . THR A 1 154 ? -6.813  -6.879  9.628   1.00 28.72 ? 154 THR A C   1 
ATOM   1213 O O   . THR A 1 154 ? -6.677  -6.528  10.805  1.00 31.16 ? 154 THR A O   1 
ATOM   1214 C CB  . THR A 1 154 ? -8.915  -6.611  8.486   1.00 25.01 ? 154 THR A CB  1 
ATOM   1215 O OG1 . THR A 1 154 ? -8.811  -7.792  7.708   1.00 23.72 ? 154 THR A OG1 1 
ATOM   1216 C CG2 . THR A 1 154 ? -9.869  -5.689  7.792   1.00 26.47 ? 154 THR A CG2 1 
ATOM   1217 N N   . ARG A 1 155 ? -6.374  -8.022  9.096   1.00 30.67 ? 155 ARG A N   1 
ATOM   1218 C CA  . ARG A 1 155 ? -5.848  -9.172  9.819   1.00 31.08 ? 155 ARG A CA  1 
ATOM   1219 C C   . ARG A 1 155 ? -7.137  -9.682  10.486  1.00 32.01 ? 155 ARG A C   1 
ATOM   1220 O O   . ARG A 1 155 ? -8.123  -9.862  9.761   1.00 30.33 ? 155 ARG A O   1 
ATOM   1221 C CB  . ARG A 1 155 ? -4.789  -8.774  10.862  1.00 31.98 ? 155 ARG A CB  1 
ATOM   1222 C CG  . ARG A 1 155 ? -3.438  -8.279  10.396  1.00 34.32 ? 155 ARG A CG  1 
ATOM   1223 C CD  . ARG A 1 155 ? -3.042  -7.506  11.646  1.00 37.87 ? 155 ARG A CD  1 
ATOM   1224 N NE  . ARG A 1 155 ? -1.930  -6.592  11.483  1.00 42.41 ? 155 ARG A NE  1 
ATOM   1225 C CZ  . ARG A 1 155 ? -1.918  -5.496  10.669  1.00 44.70 ? 155 ARG A CZ  1 
ATOM   1226 N NH1 . ARG A 1 155 ? -2.955  -5.134  9.894   1.00 45.07 ? 155 ARG A NH1 1 
ATOM   1227 N NH2 . ARG A 1 155 ? -0.826  -4.691  10.640  1.00 44.45 ? 155 ARG A NH2 1 
ATOM   1228 N N   . ASP A 1 156 ? -7.274  -9.873  11.799  1.00 33.24 ? 156 ASP A N   1 
ATOM   1229 C CA  . ASP A 1 156 ? -8.520  -10.374 12.354  1.00 34.18 ? 156 ASP A CA  1 
ATOM   1230 C C   . ASP A 1 156 ? -9.176  -9.429  13.357  1.00 33.99 ? 156 ASP A C   1 
ATOM   1231 O O   . ASP A 1 156 ? -9.921  -9.845  14.263  1.00 35.19 ? 156 ASP A O   1 
ATOM   1232 C CB  . ASP A 1 156 ? -8.258  -11.715 13.006  1.00 35.91 ? 156 ASP A CB  1 
ATOM   1233 C CG  . ASP A 1 156 ? -7.343  -11.685 14.223  1.00 37.22 ? 156 ASP A CG  1 
ATOM   1234 O OD1 . ASP A 1 156 ? -6.425  -10.857 14.305  1.00 37.46 ? 156 ASP A OD1 1 
ATOM   1235 O OD2 . ASP A 1 156 ? -7.570  -12.519 15.098  1.00 40.95 ? 156 ASP A OD2 1 
ATOM   1236 N N   . LYS A 1 157 ? -8.850  -8.143  13.253  1.00 32.37 ? 157 LYS A N   1 
ATOM   1237 C CA  . LYS A 1 157 ? -9.479  -7.139  14.073  1.00 30.20 ? 157 LYS A CA  1 
ATOM   1238 C C   . LYS A 1 157 ? -10.524 -6.673  13.052  1.00 30.32 ? 157 LYS A C   1 
ATOM   1239 O O   . LYS A 1 157 ? -10.395 -6.826  11.823  1.00 28.14 ? 157 LYS A O   1 
ATOM   1240 C CB  . LYS A 1 157 ? -8.466  -6.062  14.399  1.00 31.23 ? 157 LYS A CB  1 
ATOM   1241 C CG  . LYS A 1 157 ? -7.133  -6.595  14.955  1.00 33.85 ? 157 LYS A CG  1 
ATOM   1242 C CD  . LYS A 1 157 ? -5.920  -5.625  14.819  1.00 35.44 ? 157 LYS A CD  1 
ATOM   1243 C CE  . LYS A 1 157 ? -4.541  -6.335  14.759  1.00 35.27 ? 157 LYS A CE  1 
ATOM   1244 N NZ  . LYS A 1 157 ? -3.415  -5.485  14.400  1.00 33.63 ? 157 LYS A NZ  1 
ATOM   1245 N N   . PRO A 1 158 ? -11.653 -6.143  13.465  1.00 31.07 ? 158 PRO A N   1 
ATOM   1246 C CA  . PRO A 1 158 ? -12.684 -5.666  12.550  1.00 31.10 ? 158 PRO A CA  1 
ATOM   1247 C C   . PRO A 1 158 ? -12.489 -4.186  12.224  1.00 29.80 ? 158 PRO A C   1 
ATOM   1248 O O   . PRO A 1 158 ? -13.373 -3.394  12.530  1.00 29.64 ? 158 PRO A O   1 
ATOM   1249 C CB  . PRO A 1 158 ? -13.949 -6.017  13.304  1.00 30.14 ? 158 PRO A CB  1 
ATOM   1250 C CG  . PRO A 1 158 ? -13.538 -5.613  14.705  1.00 30.04 ? 158 PRO A CG  1 
ATOM   1251 C CD  . PRO A 1 158 ? -12.094 -6.088  14.847  1.00 30.84 ? 158 PRO A CD  1 
ATOM   1252 N N   . TYR A 1 159 ? -11.365 -3.744  11.671  1.00 29.45 ? 159 TYR A N   1 
ATOM   1253 C CA  . TYR A 1 159 ? -11.160 -2.346  11.344  1.00 30.44 ? 159 TYR A CA  1 
ATOM   1254 C C   . TYR A 1 159 ? -9.961  -2.188  10.435  1.00 29.60 ? 159 TYR A C   1 
ATOM   1255 O O   . TYR A 1 159 ? -9.191  -3.147  10.367  1.00 29.51 ? 159 TYR A O   1 
ATOM   1256 C CB  . TYR A 1 159 ? -10.944 -1.510  12.632  1.00 32.69 ? 159 TYR A CB  1 
ATOM   1257 C CG  . TYR A 1 159 ? -9.622  -1.561  13.377  1.00 33.82 ? 159 TYR A CG  1 
ATOM   1258 C CD1 . TYR A 1 159 ? -9.384  -2.605  14.265  1.00 34.59 ? 159 TYR A CD1 1 
ATOM   1259 C CD2 . TYR A 1 159 ? -8.647  -0.570  13.134  1.00 35.98 ? 159 TYR A CD2 1 
ATOM   1260 C CE1 . TYR A 1 159 ? -8.157  -2.664  14.933  1.00 37.43 ? 159 TYR A CE1 1 
ATOM   1261 C CE2 . TYR A 1 159 ? -7.414  -0.618  13.796  1.00 38.18 ? 159 TYR A CE2 1 
ATOM   1262 C CZ  . TYR A 1 159 ? -7.184  -1.682  14.688  1.00 39.47 ? 159 TYR A CZ  1 
ATOM   1263 O OH  . TYR A 1 159 ? -5.980  -1.760  15.363  1.00 43.07 ? 159 TYR A OH  1 
ATOM   1264 N N   . PHE A 1 160 ? -9.734  -1.068  9.741   1.00 26.48 ? 160 PHE A N   1 
ATOM   1265 C CA  . PHE A 1 160 ? -8.489  -0.904  9.023   1.00 24.31 ? 160 PHE A CA  1 
ATOM   1266 C C   . PHE A 1 160 ? -8.148  0.544   8.927   1.00 24.02 ? 160 PHE A C   1 
ATOM   1267 O O   . PHE A 1 160 ? -9.035  1.382   9.017   1.00 24.02 ? 160 PHE A O   1 
ATOM   1268 C CB  . PHE A 1 160 ? -8.570  -1.497  7.635   1.00 24.09 ? 160 PHE A CB  1 
ATOM   1269 C CG  . PHE A 1 160 ? -9.645  -1.006  6.710   1.00 23.30 ? 160 PHE A CG  1 
ATOM   1270 C CD1 . PHE A 1 160 ? -9.439  0.152   5.958   1.00 22.08 ? 160 PHE A CD1 1 
ATOM   1271 C CD2 . PHE A 1 160 ? -10.813 -1.747  6.627   1.00 19.47 ? 160 PHE A CD2 1 
ATOM   1272 C CE1 . PHE A 1 160 ? -10.435 0.570   5.092   1.00 22.59 ? 160 PHE A CE1 1 
ATOM   1273 C CE2 . PHE A 1 160 ? -11.793 -1.317  5.757   1.00 19.75 ? 160 PHE A CE2 1 
ATOM   1274 C CZ  . PHE A 1 160 ? -11.617 -0.163  4.991   1.00 23.75 ? 160 PHE A CZ  1 
ATOM   1275 N N   . GLN A 1 161 ? -6.887  0.807   8.722   1.00 23.87 ? 161 GLN A N   1 
ATOM   1276 C CA  . GLN A 1 161 ? -6.375  2.142   8.629   1.00 26.29 ? 161 GLN A CA  1 
ATOM   1277 C C   . GLN A 1 161 ? -5.571  2.189   7.326   1.00 25.10 ? 161 GLN A C   1 
ATOM   1278 O O   . GLN A 1 161 ? -4.679  1.362   7.188   1.00 24.07 ? 161 GLN A O   1 
ATOM   1279 C CB  . GLN A 1 161 ? -5.517  2.384   9.867   1.00 27.85 ? 161 GLN A CB  1 
ATOM   1280 C CG  . GLN A 1 161 ? -5.000  3.819   9.987   1.00 34.09 ? 161 GLN A CG  1 
ATOM   1281 C CD  . GLN A 1 161 ? -4.255  4.185   11.264  1.00 36.21 ? 161 GLN A CD  1 
ATOM   1282 O OE1 . GLN A 1 161 ? -4.390  3.508   12.291  1.00 39.44 ? 161 GLN A OE1 1 
ATOM   1283 N NE2 . GLN A 1 161 ? -3.471  5.262   11.280  1.00 37.09 ? 161 GLN A NE2 1 
ATOM   1284 N N   . VAL A 1 162 ? -5.852  3.058   6.332   1.00 26.37 ? 162 VAL A N   1 
ATOM   1285 C CA  . VAL A 1 162 ? -5.144  3.173   5.045   1.00 24.69 ? 162 VAL A CA  1 
ATOM   1286 C C   . VAL A 1 162 ? -4.575  4.575   4.803   1.00 24.56 ? 162 VAL A C   1 
ATOM   1287 O O   . VAL A 1 162 ? -5.181  5.549   5.232   1.00 25.36 ? 162 VAL A O   1 
ATOM   1288 C CB  . VAL A 1 162 ? -6.014  2.942   3.773   1.00 25.65 ? 162 VAL A CB  1 
ATOM   1289 C CG1 . VAL A 1 162 ? -5.455  1.728   3.126   1.00 27.37 ? 162 VAL A CG1 1 
ATOM   1290 C CG2 . VAL A 1 162 ? -7.490  2.790   4.011   1.00 25.23 ? 162 VAL A CG2 1 
ATOM   1291 N N   . LEU A 1 163 ? -3.457  4.760   4.112   1.00 22.99 ? 163 LEU A N   1 
ATOM   1292 C CA  . LEU A 1 163 ? -2.967  6.045   3.687   1.00 22.36 ? 163 LEU A CA  1 
ATOM   1293 C C   . LEU A 1 163 ? -3.808  6.450   2.501   1.00 21.92 ? 163 LEU A C   1 
ATOM   1294 O O   . LEU A 1 163 ? -4.040  5.599   1.646   1.00 20.86 ? 163 LEU A O   1 
ATOM   1295 C CB  . LEU A 1 163 ? -1.525  5.890   3.271   1.00 24.78 ? 163 LEU A CB  1 
ATOM   1296 C CG  . LEU A 1 163 ? -0.847  7.018   2.562   1.00 24.36 ? 163 LEU A CG  1 
ATOM   1297 C CD1 . LEU A 1 163 ? -0.584  8.084   3.562   1.00 24.26 ? 163 LEU A CD1 1 
ATOM   1298 C CD2 . LEU A 1 163 ? 0.458   6.573   1.961   1.00 25.36 ? 163 LEU A CD2 1 
ATOM   1299 N N   . VAL A 1 164 ? -4.348  7.666   2.381   1.00 21.29 ? 164 VAL A N   1 
ATOM   1300 C CA  . VAL A 1 164 ? -5.063  8.053   1.151   1.00 19.55 ? 164 VAL A CA  1 
ATOM   1301 C C   . VAL A 1 164 ? -4.547  9.332   0.449   1.00 17.99 ? 164 VAL A C   1 
ATOM   1302 O O   . VAL A 1 164 ? -5.131  9.753   -0.540  1.00 16.52 ? 164 VAL A O   1 
ATOM   1303 C CB  . VAL A 1 164 ? -6.606  8.218   1.419   1.00 18.30 ? 164 VAL A CB  1 
ATOM   1304 C CG1 . VAL A 1 164 ? -7.161  6.826   1.656   1.00 17.79 ? 164 VAL A CG1 1 
ATOM   1305 C CG2 . VAL A 1 164 ? -6.925  9.154   2.591   1.00 16.88 ? 164 VAL A CG2 1 
ATOM   1306 N N   . GLY A 1 165 ? -3.518  10.033  0.907   1.00 16.61 ? 165 GLY A N   1 
ATOM   1307 C CA  . GLY A 1 165 ? -2.956  11.147  0.200   1.00 16.89 ? 165 GLY A CA  1 
ATOM   1308 C C   . GLY A 1 165 ? -2.118  11.962  1.126   1.00 17.36 ? 165 GLY A C   1 
ATOM   1309 O O   . GLY A 1 165 ? -1.762  11.462  2.169   1.00 16.79 ? 165 GLY A O   1 
ATOM   1310 N N   . ASN A 1 166 ? -1.758  13.196  0.878   1.00 20.54 ? 166 ASN A N   1 
ATOM   1311 C CA  . ASN A 1 166 ? -1.058  13.982  1.878   1.00 23.62 ? 166 ASN A CA  1 
ATOM   1312 C C   . ASN A 1 166 ? -1.572  15.392  1.898   1.00 24.81 ? 166 ASN A C   1 
ATOM   1313 O O   . ASN A 1 166 ? -2.488  15.687  1.154   1.00 24.03 ? 166 ASN A O   1 
ATOM   1314 C CB  . ASN A 1 166 ? 0.461   14.079  1.673   1.00 24.29 ? 166 ASN A CB  1 
ATOM   1315 C CG  . ASN A 1 166 ? 1.067   14.571  0.367   1.00 25.67 ? 166 ASN A CG  1 
ATOM   1316 O OD1 . ASN A 1 166 ? 0.460   14.915  -0.654  1.00 26.83 ? 166 ASN A OD1 1 
ATOM   1317 N ND2 . ASN A 1 166 ? 2.383   14.556  0.430   1.00 24.34 ? 166 ASN A ND2 1 
ATOM   1318 N N   . GLU A 1 167 ? -1.048  16.255  2.764   1.00 27.48 ? 167 GLU A N   1 
ATOM   1319 C CA  . GLU A 1 167 ? -1.481  17.631  2.862   1.00 29.73 ? 167 GLU A CA  1 
ATOM   1320 C C   . GLU A 1 167 ? -1.262  18.422  1.591   1.00 32.15 ? 167 GLU A C   1 
ATOM   1321 O O   . GLU A 1 167 ? -1.726  19.556  1.554   1.00 34.51 ? 167 GLU A O   1 
ATOM   1322 C CB  . GLU A 1 167 ? -0.729  18.400  3.859   1.00 28.83 ? 167 GLU A CB  1 
ATOM   1323 C CG  . GLU A 1 167 ? -1.045  18.348  5.302   1.00 31.43 ? 167 GLU A CG  1 
ATOM   1324 C CD  . GLU A 1 167 ? 0.113   18.935  6.111   1.00 31.77 ? 167 GLU A CD  1 
ATOM   1325 O OE1 . GLU A 1 167 ? 1.248   18.987  5.655   1.00 31.17 ? 167 GLU A OE1 1 
ATOM   1326 O OE2 . GLU A 1 167 ? -0.103  19.308  7.256   1.00 36.96 ? 167 GLU A OE2 1 
ATOM   1327 N N   . LYS A 1 168 ? -0.533  17.980  0.563   1.00 32.78 ? 168 LYS A N   1 
ATOM   1328 C CA  . LYS A 1 168 ? -0.322  18.836  -0.587  1.00 32.21 ? 168 LYS A CA  1 
ATOM   1329 C C   . LYS A 1 168 ? -1.284  18.569  -1.743  1.00 32.78 ? 168 LYS A C   1 
ATOM   1330 O O   . LYS A 1 168 ? -1.132  19.173  -2.806  1.00 36.26 ? 168 LYS A O   1 
ATOM   1331 C CB  . LYS A 1 168 ? 1.133   18.664  -0.995  1.00 33.60 ? 168 LYS A CB  1 
ATOM   1332 C CG  . LYS A 1 168 ? 2.054   19.183  0.116   1.00 36.41 ? 168 LYS A CG  1 
ATOM   1333 C CD  . LYS A 1 168 ? 3.561   18.997  -0.166  1.00 40.87 ? 168 LYS A CD  1 
ATOM   1334 C CE  . LYS A 1 168 ? 4.149   19.761  -1.391  1.00 43.32 ? 168 LYS A CE  1 
ATOM   1335 N NZ  . LYS A 1 168 ? 5.611   19.710  -1.451  1.00 45.37 ? 168 LYS A NZ  1 
ATOM   1336 N N   . MET A 1 169 ? -2.326  17.741  -1.607  1.00 32.21 ? 169 MET A N   1 
ATOM   1337 C CA  . MET A 1 169 ? -3.251  17.372  -2.685  1.00 30.39 ? 169 MET A CA  1 
ATOM   1338 C C   . MET A 1 169 ? -4.583  18.005  -2.315  1.00 28.70 ? 169 MET A C   1 
ATOM   1339 O O   . MET A 1 169 ? -4.756  18.436  -1.172  1.00 27.59 ? 169 MET A O   1 
ATOM   1340 C CB  . MET A 1 169 ? -3.392  15.841  -2.746  1.00 30.68 ? 169 MET A CB  1 
ATOM   1341 C CG  . MET A 1 169 ? -2.101  15.021  -3.040  1.00 29.98 ? 169 MET A CG  1 
ATOM   1342 S SD  . MET A 1 169 ? -2.269  13.238  -2.673  1.00 27.18 ? 169 MET A SD  1 
ATOM   1343 C CE  . MET A 1 169 ? -3.868  12.748  -3.259  1.00 21.91 ? 169 MET A CE  1 
ATOM   1344 N N   . THR A 1 170 ? -5.579  18.049  -3.176  1.00 28.01 ? 170 THR A N   1 
ATOM   1345 C CA  . THR A 1 170 ? -6.765  18.808  -2.826  1.00 30.03 ? 170 THR A CA  1 
ATOM   1346 C C   . THR A 1 170 ? -7.759  17.960  -2.063  1.00 28.98 ? 170 THR A C   1 
ATOM   1347 O O   . THR A 1 170 ? -7.741  16.733  -2.208  1.00 30.75 ? 170 THR A O   1 
ATOM   1348 C CB  . THR A 1 170 ? -7.415  19.432  -4.156  1.00 30.47 ? 170 THR A CB  1 
ATOM   1349 O OG1 . THR A 1 170 ? -8.026  18.422  -4.984  1.00 33.28 ? 170 THR A OG1 1 
ATOM   1350 C CG2 . THR A 1 170 ? -6.341  20.131  -4.991  1.00 30.40 ? 170 THR A CG2 1 
ATOM   1351 N N   . ASP A 1 171 ? -8.690  18.545  -1.316  1.00 26.62 ? 171 ASP A N   1 
ATOM   1352 C CA  . ASP A 1 171 ? -9.744  17.788  -0.676  1.00 26.52 ? 171 ASP A CA  1 
ATOM   1353 C C   . ASP A 1 171 ? -10.483 16.857  -1.599  1.00 27.04 ? 171 ASP A C   1 
ATOM   1354 O O   . ASP A 1 171 ? -10.896 15.769  -1.227  1.00 28.72 ? 171 ASP A O   1 
ATOM   1355 C CB  . ASP A 1 171 ? -10.794 18.685  -0.097  1.00 26.45 ? 171 ASP A CB  1 
ATOM   1356 C CG  . ASP A 1 171 ? -10.379 19.460  1.132   1.00 26.80 ? 171 ASP A CG  1 
ATOM   1357 O OD1 . ASP A 1 171 ? -9.180  19.512  1.430   1.00 27.99 ? 171 ASP A OD1 1 
ATOM   1358 O OD2 . ASP A 1 171 ? -11.276 19.999  1.794   1.00 26.09 ? 171 ASP A OD2 1 
ATOM   1359 N N   . GLU A 1 172 ? -10.646 17.277  -2.829  1.00 25.90 ? 172 GLU A N   1 
ATOM   1360 C CA  . GLU A 1 172 ? -11.402 16.571  -3.839  1.00 25.79 ? 172 GLU A CA  1 
ATOM   1361 C C   . GLU A 1 172 ? -10.688 15.257  -4.190  1.00 24.95 ? 172 GLU A C   1 
ATOM   1362 O O   . GLU A 1 172 ? -11.280 14.205  -4.455  1.00 24.45 ? 172 GLU A O   1 
ATOM   1363 C CB  . GLU A 1 172 ? -11.486 17.580  -4.989  1.00 28.49 ? 172 GLU A CB  1 
ATOM   1364 C CG  . GLU A 1 172 ? -12.738 17.552  -5.849  1.00 34.78 ? 172 GLU A CG  1 
ATOM   1365 C CD  . GLU A 1 172 ? -14.063 18.000  -5.213  1.00 39.20 ? 172 GLU A CD  1 
ATOM   1366 O OE1 . GLU A 1 172 ? -14.097 19.017  -4.484  1.00 42.60 ? 172 GLU A OE1 1 
ATOM   1367 O OE2 . GLU A 1 172 ? -15.080 17.338  -5.491  1.00 41.53 ? 172 GLU A OE2 1 
ATOM   1368 N N   . GLN A 1 173 ? -9.361  15.364  -4.221  1.00 24.00 ? 173 GLN A N   1 
ATOM   1369 C CA  . GLN A 1 173 ? -8.444  14.277  -4.518  1.00 22.55 ? 173 GLN A CA  1 
ATOM   1370 C C   . GLN A 1 173 ? -8.417  13.276  -3.387  1.00 20.40 ? 173 GLN A C   1 
ATOM   1371 O O   . GLN A 1 173 ? -8.566  12.108  -3.684  1.00 20.15 ? 173 GLN A O   1 
ATOM   1372 C CB  . GLN A 1 173 ? -7.024  14.813  -4.757  1.00 21.21 ? 173 GLN A CB  1 
ATOM   1373 C CG  . GLN A 1 173 ? -6.787  15.303  -6.173  1.00 21.41 ? 173 GLN A CG  1 
ATOM   1374 C CD  . GLN A 1 173 ? -5.391  15.848  -6.348  1.00 23.11 ? 173 GLN A CD  1 
ATOM   1375 O OE1 . GLN A 1 173 ? -4.836  16.488  -5.458  1.00 27.84 ? 173 GLN A OE1 1 
ATOM   1376 N NE2 . GLN A 1 173 ? -4.727  15.656  -7.467  1.00 22.61 ? 173 GLN A NE2 1 
ATOM   1377 N N   . ILE A 1 174 ? -8.269  13.697  -2.131  1.00 20.15 ? 174 ILE A N   1 
ATOM   1378 C CA  . ILE A 1 174 ? -8.374  12.836  -0.963  1.00 18.74 ? 174 ILE A CA  1 
ATOM   1379 C C   . ILE A 1 174 ? -9.675  12.072  -0.925  1.00 19.33 ? 174 ILE A C   1 
ATOM   1380 O O   . ILE A 1 174 ? -9.674  10.859  -0.728  1.00 21.46 ? 174 ILE A O   1 
ATOM   1381 C CB  . ILE A 1 174 ? -8.235  13.674  0.286   1.00 18.14 ? 174 ILE A CB  1 
ATOM   1382 C CG1 . ILE A 1 174 ? -6.903  14.386  0.268   1.00 17.48 ? 174 ILE A CG1 1 
ATOM   1383 C CG2 . ILE A 1 174 ? -8.366  12.799  1.521   1.00 18.68 ? 174 ILE A CG2 1 
ATOM   1384 C CD1 . ILE A 1 174 ? -5.691  13.467  0.073   1.00 17.88 ? 174 ILE A CD1 1 
ATOM   1385 N N   . VAL A 1 175 ? -10.803 12.698  -1.226  1.00 21.37 ? 175 VAL A N   1 
ATOM   1386 C CA  . VAL A 1 175 ? -12.088 12.017  -1.254  1.00 19.64 ? 175 VAL A CA  1 
ATOM   1387 C C   . VAL A 1 175 ? -12.185 11.062  -2.424  1.00 19.86 ? 175 VAL A C   1 
ATOM   1388 O O   . VAL A 1 175 ? -12.853 10.050  -2.295  1.00 20.66 ? 175 VAL A O   1 
ATOM   1389 C CB  . VAL A 1 175 ? -13.226 13.073  -1.294  1.00 20.62 ? 175 VAL A CB  1 
ATOM   1390 C CG1 . VAL A 1 175 ? -14.598 12.418  -1.408  1.00 16.98 ? 175 VAL A CG1 1 
ATOM   1391 C CG2 . VAL A 1 175 ? -13.168 13.868  0.038   1.00 17.00 ? 175 VAL A CG2 1 
ATOM   1392 N N   . ASP A 1 176 ? -11.591 11.296  -3.587  1.00 19.91 ? 176 ASP A N   1 
ATOM   1393 C CA  . ASP A 1 176 ? -11.613 10.337  -4.673  1.00 21.07 ? 176 ASP A CA  1 
ATOM   1394 C C   . ASP A 1 176 ? -10.838 9.043   -4.358  1.00 22.44 ? 176 ASP A C   1 
ATOM   1395 O O   . ASP A 1 176 ? -11.171 7.957   -4.847  1.00 22.41 ? 176 ASP A O   1 
ATOM   1396 C CB  . ASP A 1 176 ? -11.000 10.965  -5.896  1.00 23.48 ? 176 ASP A CB  1 
ATOM   1397 C CG  . ASP A 1 176 ? -11.827 12.003  -6.659  1.00 27.55 ? 176 ASP A CG  1 
ATOM   1398 O OD1 . ASP A 1 176 ? -13.005 12.218  -6.341  1.00 30.21 ? 176 ASP A OD1 1 
ATOM   1399 O OD2 . ASP A 1 176 ? -11.288 12.600  -7.601  1.00 30.43 ? 176 ASP A OD2 1 
ATOM   1400 N N   . ASN A 1 177 ? -9.754  9.201   -3.587  1.00 23.28 ? 177 ASN A N   1 
ATOM   1401 C CA  . ASN A 1 177 ? -8.894  8.135   -3.106  1.00 22.30 ? 177 ASN A CA  1 
ATOM   1402 C C   . ASN A 1 177 ? -9.670  7.295   -2.090  1.00 22.14 ? 177 ASN A C   1 
ATOM   1403 O O   . ASN A 1 177 ? -9.689  6.059   -2.163  1.00 23.30 ? 177 ASN A O   1 
ATOM   1404 C CB  . ASN A 1 177 ? -7.591  8.737   -2.486  1.00 19.56 ? 177 ASN A CB  1 
ATOM   1405 C CG  . ASN A 1 177 ? -6.518  9.031   -3.536  1.00 18.28 ? 177 ASN A CG  1 
ATOM   1406 O OD1 . ASN A 1 177 ? -6.731  8.773   -4.721  1.00 18.27 ? 177 ASN A OD1 1 
ATOM   1407 N ND2 . ASN A 1 177 ? -5.366  9.559   -3.173  1.00 16.22 ? 177 ASN A ND2 1 
ATOM   1408 N N   . ILE A 1 178 ? -10.310 7.997   -1.175  1.00 22.18 ? 178 ILE A N   1 
ATOM   1409 C CA  . ILE A 1 178 ? -11.106 7.367   -0.113  1.00 21.50 ? 178 ILE A CA  1 
ATOM   1410 C C   . ILE A 1 178 ? -12.227 6.506   -0.714  1.00 22.49 ? 178 ILE A C   1 
ATOM   1411 O O   . ILE A 1 178 ? -12.602 5.464   -0.159  1.00 26.72 ? 178 ILE A O   1 
ATOM   1412 C CB  . ILE A 1 178 ? -11.736 8.437   0.783   1.00 21.39 ? 178 ILE A CB  1 
ATOM   1413 C CG1 . ILE A 1 178 ? -10.703 9.245   1.571   1.00 20.31 ? 178 ILE A CG1 1 
ATOM   1414 C CG2 . ILE A 1 178 ? -12.687 7.851   1.832   1.00 20.21 ? 178 ILE A CG2 1 
ATOM   1415 C CD1 . ILE A 1 178 ? -11.337 10.256  2.530   1.00 19.31 ? 178 ILE A CD1 1 
ATOM   1416 N N   . GLU A 1 179 ? -12.742 6.956   -1.845  1.00 23.49 ? 179 GLU A N   1 
ATOM   1417 C CA  . GLU A 1 179 ? -13.844 6.263   -2.541  1.00 23.62 ? 179 GLU A CA  1 
ATOM   1418 C C   . GLU A 1 179 ? -13.340 4.961   -3.187  1.00 23.36 ? 179 GLU A C   1 
ATOM   1419 O O   . GLU A 1 179 ? -14.059 3.953   -3.241  1.00 22.20 ? 179 GLU A O   1 
ATOM   1420 C CB  . GLU A 1 179 ? -14.454 7.184   -3.598  1.00 25.68 ? 179 GLU A CB  1 
ATOM   1421 C CG  . GLU A 1 179 ? -15.276 8.318   -2.977  1.00 32.60 ? 179 GLU A CG  1 
ATOM   1422 C CD  . GLU A 1 179 ? -16.040 9.152   -4.008  1.00 38.38 ? 179 GLU A CD  1 
ATOM   1423 O OE1 . GLU A 1 179 ? -16.089 8.772   -5.238  1.00 39.68 ? 179 GLU A OE1 1 
ATOM   1424 O OE2 . GLU A 1 179 ? -16.635 10.239  -3.643  1.00 43.17 ? 179 GLU A OE2 1 
ATOM   1425 N N   . ALA A 1 180 ? -12.107 5.007   -3.670  1.00 22.82 ? 180 ALA A N   1 
ATOM   1426 C CA  . ALA A 1 180 ? -11.456 3.833   -4.292  1.00 23.30 ? 180 ALA A CA  1 
ATOM   1427 C C   . ALA A 1 180 ? -11.290 2.766   -3.242  1.00 23.91 ? 180 ALA A C   1 
ATOM   1428 O O   . ALA A 1 180 ? -11.518 1.612   -3.559  1.00 25.81 ? 180 ALA A O   1 
ATOM   1429 C CB  . ALA A 1 180 ? -10.086 4.227   -4.847  1.00 22.29 ? 180 ALA A CB  1 
ATOM   1430 N N   . VAL A 1 181 ? -10.929 3.144   -2.008  1.00 24.77 ? 181 VAL A N   1 
ATOM   1431 C CA  . VAL A 1 181 ? -10.832 2.287   -0.832  1.00 21.94 ? 181 VAL A CA  1 
ATOM   1432 C C   . VAL A 1 181 ? -12.226 1.805   -0.485  1.00 23.97 ? 181 VAL A C   1 
ATOM   1433 O O   . VAL A 1 181 ? -12.393 0.570   -0.460  1.00 25.60 ? 181 VAL A O   1 
ATOM   1434 C CB  . VAL A 1 181 ? -10.186 3.093   0.302   1.00 21.37 ? 181 VAL A CB  1 
ATOM   1435 C CG1 . VAL A 1 181 ? -10.426 2.468   1.631   1.00 20.94 ? 181 VAL A CG1 1 
ATOM   1436 C CG2 . VAL A 1 181 ? -8.676  3.118   0.076   1.00 18.25 ? 181 VAL A CG2 1 
ATOM   1437 N N   . LEU A 1 182 ? -13.273 2.653   -0.303  1.00 24.26 ? 182 LEU A N   1 
ATOM   1438 C CA  . LEU A 1 182 ? -14.631 2.156   0.003   1.00 23.69 ? 182 LEU A CA  1 
ATOM   1439 C C   . LEU A 1 182 ? -15.181 1.205   -1.046  1.00 23.87 ? 182 LEU A C   1 
ATOM   1440 O O   . LEU A 1 182 ? -15.929 0.271   -0.723  1.00 23.32 ? 182 LEU A O   1 
ATOM   1441 C CB  . LEU A 1 182 ? -15.666 3.324   0.204   1.00 20.36 ? 182 LEU A CB  1 
ATOM   1442 C CG  . LEU A 1 182 ? -15.393 4.213   1.435   1.00 21.27 ? 182 LEU A CG  1 
ATOM   1443 C CD1 . LEU A 1 182 ? -16.351 5.387   1.351   1.00 21.51 ? 182 LEU A CD1 1 
ATOM   1444 C CD2 . LEU A 1 182 ? -15.500 3.432   2.765   1.00 18.58 ? 182 LEU A CD2 1 
ATOM   1445 N N   . ASN A 1 183 ? -14.762 1.335   -2.295  1.00 25.48 ? 183 ASN A N   1 
ATOM   1446 C CA  . ASN A 1 183 ? -15.215 0.407   -3.309  1.00 28.17 ? 183 ASN A CA  1 
ATOM   1447 C C   . ASN A 1 183 ? -14.686 -1.009  -3.084  1.00 29.14 ? 183 ASN A C   1 
ATOM   1448 O O   . ASN A 1 183 ? -15.350 -1.966  -3.468  1.00 29.38 ? 183 ASN A O   1 
ATOM   1449 C CB  . ASN A 1 183 ? -14.807 0.899   -4.699  1.00 30.88 ? 183 ASN A CB  1 
ATOM   1450 C CG  . ASN A 1 183 ? -15.272 -0.094  -5.768  1.00 35.61 ? 183 ASN A CG  1 
ATOM   1451 O OD1 . ASN A 1 183 ? -16.467 -0.230  -6.077  1.00 37.73 ? 183 ASN A OD1 1 
ATOM   1452 N ND2 . ASN A 1 183 ? -14.371 -0.870  -6.385  1.00 39.45 ? 183 ASN A ND2 1 
ATOM   1453 N N   . VAL A 1 184 ? -13.562 -1.261  -2.416  1.00 30.25 ? 184 VAL A N   1 
ATOM   1454 C CA  . VAL A 1 184 ? -13.084 -2.633  -2.134  1.00 31.06 ? 184 VAL A CA  1 
ATOM   1455 C C   . VAL A 1 184 ? -14.055 -3.310  -1.146  1.00 29.81 ? 184 VAL A C   1 
ATOM   1456 O O   . VAL A 1 184 ? -14.582 -4.400  -1.388  1.00 29.67 ? 184 VAL A O   1 
ATOM   1457 C CB  . VAL A 1 184 ? -11.638 -2.492  -1.583  1.00 32.26 ? 184 VAL A CB  1 
ATOM   1458 C CG1 . VAL A 1 184 ? -11.145 -3.753  -0.902  1.00 33.05 ? 184 VAL A CG1 1 
ATOM   1459 C CG2 . VAL A 1 184 ? -10.722 -2.192  -2.767  1.00 32.27 ? 184 VAL A CG2 1 
ATOM   1460 N N   . VAL A 1 185 ? -14.366 -2.635  -0.040  1.00 28.61 ? 185 VAL A N   1 
ATOM   1461 C CA  . VAL A 1 185 ? -15.328 -3.104  0.916   1.00 26.36 ? 185 VAL A CA  1 
ATOM   1462 C C   . VAL A 1 185 ? -16.669 -3.384  0.254   1.00 26.75 ? 185 VAL A C   1 
ATOM   1463 O O   . VAL A 1 185 ? -17.214 -4.469  0.436   1.00 27.63 ? 185 VAL A O   1 
ATOM   1464 C CB  . VAL A 1 185 ? -15.460 -2.060  1.986   1.00 25.90 ? 185 VAL A CB  1 
ATOM   1465 C CG1 . VAL A 1 185 ? -16.537 -2.489  3.012   1.00 28.65 ? 185 VAL A CG1 1 
ATOM   1466 C CG2 . VAL A 1 185 ? -14.114 -1.891  2.662   1.00 25.28 ? 185 VAL A CG2 1 
ATOM   1467 N N   . ALA A 1 186 ? -17.159 -2.500  -0.612  1.00 26.55 ? 186 ALA A N   1 
ATOM   1468 C CA  . ALA A 1 186 ? -18.440 -2.648  -1.288  1.00 25.64 ? 186 ALA A CA  1 
ATOM   1469 C C   . ALA A 1 186 ? -18.547 -3.935  -2.055  1.00 26.31 ? 186 ALA A C   1 
ATOM   1470 O O   . ALA A 1 186 ? -19.627 -4.505  -2.201  1.00 27.19 ? 186 ALA A O   1 
ATOM   1471 C CB  . ALA A 1 186 ? -18.677 -1.539  -2.291  1.00 23.13 ? 186 ALA A CB  1 
ATOM   1472 N N   . LYS A 1 187 ? -17.436 -4.391  -2.585  1.00 27.81 ? 187 LYS A N   1 
ATOM   1473 C CA  . LYS A 1 187 ? -17.460 -5.613  -3.337  1.00 29.12 ? 187 LYS A CA  1 
ATOM   1474 C C   . LYS A 1 187 ? -17.036 -6.788  -2.510  1.00 30.08 ? 187 LYS A C   1 
ATOM   1475 O O   . LYS A 1 187 ? -17.272 -7.910  -2.941  1.00 31.71 ? 187 LYS A O   1 
ATOM   1476 C CB  . LYS A 1 187 ? -16.570 -5.473  -4.534  1.00 30.23 ? 187 LYS A CB  1 
ATOM   1477 C CG  . LYS A 1 187 ? -17.407 -4.896  -5.635  1.00 33.60 ? 187 LYS A CG  1 
ATOM   1478 C CD  . LYS A 1 187 ? -16.587 -4.958  -6.885  1.00 37.73 ? 187 LYS A CD  1 
ATOM   1479 C CE  . LYS A 1 187 ? -17.383 -4.393  -8.077  1.00 41.01 ? 187 LYS A CE  1 
ATOM   1480 N NZ  . LYS A 1 187 ? -16.521 -4.229  -9.249  1.00 41.73 ? 187 LYS A NZ  1 
ATOM   1481 N N   . LYS A 1 188 ? -16.436 -6.615  -1.340  1.00 31.00 ? 188 LYS A N   1 
ATOM   1482 C CA  . LYS A 1 188 ? -16.063 -7.780  -0.581  1.00 30.06 ? 188 LYS A CA  1 
ATOM   1483 C C   . LYS A 1 188 ? -17.261 -8.474  -0.001  1.00 28.29 ? 188 LYS A C   1 
ATOM   1484 O O   . LYS A 1 188 ? -17.418 -9.651  -0.265  1.00 27.91 ? 188 LYS A O   1 
ATOM   1485 C CB  . LYS A 1 188 ? -15.094 -7.442  0.568   1.00 31.42 ? 188 LYS A CB  1 
ATOM   1486 C CG  . LYS A 1 188 ? -14.696 -8.809  1.165   1.00 34.43 ? 188 LYS A CG  1 
ATOM   1487 C CD  . LYS A 1 188 ? -13.374 -8.936  1.909   1.00 33.93 ? 188 LYS A CD  1 
ATOM   1488 C CE  . LYS A 1 188 ? -13.149 -10.350 2.492   1.00 34.65 ? 188 LYS A CE  1 
ATOM   1489 N NZ  . LYS A 1 188 ? -12.820 -11.368 1.507   1.00 35.08 ? 188 LYS A NZ  1 
ATOM   1490 N N   . TYR A 1 189 ? -18.115 -7.797  0.758   1.00 29.07 ? 189 TYR A N   1 
ATOM   1491 C CA  . TYR A 1 189 ? -19.177 -8.466  1.481   1.00 28.01 ? 189 TYR A CA  1 
ATOM   1492 C C   . TYR A 1 189 ? -20.525 -8.316  0.795   1.00 31.07 ? 189 TYR A C   1 
ATOM   1493 O O   . TYR A 1 189 ? -20.734 -7.272  0.191   1.00 34.38 ? 189 TYR A O   1 
ATOM   1494 C CB  . TYR A 1 189 ? -19.230 -7.885  2.850   1.00 26.40 ? 189 TYR A CB  1 
ATOM   1495 C CG  . TYR A 1 189 ? -17.908 -7.826  3.626   1.00 26.90 ? 189 TYR A CG  1 
ATOM   1496 C CD1 . TYR A 1 189 ? -17.310 -8.997  4.185   1.00 27.01 ? 189 TYR A CD1 1 
ATOM   1497 C CD2 . TYR A 1 189 ? -17.295 -6.572  3.828   1.00 24.70 ? 189 TYR A CD2 1 
ATOM   1498 C CE1 . TYR A 1 189 ? -16.105 -8.911  4.926   1.00 26.45 ? 189 TYR A CE1 1 
ATOM   1499 C CE2 . TYR A 1 189 ? -16.093 -6.496  4.565   1.00 25.98 ? 189 TYR A CE2 1 
ATOM   1500 C CZ  . TYR A 1 189 ? -15.507 -7.660  5.112   1.00 25.58 ? 189 TYR A CZ  1 
ATOM   1501 O OH  . TYR A 1 189 ? -14.327 -7.539  5.793   1.00 24.75 ? 189 TYR A OH  1 
ATOM   1502 N N   . GLU A 1 190 ? -21.554 -9.197  0.879   1.00 33.55 ? 190 GLU A N   1 
ATOM   1503 C CA  . GLU A 1 190 ? -22.840 -9.095  0.136   1.00 33.60 ? 190 GLU A CA  1 
ATOM   1504 C C   . GLU A 1 190 ? -23.594 -7.787  0.342   1.00 32.99 ? 190 GLU A C   1 
ATOM   1505 O O   . GLU A 1 190 ? -24.067 -7.136  -0.585  1.00 32.24 ? 190 GLU A O   1 
ATOM   1506 C CB  . GLU A 1 190 ? -23.782 -10.264 0.535   1.00 38.70 ? 190 GLU A CB  1 
ATOM   1507 C CG  . GLU A 1 190 ? -25.100 -10.544 -0.268  1.00 44.33 ? 190 GLU A CG  1 
ATOM   1508 C CD  . GLU A 1 190 ? -26.257 -11.294 0.459   1.00 46.67 ? 190 GLU A CD  1 
ATOM   1509 O OE1 . GLU A 1 190 ? -26.088 -12.463 0.865   1.00 47.56 ? 190 GLU A OE1 1 
ATOM   1510 O OE2 . GLU A 1 190 ? -27.348 -10.700 0.599   1.00 48.34 ? 190 GLU A OE2 1 
ATOM   1511 N N   . LYS A 1 191 ? -23.694 -7.412  1.608   1.00 30.88 ? 191 LYS A N   1 
ATOM   1512 C CA  . LYS A 1 191 ? -24.369 -6.187  1.990   1.00 29.96 ? 191 LYS A CA  1 
ATOM   1513 C C   . LYS A 1 191 ? -23.516 -4.932  1.871   1.00 28.90 ? 191 LYS A C   1 
ATOM   1514 O O   . LYS A 1 191 ? -23.908 -3.835  2.277   1.00 27.27 ? 191 LYS A O   1 
ATOM   1515 C CB  . LYS A 1 191 ? -24.893 -6.361  3.409   1.00 31.06 ? 191 LYS A CB  1 
ATOM   1516 C CG  . LYS A 1 191 ? -26.175 -7.246  3.386   1.00 32.60 ? 191 LYS A CG  1 
ATOM   1517 C CD  . LYS A 1 191 ? -26.988 -7.298  4.695   1.00 34.13 ? 191 LYS A CD  1 
ATOM   1518 C CE  . LYS A 1 191 ? -26.338 -8.159  5.756   1.00 35.91 ? 191 LYS A CE  1 
ATOM   1519 N NZ  . LYS A 1 191 ? -26.350 -9.554  5.327   1.00 41.08 ? 191 LYS A NZ  1 
ATOM   1520 N N   . GLY A 1 192 ? -22.314 -5.150  1.362   1.00 27.18 ? 192 GLY A N   1 
ATOM   1521 C CA  . GLY A 1 192 ? -21.364 -4.100  1.067   1.00 27.87 ? 192 GLY A CA  1 
ATOM   1522 C C   . GLY A 1 192 ? -21.050 -3.194  2.230   1.00 27.90 ? 192 GLY A C   1 
ATOM   1523 O O   . GLY A 1 192 ? -20.885 -3.605  3.395   1.00 27.86 ? 192 GLY A O   1 
ATOM   1524 N N   . LEU A 1 193 ? -21.085 -1.909  1.855   1.00 28.54 ? 193 LEU A N   1 
ATOM   1525 C CA  . LEU A 1 193 ? -20.824 -0.810  2.763   1.00 27.79 ? 193 LEU A CA  1 
ATOM   1526 C C   . LEU A 1 193 ? -21.811 -0.760  3.917   1.00 28.60 ? 193 LEU A C   1 
ATOM   1527 O O   . LEU A 1 193 ? -21.639 0.093   4.797   1.00 27.40 ? 193 LEU A O   1 
ATOM   1528 C CB  . LEU A 1 193 ? -20.893 0.509   2.052   1.00 25.68 ? 193 LEU A CB  1 
ATOM   1529 C CG  . LEU A 1 193 ? -19.966 0.769   0.923   1.00 23.59 ? 193 LEU A CG  1 
ATOM   1530 C CD1 . LEU A 1 193 ? -20.052 2.233   0.606   1.00 25.17 ? 193 LEU A CD1 1 
ATOM   1531 C CD2 . LEU A 1 193 ? -18.540 0.509   1.291   1.00 22.47 ? 193 LEU A CD2 1 
ATOM   1532 N N   . TYR A 1 194 ? -22.842 -1.636  3.954   1.00 29.63 ? 194 TYR A N   1 
ATOM   1533 C CA  . TYR A 1 194 ? -23.704 -1.807  5.124   1.00 30.66 ? 194 TYR A CA  1 
ATOM   1534 C C   . TYR A 1 194 ? -22.841 -2.124  6.326   1.00 30.81 ? 194 TYR A C   1 
ATOM   1535 O O   . TYR A 1 194 ? -23.193 -1.870  7.477   1.00 31.55 ? 194 TYR A O   1 
ATOM   1536 C CB  . TYR A 1 194 ? -24.686 -2.981  4.944   1.00 32.96 ? 194 TYR A CB  1 
ATOM   1537 C CG  . TYR A 1 194 ? -25.381 -3.466  6.217   1.00 34.61 ? 194 TYR A CG  1 
ATOM   1538 C CD1 . TYR A 1 194 ? -26.363 -2.658  6.815   1.00 36.01 ? 194 TYR A CD1 1 
ATOM   1539 C CD2 . TYR A 1 194 ? -24.992 -4.670  6.810   1.00 34.32 ? 194 TYR A CD2 1 
ATOM   1540 C CE1 . TYR A 1 194 ? -26.964 -3.033  8.014   1.00 36.31 ? 194 TYR A CE1 1 
ATOM   1541 C CE2 . TYR A 1 194 ? -25.592 -5.043  8.009   1.00 34.96 ? 194 TYR A CE2 1 
ATOM   1542 C CZ  . TYR A 1 194 ? -26.567 -4.222  8.600   1.00 35.60 ? 194 TYR A CZ  1 
ATOM   1543 O OH  . TYR A 1 194 ? -27.126 -4.556  9.814   1.00 37.20 ? 194 TYR A OH  1 
ATOM   1544 N N   . HIS A 1 195 ? -21.709 -2.763  6.059   1.00 30.61 ? 195 HIS A N   1 
ATOM   1545 C CA  . HIS A 1 195 ? -20.857 -3.150  7.148   1.00 29.48 ? 195 HIS A CA  1 
ATOM   1546 C C   . HIS A 1 195 ? -19.991 -2.065  7.763   1.00 28.66 ? 195 HIS A C   1 
ATOM   1547 O O   . HIS A 1 195 ? -19.469 -2.281  8.860   1.00 28.81 ? 195 HIS A O   1 
ATOM   1548 C CB  . HIS A 1 195 ? -20.089 -4.344  6.603   1.00 31.31 ? 195 HIS A CB  1 
ATOM   1549 C CG  . HIS A 1 195 ? -20.982 -5.605  6.610   1.00 31.74 ? 195 HIS A CG  1 
ATOM   1550 N ND1 . HIS A 1 195 ? -21.493 -6.255  7.662   1.00 32.64 ? 195 HIS A ND1 1 
ATOM   1551 C CD2 . HIS A 1 195 ? -21.361 -6.322  5.498   1.00 29.68 ? 195 HIS A CD2 1 
ATOM   1552 C CE1 . HIS A 1 195 ? -22.136 -7.322  7.246   1.00 31.53 ? 195 HIS A CE1 1 
ATOM   1553 N NE2 . HIS A 1 195 ? -22.050 -7.348  5.941   1.00 30.24 ? 195 HIS A NE2 1 
ATOM   1554 N N   . ILE A 1 196 ? -19.864 -0.867  7.176   1.00 28.87 ? 196 ILE A N   1 
ATOM   1555 C CA  . ILE A 1 196 ? -19.011 0.163   7.762   1.00 28.35 ? 196 ILE A CA  1 
ATOM   1556 C C   . ILE A 1 196 ? -19.746 0.628   9.012   1.00 30.06 ? 196 ILE A C   1 
ATOM   1557 O O   . ILE A 1 196 ? -20.845 1.163   8.893   1.00 31.30 ? 196 ILE A O   1 
ATOM   1558 C CB  . ILE A 1 196 ? -18.809 1.365   6.780   1.00 27.49 ? 196 ILE A CB  1 
ATOM   1559 C CG1 . ILE A 1 196 ? -18.095 0.929   5.508   1.00 26.96 ? 196 ILE A CG1 1 
ATOM   1560 C CG2 . ILE A 1 196 ? -18.032 2.459   7.493   1.00 24.58 ? 196 ILE A CG2 1 
ATOM   1561 C CD1 . ILE A 1 196 ? -16.583 0.708   5.627   1.00 27.88 ? 196 ILE A CD1 1 
ATOM   1562 N N   . LYS A 1 197 ? -19.232 0.387   10.210  1.00 31.21 ? 197 LYS A N   1 
ATOM   1563 C CA  . LYS A 1 197 ? -19.847 0.941   11.397  1.00 30.73 ? 197 LYS A CA  1 
ATOM   1564 C C   . LYS A 1 197 ? -19.499 2.411   11.563  1.00 30.73 ? 197 LYS A C   1 
ATOM   1565 O O   . LYS A 1 197 ? -20.438 3.179   11.594  1.00 31.79 ? 197 LYS A O   1 
ATOM   1566 C CB  . LYS A 1 197 ? -19.400 0.203   12.615  1.00 30.81 ? 197 LYS A CB  1 
ATOM   1567 C CG  . LYS A 1 197 ? -20.348 0.469   13.752  1.00 32.58 ? 197 LYS A CG  1 
ATOM   1568 C CD  . LYS A 1 197 ? -19.863 -0.332  14.950  1.00 36.99 ? 197 LYS A CD  1 
ATOM   1569 C CE  . LYS A 1 197 ? -18.480 0.114   15.491  1.00 39.95 ? 197 LYS A CE  1 
ATOM   1570 N NZ  . LYS A 1 197 ? -17.988 -0.700  16.609  1.00 42.39 ? 197 LYS A NZ  1 
ATOM   1571 N N   . ASP A 1 198 ? -18.254 2.892   11.700  1.00 30.93 ? 198 ASP A N   1 
ATOM   1572 C CA  . ASP A 1 198 ? -17.884 4.304   11.813  1.00 30.85 ? 198 ASP A CA  1 
ATOM   1573 C C   . ASP A 1 198 ? -16.708 4.556   10.870  1.00 30.19 ? 198 ASP A C   1 
ATOM   1574 O O   . ASP A 1 198 ? -15.907 3.635   10.723  1.00 30.26 ? 198 ASP A O   1 
ATOM   1575 C CB  . ASP A 1 198 ? -17.439 4.643   13.234  1.00 32.66 ? 198 ASP A CB  1 
ATOM   1576 C CG  . ASP A 1 198 ? -18.550 4.558   14.290  1.00 36.45 ? 198 ASP A CG  1 
ATOM   1577 O OD1 . ASP A 1 198 ? -19.646 5.081   14.062  1.00 37.09 ? 198 ASP A OD1 1 
ATOM   1578 O OD2 . ASP A 1 198 ? -18.323 3.980   15.355  1.00 40.59 ? 198 ASP A OD2 1 
ATOM   1579 N N   . ALA A 1 199 ? -16.528 5.717   10.214  1.00 29.10 ? 199 ALA A N   1 
ATOM   1580 C CA  . ALA A 1 199 ? -15.400 6.033   9.330   1.00 25.18 ? 199 ALA A CA  1 
ATOM   1581 C C   . ALA A 1 199 ? -14.753 7.273   9.874   1.00 24.26 ? 199 ALA A C   1 
ATOM   1582 O O   . ALA A 1 199 ? -15.476 8.139   10.361  1.00 24.04 ? 199 ALA A O   1 
ATOM   1583 C CB  . ALA A 1 199 ? -15.842 6.379   7.954   1.00 24.82 ? 199 ALA A CB  1 
ATOM   1584 N N   . TYR A 1 200 ? -13.451 7.433   9.839   1.00 23.63 ? 200 TYR A N   1 
ATOM   1585 C CA  . TYR A 1 200 ? -12.782 8.593   10.414  1.00 24.57 ? 200 TYR A CA  1 
ATOM   1586 C C   . TYR A 1 200 ? -11.743 9.054   9.414   1.00 25.52 ? 200 TYR A C   1 
ATOM   1587 O O   . TYR A 1 200 ? -11.328 8.218   8.609   1.00 24.79 ? 200 TYR A O   1 
ATOM   1588 C CB  . TYR A 1 200 ? -12.002 8.295   11.681  1.00 25.34 ? 200 TYR A CB  1 
ATOM   1589 C CG  . TYR A 1 200 ? -12.854 7.757   12.822  1.00 29.42 ? 200 TYR A CG  1 
ATOM   1590 C CD1 . TYR A 1 200 ? -13.191 6.401   12.872  1.00 30.53 ? 200 TYR A CD1 1 
ATOM   1591 C CD2 . TYR A 1 200 ? -13.319 8.629   13.820  1.00 30.70 ? 200 TYR A CD2 1 
ATOM   1592 C CE1 . TYR A 1 200 ? -13.991 5.899   13.901  1.00 32.53 ? 200 TYR A CE1 1 
ATOM   1593 C CE2 . TYR A 1 200 ? -14.120 8.139   14.861  1.00 33.63 ? 200 TYR A CE2 1 
ATOM   1594 C CZ  . TYR A 1 200 ? -14.466 6.774   14.891  1.00 34.39 ? 200 TYR A CZ  1 
ATOM   1595 O OH  . TYR A 1 200 ? -15.337 6.301   15.876  1.00 35.31 ? 200 TYR A OH  1 
ATOM   1596 N N   . VAL A 1 201 ? -11.354 10.329  9.368   1.00 24.06 ? 201 VAL A N   1 
ATOM   1597 C CA  . VAL A 1 201 ? -10.249 10.744  8.533   1.00 22.95 ? 201 VAL A CA  1 
ATOM   1598 C C   . VAL A 1 201 ? -9.265  11.387  9.523   1.00 24.12 ? 201 VAL A C   1 
ATOM   1599 O O   . VAL A 1 201 ? -9.637  11.753  10.647  1.00 24.74 ? 201 VAL A O   1 
ATOM   1600 C CB  . VAL A 1 201 ? -10.671 11.795  7.489   1.00 21.08 ? 201 VAL A CB  1 
ATOM   1601 C CG1 . VAL A 1 201 ? -9.554  12.140  6.503   1.00 19.96 ? 201 VAL A CG1 1 
ATOM   1602 C CG2 . VAL A 1 201 ? -11.856 11.344  6.632   1.00 18.13 ? 201 VAL A CG2 1 
ATOM   1603 N N   . LYS A 1 202 ? -8.011  11.544  9.167   1.00 24.36 ? 202 LYS A N   1 
ATOM   1604 C CA  . LYS A 1 202 ? -7.066  12.153  10.125  1.00 24.86 ? 202 LYS A CA  1 
ATOM   1605 C C   . LYS A 1 202 ? -5.678  12.326  9.525   1.00 26.01 ? 202 LYS A C   1 
ATOM   1606 O O   . LYS A 1 202 ? -5.187  11.467  8.782   1.00 26.87 ? 202 LYS A O   1 
ATOM   1607 C CB  . LYS A 1 202 ? -6.971  11.269  11.379  1.00 25.93 ? 202 LYS A CB  1 
ATOM   1608 C CG  . LYS A 1 202 ? -5.540  10.862  11.745  1.00 31.04 ? 202 LYS A CG  1 
ATOM   1609 C CD  . LYS A 1 202 ? -5.489  9.835   12.883  1.00 29.77 ? 202 LYS A CD  1 
ATOM   1610 C CE  . LYS A 1 202 ? -4.138  9.793   13.599  1.00 30.62 ? 202 LYS A CE  1 
ATOM   1611 N NZ  . LYS A 1 202 ? -3.856  11.013  14.368  1.00 29.05 ? 202 LYS A NZ  1 
ATOM   1612 N N   . LEU A 1 203 ? -5.092  13.456  9.876   1.00 26.43 ? 203 LEU A N   1 
ATOM   1613 C CA  . LEU A 1 203 ? -3.742  13.800  9.444   1.00 26.14 ? 203 LEU A CA  1 
ATOM   1614 C C   . LEU A 1 203 ? -2.769  13.015  10.319  1.00 26.87 ? 203 LEU A C   1 
ATOM   1615 O O   . LEU A 1 203 ? -3.169  12.354  11.284  1.00 25.91 ? 203 LEU A O   1 
ATOM   1616 C CB  . LEU A 1 203 ? -3.553  15.314  9.518   1.00 25.62 ? 203 LEU A CB  1 
ATOM   1617 C CG  . LEU A 1 203 ? -3.946  15.983  8.199   1.00 23.54 ? 203 LEU A CG  1 
ATOM   1618 C CD1 . LEU A 1 203 ? -3.742  17.494  8.197   1.00 24.96 ? 203 LEU A CD1 1 
ATOM   1619 C CD2 . LEU A 1 203 ? -3.143  15.449  7.008   1.00 24.21 ? 203 LEU A CD2 1 
ATOM   1620 N N   . THR A 1 204 ? -1.508  13.076  9.970   1.00 28.13 ? 204 THR A N   1 
ATOM   1621 C CA  . THR A 1 204 ? -0.479  12.304  10.681  1.00 28.81 ? 204 THR A CA  1 
ATOM   1622 C C   . THR A 1 204 ? -0.524  12.563  12.195  1.00 30.58 ? 204 THR A C   1 
ATOM   1623 O O   . THR A 1 204 ? -0.596  11.622  13.002  1.00 31.97 ? 204 THR A O   1 
ATOM   1624 C CB  . THR A 1 204 ? 0.908   12.651  10.151  1.00 27.54 ? 204 THR A CB  1 
ATOM   1625 O OG1 . THR A 1 204 ? 1.037   12.200  8.809   1.00 27.23 ? 204 THR A OG1 1 
ATOM   1626 C CG2 . THR A 1 204 ? 2.032   11.998  10.961  1.00 27.62 ? 204 THR A CG2 1 
ATOM   1627 N N   . MET A 1 205 ? -0.483  13.836  12.553  1.00 32.15 ? 205 MET A N   1 
ATOM   1628 C CA  . MET A 1 205 ? -0.462  14.260  13.967  1.00 32.90 ? 205 MET A CA  1 
ATOM   1629 C C   . MET A 1 205 ? -1.741  15.010  14.365  1.00 33.02 ? 205 MET A C   1 
ATOM   1630 O O   . MET A 1 205 ? -1.774  15.721  15.381  1.00 35.65 ? 205 MET A O   1 
ATOM   1631 C CB  . MET A 1 205 ? 0.718   15.206  14.210  1.00 33.53 ? 205 MET A CB  1 
ATOM   1632 C CG  . MET A 1 205 ? 2.042   14.666  13.668  1.00 35.23 ? 205 MET A CG  1 
ATOM   1633 S SD  . MET A 1 205 ? 3.097   14.015  14.944  1.00 38.29 ? 205 MET A SD  1 
ATOM   1634 C CE  . MET A 1 205 ? 3.313   15.225  16.231  1.00 38.11 ? 205 MET A CE  1 
ATOM   1635 N N   . GLY A 1 206 ? -2.777  14.834  13.564  1.00 31.63 ? 206 GLY A N   1 
ATOM   1636 C CA  . GLY A 1 206 ? -4.077  15.502  13.791  1.00 31.34 ? 206 GLY A CA  1 
ATOM   1637 C C   . GLY A 1 206 ? -5.117  14.514  14.336  1.00 32.57 ? 206 GLY A C   1 
ATOM   1638 O O   . GLY A 1 206 ? -5.086  13.316  14.020  1.00 31.65 ? 206 GLY A O   1 
ATOM   1639 N N   . PRO A 1 207 ? -6.068  14.967  15.176  1.00 33.55 ? 207 PRO A N   1 
ATOM   1640 C CA  . PRO A 1 207 ? -7.106  14.089  15.720  1.00 32.83 ? 207 PRO A CA  1 
ATOM   1641 C C   . PRO A 1 207 ? -7.975  13.501  14.613  1.00 32.06 ? 207 PRO A C   1 
ATOM   1642 O O   . PRO A 1 207 ? -8.076  14.126  13.513  1.00 34.43 ? 207 PRO A O   1 
ATOM   1643 C CB  . PRO A 1 207 ? -7.918  15.004  16.613  1.00 33.13 ? 207 PRO A CB  1 
ATOM   1644 C CG  . PRO A 1 207 ? -7.310  16.399  16.537  1.00 33.90 ? 207 PRO A CG  1 
ATOM   1645 C CD  . PRO A 1 207 ? -6.133  16.366  15.614  1.00 33.42 ? 207 PRO A CD  1 
ATOM   1646 N N   . ALA A 1 208 ? -8.570  12.333  14.917  1.00 30.70 ? 208 ALA A N   1 
ATOM   1647 C CA  . ALA A 1 208 ? -9.510  11.614  14.001  1.00 30.83 ? 208 ALA A CA  1 
ATOM   1648 C C   . ALA A 1 208 ? -10.783 12.424  13.923  1.00 30.21 ? 208 ALA A C   1 
ATOM   1649 O O   . ALA A 1 208 ? -11.184 13.018  14.919  1.00 32.48 ? 208 ALA A O   1 
ATOM   1650 C CB  . ALA A 1 208 ? -9.808  10.216  14.547  1.00 28.68 ? 208 ALA A CB  1 
ATOM   1651 N N   . VAL A 1 209 ? -11.462 12.494  12.799  1.00 30.73 ? 209 VAL A N   1 
ATOM   1652 C CA  . VAL A 1 209 ? -12.693 13.271  12.663  1.00 30.09 ? 209 VAL A CA  1 
ATOM   1653 C C   . VAL A 1 209 ? -13.638 12.241  12.064  1.00 30.97 ? 209 VAL A C   1 
ATOM   1654 O O   . VAL A 1 209 ? -13.361 11.689  10.983  1.00 29.67 ? 209 VAL A O   1 
ATOM   1655 C CB  . VAL A 1 209 ? -12.455 14.522  11.699  1.00 28.50 ? 209 VAL A CB  1 
ATOM   1656 C CG1 . VAL A 1 209 ? -13.759 15.211  11.343  1.00 29.07 ? 209 VAL A CG1 1 
ATOM   1657 C CG2 . VAL A 1 209 ? -11.524 15.529  12.384  1.00 27.10 ? 209 VAL A CG2 1 
ATOM   1658 N N   . LYS A 1 210 ? -14.692 11.925  12.825  1.00 31.59 ? 210 LYS A N   1 
ATOM   1659 C CA  . LYS A 1 210 ? -15.699 10.991  12.364  1.00 33.12 ? 210 LYS A CA  1 
ATOM   1660 C C   . LYS A 1 210 ? -16.491 11.612  11.216  1.00 35.40 ? 210 LYS A C   1 
ATOM   1661 O O   . LYS A 1 210 ? -16.825 12.804  11.265  1.00 35.39 ? 210 LYS A O   1 
ATOM   1662 C CB  . LYS A 1 210 ? -16.650 10.642  13.494  1.00 35.09 ? 210 LYS A CB  1 
ATOM   1663 C CG  . LYS A 1 210 ? -17.687 9.558   13.124  1.00 37.52 ? 210 LYS A CG  1 
ATOM   1664 C CD  . LYS A 1 210 ? -18.813 9.418   14.146  1.00 38.77 ? 210 LYS A CD  1 
ATOM   1665 C CE  . LYS A 1 210 ? -18.541 8.315   15.167  1.00 40.85 ? 210 LYS A CE  1 
ATOM   1666 N NZ  . LYS A 1 210 ? -17.391 8.557   16.024  1.00 40.71 ? 210 LYS A NZ  1 
ATOM   1667 N N   . VAL A 1 211 ? -16.712 10.799  10.169  1.00 35.55 ? 211 VAL A N   1 
ATOM   1668 C CA  . VAL A 1 211 ? -17.501 11.170  8.998   1.00 35.97 ? 211 VAL A CA  1 
ATOM   1669 C C   . VAL A 1 211 ? -18.998 11.234  9.408   1.00 38.44 ? 211 VAL A C   1 
ATOM   1670 O O   . VAL A 1 211 ? -19.531 10.271  9.999   1.00 37.94 ? 211 VAL A O   1 
ATOM   1671 C CB  . VAL A 1 211 ? -17.222 10.101  7.849   1.00 34.50 ? 211 VAL A CB  1 
ATOM   1672 C CG1 . VAL A 1 211 ? -18.134 10.279  6.633   1.00 32.22 ? 211 VAL A CG1 1 
ATOM   1673 C CG2 . VAL A 1 211 ? -15.788 10.259  7.351   1.00 32.12 ? 211 VAL A CG2 1 
ATOM   1674 N N   . LYS A 1 212 ? -19.545 12.436  9.096   1.00 40.07 ? 212 LYS A N   1 
ATOM   1675 C CA  . LYS A 1 212 ? -20.923 12.967  9.167   1.00 42.87 ? 212 LYS A CA  1 
ATOM   1676 C C   . LYS A 1 212 ? -21.148 14.138  10.179  1.00 43.88 ? 212 LYS A C   1 
ATOM   1677 O O   . LYS A 1 212 ? -22.214 14.774  10.141  1.00 43.65 ? 212 LYS A O   1 
ATOM   1678 C CB  . LYS A 1 212 ? -21.954 11.841  9.485   1.00 43.58 ? 212 LYS A CB  1 
ATOM   1679 C CG  . LYS A 1 212 ? -22.381 11.025  8.287   1.00 46.13 ? 212 LYS A CG  1 
ATOM   1680 C CD  . LYS A 1 212 ? -23.634 11.645  7.685   1.00 51.09 ? 212 LYS A CD  1 
ATOM   1681 C CE  . LYS A 1 212 ? -24.899 11.137  8.403   1.00 51.67 ? 212 LYS A CE  1 
ATOM   1682 N NZ  . LYS A 1 212 ? -26.045 11.988  8.121   1.00 51.66 ? 212 LYS A NZ  1 
ATOM   1683 N N   . LYS A 1 213 ? -20.254 14.463  10.976  1.00 43.89 ? 213 LYS A N   1 
HETATM 1684 O O   . HOH B 2 .   ? 18.575  -15.753 -17.515 1.00 48.22 ? 301 HOH A O   1 
HETATM 1685 O O   . HOH B 2 .   ? 0.267   0.459   1.830   1.00 35.78 ? 302 HOH A O   1 
HETATM 1686 O O   . HOH B 2 .   ? -18.214 14.960  8.612   1.00 37.35 ? 303 HOH A O   1 
HETATM 1687 O O   . HOH B 2 .   ? 4.222   -8.483  -20.464 1.00 43.05 ? 304 HOH A O   1 
HETATM 1688 O O   . HOH B 2 .   ? -10.178 24.334  6.048   1.00 46.10 ? 305 HOH A O   1 
HETATM 1689 O O   . HOH B 2 .   ? -22.060 -19.759 10.782  1.00 42.73 ? 306 HOH A O   1 
HETATM 1690 O O   . HOH B 2 .   ? -22.618 -1.061  -0.512  1.00 35.80 ? 307 HOH A O   1 
HETATM 1691 O O   . HOH B 2 .   ? 11.371  -8.433  -22.624 1.00 34.65 ? 308 HOH A O   1 
HETATM 1692 O O   . HOH B 2 .   ? 27.228  -11.159 8.394   1.00 52.31 ? 309 HOH A O   1 
HETATM 1693 O O   . HOH B 2 .   ? -8.141  11.896  17.739  1.00 44.47 ? 310 HOH A O   1 
HETATM 1694 O O   . HOH B 2 .   ? 3.352   -8.307  -0.352  1.00 47.37 ? 311 HOH A O   1 
HETATM 1695 O O   . HOH B 2 .   ? 6.672   5.628   0.135   1.00 32.75 ? 312 HOH A O   1 
HETATM 1696 O O   . HOH B 2 .   ? 14.994  -10.257 10.686  1.00 28.74 ? 313 HOH A O   1 
HETATM 1697 O O   . HOH B 2 .   ? 11.826  -3.558  8.760   1.00 48.36 ? 314 HOH A O   1 
HETATM 1698 O O   . HOH B 2 .   ? 11.339  0.297   -19.971 1.00 43.84 ? 315 HOH A O   1 
HETATM 1699 O O   . HOH B 2 .   ? 14.014  4.784   10.919  1.00 46.78 ? 316 HOH A O   1 
HETATM 1700 O O   . HOH B 2 .   ? -11.444 -0.025  -5.748  1.00 39.85 ? 317 HOH A O   1 
HETATM 1701 O O   . HOH B 2 .   ? 2.480   -5.627  -16.398 1.00 49.43 ? 318 HOH A O   1 
HETATM 1702 O O   . HOH B 2 .   ? -16.417 6.883   -8.214  1.00 44.81 ? 319 HOH A O   1 
HETATM 1703 O O   . HOH B 2 .   ? -2.481  3.264   -13.119 1.00 34.88 ? 320 HOH A O   1 
HETATM 1704 O O   . HOH B 2 .   ? -12.514 7.230   -6.978  1.00 25.06 ? 321 HOH A O   1 
HETATM 1705 O O   . HOH B 2 .   ? -0.078  -6.061  -8.471  1.00 47.78 ? 322 HOH A O   1 
HETATM 1706 O O   . HOH B 2 .   ? -0.707  2.754   5.131   1.00 37.07 ? 323 HOH A O   1 
HETATM 1707 O O   . HOH B 2 .   ? -0.529  1.013   -15.297 1.00 47.13 ? 324 HOH A O   1 
HETATM 1708 O O   . HOH B 2 .   ? 19.877  0.122   -8.817  1.00 30.62 ? 325 HOH A O   1 
HETATM 1709 O O   . HOH B 2 .   ? 1.839   7.860   -5.851  1.00 41.99 ? 326 HOH A O   1 
HETATM 1710 O O   . HOH B 2 .   ? 4.972   -4.280  5.119   1.00 37.63 ? 327 HOH A O   1 
HETATM 1711 O O   . HOH B 2 .   ? -7.543  3.377   -9.399  1.00 56.35 ? 328 HOH A O   1 
HETATM 1712 O O   . HOH B 2 .   ? 1.868   5.924   -11.533 1.00 29.83 ? 329 HOH A O   1 
HETATM 1713 O O   . HOH B 2 .   ? 22.980  -9.365  -14.594 1.00 59.58 ? 330 HOH A O   1 
HETATM 1714 O O   . HOH B 2 .   ? 22.800  -15.236 -6.079  1.00 41.20 ? 331 HOH A O   1 
HETATM 1715 O O   . HOH B 2 .   ? -1.958  5.715   14.273  1.00 56.62 ? 332 HOH A O   1 
HETATM 1716 O O   . HOH B 2 .   ? 20.135  -16.459 4.174   1.00 28.06 ? 333 HOH A O   1 
HETATM 1717 O O   . HOH B 2 .   ? 3.067   -4.903  0.930   1.00 55.67 ? 334 HOH A O   1 
HETATM 1718 O O   . HOH B 2 .   ? 15.067  -11.110 -18.296 1.00 30.14 ? 335 HOH A O   1 
HETATM 1719 O O   . HOH B 2 .   ? 2.540   20.030  9.129   1.00 40.05 ? 336 HOH A O   1 
HETATM 1720 O O   . HOH B 2 .   ? -17.517 -13.327 2.940   1.00 38.93 ? 337 HOH A O   1 
HETATM 1721 O O   . HOH B 2 .   ? 5.533   -0.738  2.445   1.00 55.23 ? 338 HOH A O   1 
HETATM 1722 O O   . HOH B 2 .   ? -5.640  -10.762 6.478   1.00 46.83 ? 339 HOH A O   1 
HETATM 1723 O O   . HOH B 2 .   ? 6.552   -3.713  9.593   1.00 50.45 ? 340 HOH A O   1 
HETATM 1724 O O   . HOH B 2 .   ? 24.683  -8.771  9.069   1.00 26.10 ? 341 HOH A O   1 
HETATM 1725 O O   . HOH B 2 .   ? -22.456 -5.067  -1.977  1.00 42.91 ? 342 HOH A O   1 
HETATM 1726 O O   . HOH B 2 .   ? -19.798 -17.905 5.925   1.00 56.46 ? 343 HOH A O   1 
HETATM 1727 O O   . HOH B 2 .   ? 8.932   -0.558  -20.862 1.00 38.07 ? 344 HOH A O   1 
HETATM 1728 O O   . HOH B 2 .   ? -19.371 0.000   -8.507  1.00 53.90 ? 345 HOH A O   1 
HETATM 1729 O O   . HOH B 2 .   ? 5.109   -6.066  -0.702  1.00 40.38 ? 346 HOH A O   1 
HETATM 1730 O O   . HOH B 2 .   ? -9.959  22.388  2.907   1.00 27.33 ? 347 HOH A O   1 
HETATM 1731 O O   . HOH B 2 .   ? 29.087  -8.604  -6.958  1.00 53.03 ? 348 HOH A O   1 
HETATM 1732 O O   . HOH B 2 .   ? -18.501 5.174   -2.059  1.00 45.24 ? 349 HOH A O   1 
HETATM 1733 O O   . HOH B 2 .   ? -14.191 -15.570 19.725  1.00 46.46 ? 350 HOH A O   1 
HETATM 1734 O O   . HOH B 2 .   ? 21.638  -22.308 -4.431  1.00 35.13 ? 351 HOH A O   1 
HETATM 1735 O O   . HOH B 2 .   ? 18.933  4.013   -14.095 1.00 30.94 ? 352 HOH A O   1 
HETATM 1736 O O   . HOH B 2 .   ? -10.242 -14.055 15.670  1.00 42.91 ? 353 HOH A O   1 
HETATM 1737 O O   . HOH B 2 .   ? 18.259  -16.710 -14.877 1.00 45.46 ? 354 HOH A O   1 
HETATM 1738 O O   . HOH B 2 .   ? 11.303  5.927   -11.172 1.00 46.76 ? 355 HOH A O   1 
HETATM 1739 O O   . HOH B 2 .   ? -26.932 -2.043  11.696  1.00 42.91 ? 356 HOH A O   1 
HETATM 1740 O O   . HOH B 2 .   ? -1.211  -7.833  -0.946  1.00 37.69 ? 357 HOH A O   1 
HETATM 1741 O O   . HOH B 2 .   ? -22.228 18.087  10.197  1.00 60.52 ? 358 HOH A O   1 
HETATM 1742 O O   . HOH B 2 .   ? 1.278   2.709   3.279   1.00 37.23 ? 359 HOH A O   1 
HETATM 1743 O O   . HOH B 2 .   ? -8.399  -3.678  -5.511  1.00 43.99 ? 360 HOH A O   1 
HETATM 1744 O O   . HOH B 2 .   ? -17.586 9.542   -7.496  1.00 45.11 ? 361 HOH A O   1 
HETATM 1745 O O   . HOH B 2 .   ? -1.786  1.982   -17.525 1.00 58.38 ? 362 HOH A O   1 
HETATM 1746 O O   . HOH B 2 .   ? -19.484 18.920  13.884  1.00 55.31 ? 363 HOH A O   1 
HETATM 1747 O O   . HOH B 2 .   ? -7.121  -1.300  -7.458  1.00 60.32 ? 364 HOH A O   1 
HETATM 1748 O O   . HOH B 2 .   ? -24.326 -2.985  14.877  1.00 57.95 ? 365 HOH A O   1 
HETATM 1749 O O   . HOH B 2 .   ? 10.750  3.064   -20.907 1.00 48.36 ? 366 HOH A O   1 
HETATM 1750 O O   . HOH B 2 .   ? 7.953   16.496  5.277   1.00 45.14 ? 367 HOH A O   1 
HETATM 1751 O O   . HOH B 2 .   ? -8.911  21.644  -1.814  1.00 32.87 ? 368 HOH A O   1 
HETATM 1752 O O   . HOH B 2 .   ? -8.618  1.042   -6.885  1.00 44.28 ? 369 HOH A O   1 
HETATM 1753 O O   . HOH B 2 .   ? 14.232  6.668   7.304   1.00 52.22 ? 370 HOH A O   1 
# 
